data_6XDZ
# 
_entry.id   6XDZ 
# 
_audit_conform.dict_name       mmcif_pdbx.dic 
_audit_conform.dict_version    5.380 
_audit_conform.dict_location   http://mmcif.pdb.org/dictionaries/ascii/mmcif_pdbx.dic 
# 
loop_
_database_2.database_id 
_database_2.database_code 
_database_2.pdbx_database_accession 
_database_2.pdbx_DOI 
PDB   6XDZ         pdb_00006xdz 10.2210/pdb6xdz/pdb 
WWPDB D_1000249241 ?            ?                   
# 
_pdbx_database_status.status_code                     REL 
_pdbx_database_status.status_code_sf                  REL 
_pdbx_database_status.status_code_mr                  ? 
_pdbx_database_status.entry_id                        6XDZ 
_pdbx_database_status.recvd_initial_deposition_date   2020-06-11 
_pdbx_database_status.SG_entry                        N 
_pdbx_database_status.deposit_site                    RCSB 
_pdbx_database_status.process_site                    RCSB 
_pdbx_database_status.status_code_cs                  ? 
_pdbx_database_status.status_code_nmr_data            ? 
_pdbx_database_status.methods_development_category    ? 
_pdbx_database_status.pdb_format_compatible           Y 
# 
loop_
_audit_author.name 
_audit_author.pdbx_ordinal 
_audit_author.identifier_ORCID 
'Simmons, C.R.'      1 0000-0002-2290-6132 
'MacCulloch, T.'     2 0000-0001-5875-3361 
'Stephanopoulos, N.' 3 0000-0001-7859-410X 
'Yan, H.'            4 0000-0001-7397-9852 
# 
_citation.abstract                  ? 
_citation.abstract_id_CAS           ? 
_citation.book_id_ISBN              ? 
_citation.book_publisher            ? 
_citation.book_publisher_city       ? 
_citation.book_title                ? 
_citation.coordinate_linkage        ? 
_citation.country                   UK 
_citation.database_id_Medline       ? 
_citation.details                   ? 
_citation.id                        primary 
_citation.journal_abbrev            'Nat Commun' 
_citation.journal_id_ASTM           ? 
_citation.journal_id_CSD            ? 
_citation.journal_id_ISSN           2041-1723 
_citation.journal_full              ? 
_citation.journal_issue             ? 
_citation.journal_volume            13 
_citation.language                  ? 
_citation.page_first                3112 
_citation.page_last                 3112 
_citation.title                     'The influence of Holliday junction sequence and dynamics on DNA crystal self-assembly.' 
_citation.year                      2022 
_citation.database_id_CSD           ? 
_citation.pdbx_database_id_DOI      10.1038/s41467-022-30779-6 
_citation.pdbx_database_id_PubMed   35662248 
_citation.unpublished_flag          ? 
# 
loop_
_citation_author.citation_id 
_citation_author.name 
_citation_author.ordinal 
_citation_author.identifier_ORCID 
primary 'Simmons, C.R.'      1  ?                   
primary 'MacCulloch, T.'     2  ?                   
primary 'Krepl, M.'          3  0000-0002-9833-4281 
primary 'Matthies, M.'       4  ?                   
primary 'Buchberger, A.'     5  ?                   
primary 'Crawford, I.'       6  ?                   
primary 'Sponer, J.'         7  0000-0001-6558-6186 
primary 'Sulc, P.'           8  0000-0003-1565-6769 
primary 'Stephanopoulos, N.' 9  0000-0001-7859-410X 
primary 'Yan, H.'            10 0000-0001-7397-9852 
# 
_cell.angle_alpha                  90.000 
_cell.angle_alpha_esd              ? 
_cell.angle_beta                   90.000 
_cell.angle_beta_esd               ? 
_cell.angle_gamma                  120.000 
_cell.angle_gamma_esd              ? 
_cell.entry_id                     6XDZ 
_cell.details                      ? 
_cell.formula_units_Z              ? 
_cell.length_a                     68.883 
_cell.length_a_esd                 ? 
_cell.length_b                     68.883 
_cell.length_b_esd                 ? 
_cell.length_c                     59.847 
_cell.length_c_esd                 ? 
_cell.volume                       ? 
_cell.volume_esd                   ? 
_cell.Z_PDB                        3 
_cell.reciprocal_angle_alpha       ? 
_cell.reciprocal_angle_beta        ? 
_cell.reciprocal_angle_gamma       ? 
_cell.reciprocal_angle_alpha_esd   ? 
_cell.reciprocal_angle_beta_esd    ? 
_cell.reciprocal_angle_gamma_esd   ? 
_cell.reciprocal_length_a          ? 
_cell.reciprocal_length_b          ? 
_cell.reciprocal_length_c          ? 
_cell.reciprocal_length_a_esd      ? 
_cell.reciprocal_length_b_esd      ? 
_cell.reciprocal_length_c_esd      ? 
_cell.pdbx_unique_axis             ? 
# 
_symmetry.entry_id                         6XDZ 
_symmetry.cell_setting                     ? 
_symmetry.Int_Tables_number                145 
_symmetry.space_group_name_Hall            ? 
_symmetry.space_group_name_H-M             'P 32' 
_symmetry.pdbx_full_space_group_name_H-M   ? 
# 
loop_
_entity.id 
_entity.type 
_entity.src_method 
_entity.pdbx_description 
_entity.formula_weight 
_entity.pdbx_number_of_molecules 
_entity.pdbx_ec 
_entity.pdbx_mutation 
_entity.pdbx_fragment 
_entity.details 
1 polymer     syn 
;DNA (5'-D(*GP*AP*GP*CP*AP*GP*AP*CP*CP*AP*G)-3')
;
3392.238 1 ? ? ? ? 
2 polymer     syn 
;DNA (5'-D(P*AP*CP*AP*CP*CP*AP*CP*TP*CP*A)-3')
;
2957.972 1 ? ? ? ? 
3 polymer     syn 
;DNA (5'-D(P*CP*TP*TP*GP*T)-3')
;
1486.009 1 ? ? ? ? 
4 polymer     syn 
;DNA (5'-D(*TP*CP*TP*GP*AP*GP*TP*GP*GP*GP*GP*TP*CP*TP*GP*C)-3')
;
4961.199 1 ? ? ? ? 
5 non-polymer syn 'CACODYLATE ION'                                                 136.989  2 ? ? ? ? 
# 
loop_
_entity_poly.entity_id 
_entity_poly.type 
_entity_poly.nstd_linkage 
_entity_poly.nstd_monomer 
_entity_poly.pdbx_seq_one_letter_code 
_entity_poly.pdbx_seq_one_letter_code_can 
_entity_poly.pdbx_strand_id 
_entity_poly.pdbx_target_identifier 
1 polydeoxyribonucleotide no no '(DG)(DA)(DG)(DC)(DA)(DG)(DA)(DC)(DC)(DA)(DG)'                     GAGCAGACCAG      A ? 
2 polydeoxyribonucleotide no no '(DA)(DC)(DA)(DC)(DC)(DA)(DC)(DT)(DC)(DA)'                         ACACCACTCA       B ? 
3 polydeoxyribonucleotide no no '(DC)(DT)(DT)(DG)(DT)'                                             CTTGT            C ? 
4 polydeoxyribonucleotide no no '(DT)(DC)(DT)(DG)(DA)(DG)(DT)(DG)(DG)(DG)(DG)(DT)(DC)(DT)(DG)(DC)' TCTGAGTGGGGTCTGC D ? 
# 
loop_
_entity_poly_seq.entity_id 
_entity_poly_seq.num 
_entity_poly_seq.mon_id 
_entity_poly_seq.hetero 
1 1  DG n 
1 2  DA n 
1 3  DG n 
1 4  DC n 
1 5  DA n 
1 6  DG n 
1 7  DA n 
1 8  DC n 
1 9  DC n 
1 10 DA n 
1 11 DG n 
2 1  DA n 
2 2  DC n 
2 3  DA n 
2 4  DC n 
2 5  DC n 
2 6  DA n 
2 7  DC n 
2 8  DT n 
2 9  DC n 
2 10 DA n 
3 1  DC n 
3 2  DT n 
3 3  DT n 
3 4  DG n 
3 5  DT n 
4 1  DT n 
4 2  DC n 
4 3  DT n 
4 4  DG n 
4 5  DA n 
4 6  DG n 
4 7  DT n 
4 8  DG n 
4 9  DG n 
4 10 DG n 
4 11 DG n 
4 12 DT n 
4 13 DC n 
4 14 DT n 
4 15 DG n 
4 16 DC n 
# 
loop_
_pdbx_entity_src_syn.entity_id 
_pdbx_entity_src_syn.pdbx_src_id 
_pdbx_entity_src_syn.pdbx_alt_source_flag 
_pdbx_entity_src_syn.pdbx_beg_seq_num 
_pdbx_entity_src_syn.pdbx_end_seq_num 
_pdbx_entity_src_syn.organism_scientific 
_pdbx_entity_src_syn.organism_common_name 
_pdbx_entity_src_syn.ncbi_taxonomy_id 
_pdbx_entity_src_syn.details 
1 1 sample 1 11 'synthetic construct' ? 32630 ? 
2 1 sample 1 10 'synthetic construct' ? 32630 ? 
3 1 sample 1 5  'synthetic construct' ? 32630 ? 
4 1 sample 1 16 'synthetic construct' ? 32630 ? 
# 
loop_
_struct_ref.id 
_struct_ref.db_name 
_struct_ref.db_code 
_struct_ref.pdbx_db_accession 
_struct_ref.pdbx_db_isoform 
_struct_ref.entity_id 
_struct_ref.pdbx_seq_one_letter_code 
_struct_ref.pdbx_align_begin 
1 PDB 6XDZ 6XDZ ? 1 ? 1 
2 PDB 6XDZ 6XDZ ? 2 ? 1 
3 PDB 6XDZ 6XDZ ? 3 ? 1 
4 PDB 6XDZ 6XDZ ? 4 ? 1 
# 
loop_
_struct_ref_seq.align_id 
_struct_ref_seq.ref_id 
_struct_ref_seq.pdbx_PDB_id_code 
_struct_ref_seq.pdbx_strand_id 
_struct_ref_seq.seq_align_beg 
_struct_ref_seq.pdbx_seq_align_beg_ins_code 
_struct_ref_seq.seq_align_end 
_struct_ref_seq.pdbx_seq_align_end_ins_code 
_struct_ref_seq.pdbx_db_accession 
_struct_ref_seq.db_align_beg 
_struct_ref_seq.pdbx_db_align_beg_ins_code 
_struct_ref_seq.db_align_end 
_struct_ref_seq.pdbx_db_align_end_ins_code 
_struct_ref_seq.pdbx_auth_seq_align_beg 
_struct_ref_seq.pdbx_auth_seq_align_end 
1 1 6XDZ A 1 ? 11 ? 6XDZ 1  ? 11 ? 1  11 
2 2 6XDZ B 1 ? 10 ? 6XDZ 12 ? 21 ? 12 21 
3 3 6XDZ C 1 ? 5  ? 6XDZ 1  ? 5  ? 1  5  
4 4 6XDZ D 1 ? 16 ? 6XDZ 1  ? 16 ? 1  16 
# 
loop_
_chem_comp.id 
_chem_comp.type 
_chem_comp.mon_nstd_flag 
_chem_comp.name 
_chem_comp.pdbx_synonyms 
_chem_comp.formula 
_chem_comp.formula_weight 
CAC non-polymer   . 'CACODYLATE ION'                     dimethylarsinate 'C2 H6 As O2 -1'  136.989 
DA  'DNA linking' y "2'-DEOXYADENOSINE-5'-MONOPHOSPHATE" ?                'C10 H14 N5 O6 P' 331.222 
DC  'DNA linking' y "2'-DEOXYCYTIDINE-5'-MONOPHOSPHATE"  ?                'C9 H14 N3 O7 P'  307.197 
DG  'DNA linking' y "2'-DEOXYGUANOSINE-5'-MONOPHOSPHATE" ?                'C10 H14 N5 O7 P' 347.221 
DT  'DNA linking' y "THYMIDINE-5'-MONOPHOSPHATE"         ?                'C10 H15 N2 O8 P' 322.208 
# 
_exptl.absorpt_coefficient_mu     ? 
_exptl.absorpt_correction_T_max   ? 
_exptl.absorpt_correction_T_min   ? 
_exptl.absorpt_correction_type    ? 
_exptl.absorpt_process_details    ? 
_exptl.entry_id                   6XDZ 
_exptl.crystals_number            1 
_exptl.details                    ? 
_exptl.method                     'X-RAY DIFFRACTION' 
_exptl.method_details             ? 
# 
_exptl_crystal.colour                      ? 
_exptl_crystal.density_diffrn              ? 
_exptl_crystal.density_Matthews            6.41 
_exptl_crystal.density_method              ? 
_exptl_crystal.density_percent_sol         80.80 
_exptl_crystal.description                 ? 
_exptl_crystal.F_000                       ? 
_exptl_crystal.id                          1 
_exptl_crystal.preparation                 ? 
_exptl_crystal.size_max                    ? 
_exptl_crystal.size_mid                    ? 
_exptl_crystal.size_min                    ? 
_exptl_crystal.size_rad                    ? 
_exptl_crystal.colour_lustre               ? 
_exptl_crystal.colour_modifier             ? 
_exptl_crystal.colour_primary              ? 
_exptl_crystal.density_meas                ? 
_exptl_crystal.density_meas_esd            ? 
_exptl_crystal.density_meas_gt             ? 
_exptl_crystal.density_meas_lt             ? 
_exptl_crystal.density_meas_temp           ? 
_exptl_crystal.density_meas_temp_esd       ? 
_exptl_crystal.density_meas_temp_gt        ? 
_exptl_crystal.density_meas_temp_lt        ? 
_exptl_crystal.pdbx_crystal_image_url      ? 
_exptl_crystal.pdbx_crystal_image_format   ? 
_exptl_crystal.pdbx_mosaicity              ? 
_exptl_crystal.pdbx_mosaicity_esd          ? 
# 
_exptl_crystal_grow.apparatus       ? 
_exptl_crystal_grow.atmosphere      ? 
_exptl_crystal_grow.crystal_id      1 
_exptl_crystal_grow.details         ? 
_exptl_crystal_grow.method          'VAPOR DIFFUSION, SITTING DROP' 
_exptl_crystal_grow.method_ref      ? 
_exptl_crystal_grow.pH              ? 
_exptl_crystal_grow.pressure        ? 
_exptl_crystal_grow.pressure_esd    ? 
_exptl_crystal_grow.seeding         ? 
_exptl_crystal_grow.seeding_ref     ? 
_exptl_crystal_grow.temp            298 
_exptl_crystal_grow.temp_details    'temperature gradient generated from 60 to 25 C at 0.3 degrees per hour' 
_exptl_crystal_grow.temp_esd        ? 
_exptl_crystal_grow.time            ? 
_exptl_crystal_grow.pdbx_details    
;0.5 mL of 0.05 M Cacodylate pH 7.0 with 18 mM MgCl2, 2.25 mM spermine, 0.9 mM CoH18N6, and 4.5% MPD was added to the reservoir with 2 uL added to the drop containing 4 uL of DNA stock
;
_exptl_crystal_grow.pdbx_pH_range   ? 
# 
_diffrn.ambient_environment              ? 
_diffrn.ambient_temp                     100 
_diffrn.ambient_temp_details             ? 
_diffrn.ambient_temp_esd                 ? 
_diffrn.crystal_id                       1 
_diffrn.crystal_support                  ? 
_diffrn.crystal_treatment                ? 
_diffrn.details                          ? 
_diffrn.id                               1 
_diffrn.ambient_pressure                 ? 
_diffrn.ambient_pressure_esd             ? 
_diffrn.ambient_pressure_gt              ? 
_diffrn.ambient_pressure_lt              ? 
_diffrn.ambient_temp_gt                  ? 
_diffrn.ambient_temp_lt                  ? 
_diffrn.pdbx_serial_crystal_experiment   N 
# 
_diffrn_detector.details                      ? 
_diffrn_detector.detector                     PIXEL 
_diffrn_detector.diffrn_id                    1 
_diffrn_detector.type                         'DECTRIS PILATUS3 6M' 
_diffrn_detector.area_resol_mean              ? 
_diffrn_detector.dtime                        ? 
_diffrn_detector.pdbx_frames_total            ? 
_diffrn_detector.pdbx_collection_time_total   ? 
_diffrn_detector.pdbx_collection_date         2018-08-15 
_diffrn_detector.pdbx_frequency               ? 
# 
_diffrn_radiation.collimation                      ? 
_diffrn_radiation.diffrn_id                        1 
_diffrn_radiation.filter_edge                      ? 
_diffrn_radiation.inhomogeneity                    ? 
_diffrn_radiation.monochromator                    ? 
_diffrn_radiation.polarisn_norm                    ? 
_diffrn_radiation.polarisn_ratio                   ? 
_diffrn_radiation.probe                            ? 
_diffrn_radiation.type                             ? 
_diffrn_radiation.xray_symbol                      ? 
_diffrn_radiation.wavelength_id                    1 
_diffrn_radiation.pdbx_monochromatic_or_laue_m_l   M 
_diffrn_radiation.pdbx_wavelength_list             ? 
_diffrn_radiation.pdbx_wavelength                  ? 
_diffrn_radiation.pdbx_diffrn_protocol             'SINGLE WAVELENGTH' 
_diffrn_radiation.pdbx_analyzer                    ? 
_diffrn_radiation.pdbx_scattering_type             x-ray 
# 
_diffrn_radiation_wavelength.id           1 
_diffrn_radiation_wavelength.wavelength   0.92 
_diffrn_radiation_wavelength.wt           1.0 
# 
_diffrn_source.current                     ? 
_diffrn_source.details                     ? 
_diffrn_source.diffrn_id                   1 
_diffrn_source.power                       ? 
_diffrn_source.size                        ? 
_diffrn_source.source                      SYNCHROTRON 
_diffrn_source.target                      ? 
_diffrn_source.type                        'APS BEAMLINE 19-ID' 
_diffrn_source.voltage                     ? 
_diffrn_source.take-off_angle              ? 
_diffrn_source.pdbx_wavelength_list        0.92 
_diffrn_source.pdbx_wavelength             ? 
_diffrn_source.pdbx_synchrotron_beamline   19-ID 
_diffrn_source.pdbx_synchrotron_site       APS 
# 
_reflns.B_iso_Wilson_estimate            129.480 
_reflns.entry_id                         6XDZ 
_reflns.data_reduction_details           ? 
_reflns.data_reduction_method            ? 
_reflns.d_resolution_high                3.100 
_reflns.d_resolution_low                 50.000 
_reflns.details                          ? 
_reflns.limit_h_max                      ? 
_reflns.limit_h_min                      ? 
_reflns.limit_k_max                      ? 
_reflns.limit_k_min                      ? 
_reflns.limit_l_max                      ? 
_reflns.limit_l_min                      ? 
_reflns.number_all                       ? 
_reflns.number_obs                       5407 
_reflns.observed_criterion               ? 
_reflns.observed_criterion_F_max         ? 
_reflns.observed_criterion_F_min         ? 
_reflns.observed_criterion_I_max         ? 
_reflns.observed_criterion_I_min         ? 
_reflns.observed_criterion_sigma_F       ? 
_reflns.observed_criterion_sigma_I       ? 
_reflns.percent_possible_obs             94.000 
_reflns.R_free_details                   ? 
_reflns.Rmerge_F_all                     ? 
_reflns.Rmerge_F_obs                     ? 
_reflns.Friedel_coverage                 ? 
_reflns.number_gt                        ? 
_reflns.threshold_expression             ? 
_reflns.pdbx_redundancy                  9.400 
_reflns.pdbx_Rmerge_I_obs                0.098 
_reflns.pdbx_Rmerge_I_all                ? 
_reflns.pdbx_Rsym_value                  ? 
_reflns.pdbx_netI_over_av_sigmaI         ? 
_reflns.pdbx_netI_over_sigmaI            6.300 
_reflns.pdbx_res_netI_over_av_sigmaI_2   ? 
_reflns.pdbx_res_netI_over_sigmaI_2      ? 
_reflns.pdbx_chi_squared                 3.289 
_reflns.pdbx_scaling_rejects             ? 
_reflns.pdbx_d_res_high_opt              ? 
_reflns.pdbx_d_res_low_opt               ? 
_reflns.pdbx_d_res_opt_method            ? 
_reflns.phase_calculation_details        ? 
_reflns.pdbx_Rrim_I_all                  0.103 
_reflns.pdbx_Rpim_I_all                  0.032 
_reflns.pdbx_d_opt                       ? 
_reflns.pdbx_number_measured_all         ? 
_reflns.pdbx_diffrn_id                   1 
_reflns.pdbx_ordinal                     1 
_reflns.pdbx_CC_half                     ? 
_reflns.pdbx_CC_star                     0.857 
_reflns.pdbx_R_split                     ? 
# 
loop_
_reflns_shell.d_res_high 
_reflns_shell.d_res_low 
_reflns_shell.meanI_over_sigI_all 
_reflns_shell.meanI_over_sigI_obs 
_reflns_shell.number_measured_all 
_reflns_shell.number_measured_obs 
_reflns_shell.number_possible 
_reflns_shell.number_unique_all 
_reflns_shell.number_unique_obs 
_reflns_shell.percent_possible_all 
_reflns_shell.percent_possible_obs 
_reflns_shell.Rmerge_F_all 
_reflns_shell.Rmerge_F_obs 
_reflns_shell.Rmerge_I_all 
_reflns_shell.Rmerge_I_obs 
_reflns_shell.meanI_over_sigI_gt 
_reflns_shell.meanI_over_uI_all 
_reflns_shell.meanI_over_uI_gt 
_reflns_shell.number_measured_gt 
_reflns_shell.number_unique_gt 
_reflns_shell.percent_possible_gt 
_reflns_shell.Rmerge_F_gt 
_reflns_shell.Rmerge_I_gt 
_reflns_shell.pdbx_redundancy 
_reflns_shell.pdbx_Rsym_value 
_reflns_shell.pdbx_chi_squared 
_reflns_shell.pdbx_netI_over_sigmaI_all 
_reflns_shell.pdbx_netI_over_sigmaI_obs 
_reflns_shell.pdbx_Rrim_I_all 
_reflns_shell.pdbx_Rpim_I_all 
_reflns_shell.pdbx_rejects 
_reflns_shell.pdbx_ordinal 
_reflns_shell.pdbx_diffrn_id 
_reflns_shell.pdbx_CC_half 
_reflns_shell.pdbx_CC_star 
_reflns_shell.pdbx_R_split 
3.100 3.150  ? ? ? ? ? ? 191 62.200  ? ? ? ? 0.792 ? ? ? ? ? ? ? ? 7.600  ? 0.511  ? ? 0.842 0.279 ? 1  1 0.856 ? ? 
3.150 3.210  ? ? ? ? ? ? 174 68.000  ? ? ? ? 0.355 ? ? ? ? ? ? ? ? 7.600  ? 0.648  ? ? 0.376 0.124 ? 2  1 0.982 ? ? 
3.210 3.270  ? ? ? ? ? ? 261 83.700  ? ? ? ? 0.203 ? ? ? ? ? ? ? ? 7.400  ? 1.273  ? ? 0.214 0.068 ? 3  1 0.995 ? ? 
3.270 3.340  ? ? ? ? ? ? 227 85.300  ? ? ? ? 0.350 ? ? ? ? ? ? ? ? 7.700  ? 0.687  ? ? 0.371 0.121 ? 4  1 0.993 ? ? 
3.340 3.410  ? ? ? ? ? ? 279 91.800  ? ? ? ? 0.268 ? ? ? ? ? ? ? ? 8.500  ? 0.795  ? ? 0.283 0.091 ? 5  1 0.981 ? ? 
3.410 3.490  ? ? ? ? ? ? 288 95.000  ? ? ? ? 0.325 ? ? ? ? ? ? ? ? 8.500  ? 0.634  ? ? 0.343 0.110 ? 6  1 0.982 ? ? 
3.490 3.580  ? ? ? ? ? ? 237 97.100  ? ? ? ? 0.280 ? ? ? ? ? ? ? ? 8.700  ? 0.761  ? ? 0.296 0.095 ? 7  1 0.988 ? ? 
3.580 3.680  ? ? ? ? ? ? 301 99.000  ? ? ? ? 0.345 ? ? ? ? ? ? ? ? 8.800  ? 0.743  ? ? 0.366 0.118 ? 8  1 0.984 ? ? 
3.680 3.780  ? ? ? ? ? ? 287 99.700  ? ? ? ? 0.383 ? ? ? ? ? ? ? ? 8.600  ? 0.640  ? ? 0.406 0.135 ? 9  1 0.978 ? ? 
3.780 3.910  ? ? ? ? ? ? 285 100.000 ? ? ? ? 0.298 ? ? ? ? ? ? ? ? 10.300 ? 1.080  ? ? 0.313 0.097 ? 10 1 0.975 ? ? 
3.910 4.040  ? ? ? ? ? ? 310 100.000 ? ? ? ? 0.235 ? ? ? ? ? ? ? ? 10.400 ? 1.143  ? ? 0.247 0.077 ? 11 1 0.985 ? ? 
4.040 4.210  ? ? ? ? ? ? 258 100.000 ? ? ? ? 0.201 ? ? ? ? ? ? ? ? 10.600 ? 0.916  ? ? 0.211 0.065 ? 12 1 0.989 ? ? 
4.210 4.400  ? ? ? ? ? ? 293 100.000 ? ? ? ? 0.164 ? ? ? ? ? ? ? ? 10.200 ? 1.386  ? ? 0.173 0.054 ? 13 1 0.985 ? ? 
4.400 4.630  ? ? ? ? ? ? 294 100.000 ? ? ? ? 0.155 ? ? ? ? ? ? ? ? 10.200 ? 1.678  ? ? 0.163 0.051 ? 14 1 0.985 ? ? 
4.630 4.920  ? ? ? ? ? ? 301 100.000 ? ? ? ? 0.116 ? ? ? ? ? ? ? ? 9.200  ? 2.124  ? ? 0.123 0.039 ? 15 1 0.993 ? ? 
4.920 5.300  ? ? ? ? ? ? 288 100.000 ? ? ? ? 0.102 ? ? ? ? ? ? ? ? 10.500 ? 3.516  ? ? 0.108 0.033 ? 16 1 0.987 ? ? 
5.300 5.830  ? ? ? ? ? ? 269 100.000 ? ? ? ? 0.094 ? ? ? ? ? ? ? ? 10.500 ? 4.585  ? ? 0.099 0.030 ? 17 1 0.983 ? ? 
5.830 6.670  ? ? ? ? ? ? 294 100.000 ? ? ? ? 0.095 ? ? ? ? ? ? ? ? 10.300 ? 6.865  ? ? 0.100 0.031 ? 18 1 0.982 ? ? 
6.670 8.400  ? ? ? ? ? ? 284 99.600  ? ? ? ? 0.070 ? ? ? ? ? ? ? ? 9.700  ? 10.214 ? ? 0.074 0.023 ? 19 1 0.991 ? ? 
8.400 50.000 ? ? ? ? ? ? 286 97.900  ? ? ? ? 0.087 ? ? ? ? ? ? ? ? 10.100 ? 18.876 ? ? 0.092 0.029 ? 20 1 0.984 ? ? 
# 
_refine.aniso_B[1][1]                            ? 
_refine.aniso_B[1][2]                            ? 
_refine.aniso_B[1][3]                            ? 
_refine.aniso_B[2][2]                            ? 
_refine.aniso_B[2][3]                            ? 
_refine.aniso_B[3][3]                            ? 
_refine.B_iso_max                                203.260 
_refine.B_iso_mean                               136.1655 
_refine.B_iso_min                                74.830 
_refine.correlation_coeff_Fo_to_Fc               ? 
_refine.correlation_coeff_Fo_to_Fc_free          ? 
_refine.details                                  ? 
_refine.diff_density_max                         ? 
_refine.diff_density_max_esd                     ? 
_refine.diff_density_min                         ? 
_refine.diff_density_min_esd                     ? 
_refine.diff_density_rms                         ? 
_refine.diff_density_rms_esd                     ? 
_refine.entry_id                                 6XDZ 
_refine.pdbx_refine_id                           'X-RAY DIFFRACTION' 
_refine.ls_abs_structure_details                 ? 
_refine.ls_abs_structure_Flack                   ? 
_refine.ls_abs_structure_Flack_esd               ? 
_refine.ls_abs_structure_Rogers                  ? 
_refine.ls_abs_structure_Rogers_esd              ? 
_refine.ls_d_res_high                            3.1060 
_refine.ls_d_res_low                             29.8510 
_refine.ls_extinction_coef                       ? 
_refine.ls_extinction_coef_esd                   ? 
_refine.ls_extinction_expression                 ? 
_refine.ls_extinction_method                     ? 
_refine.ls_goodness_of_fit_all                   ? 
_refine.ls_goodness_of_fit_all_esd               ? 
_refine.ls_goodness_of_fit_obs                   ? 
_refine.ls_goodness_of_fit_obs_esd               ? 
_refine.ls_hydrogen_treatment                    ? 
_refine.ls_matrix_type                           ? 
_refine.ls_number_constraints                    ? 
_refine.ls_number_parameters                     ? 
_refine.ls_number_reflns_all                     ? 
_refine.ls_number_reflns_obs                     5298 
_refine.ls_number_reflns_R_free                  275 
_refine.ls_number_reflns_R_work                  5023 
_refine.ls_number_restraints                     ? 
_refine.ls_percent_reflns_obs                    92.3300 
_refine.ls_percent_reflns_R_free                 5.1900 
_refine.ls_R_factor_all                          ? 
_refine.ls_R_factor_obs                          0.2221 
_refine.ls_R_factor_R_free                       0.2311 
_refine.ls_R_factor_R_free_error                 ? 
_refine.ls_R_factor_R_free_error_details         ? 
_refine.ls_R_factor_R_work                       0.2216 
_refine.ls_R_Fsqd_factor_obs                     ? 
_refine.ls_R_I_factor_obs                        ? 
_refine.ls_redundancy_reflns_all                 ? 
_refine.ls_redundancy_reflns_obs                 ? 
_refine.ls_restrained_S_all                      ? 
_refine.ls_restrained_S_obs                      ? 
_refine.ls_shift_over_esd_max                    ? 
_refine.ls_shift_over_esd_mean                   ? 
_refine.ls_structure_factor_coef                 ? 
_refine.ls_weighting_details                     ? 
_refine.ls_weighting_scheme                      ? 
_refine.ls_wR_factor_all                         ? 
_refine.ls_wR_factor_obs                         ? 
_refine.ls_wR_factor_R_free                      ? 
_refine.ls_wR_factor_R_work                      ? 
_refine.occupancy_max                            ? 
_refine.occupancy_min                            ? 
_refine.solvent_model_details                    'FLAT BULK SOLVENT MODEL' 
_refine.solvent_model_param_bsol                 ? 
_refine.solvent_model_param_ksol                 ? 
_refine.pdbx_R_complete                          ? 
_refine.ls_R_factor_gt                           ? 
_refine.ls_goodness_of_fit_gt                    ? 
_refine.ls_goodness_of_fit_ref                   ? 
_refine.ls_shift_over_su_max                     ? 
_refine.ls_shift_over_su_max_lt                  ? 
_refine.ls_shift_over_su_mean                    ? 
_refine.ls_shift_over_su_mean_lt                 ? 
_refine.pdbx_ls_sigma_I                          ? 
_refine.pdbx_ls_sigma_F                          2.000 
_refine.pdbx_ls_sigma_Fsqd                       ? 
_refine.pdbx_data_cutoff_high_absF               ? 
_refine.pdbx_data_cutoff_high_rms_absF           ? 
_refine.pdbx_data_cutoff_low_absF                ? 
_refine.pdbx_isotropic_thermal_model             ? 
_refine.pdbx_ls_cross_valid_method               THROUGHOUT 
_refine.pdbx_method_to_determine_struct          'MOLECULAR REPLACEMENT' 
_refine.pdbx_starting_model                      6X8C 
_refine.pdbx_stereochemistry_target_values       ML 
_refine.pdbx_R_Free_selection_details            ? 
_refine.pdbx_stereochem_target_val_spec_case     ? 
_refine.pdbx_overall_ESU_R                       ? 
_refine.pdbx_overall_ESU_R_Free                  ? 
_refine.pdbx_solvent_vdw_probe_radii             1.1100 
_refine.pdbx_solvent_ion_probe_radii             ? 
_refine.pdbx_solvent_shrinkage_radii             0.9000 
_refine.pdbx_real_space_R                        ? 
_refine.pdbx_density_correlation                 ? 
_refine.pdbx_pd_number_of_powder_patterns        ? 
_refine.pdbx_pd_number_of_points                 ? 
_refine.pdbx_pd_meas_number_of_points            ? 
_refine.pdbx_pd_proc_ls_prof_R_factor            ? 
_refine.pdbx_pd_proc_ls_prof_wR_factor           ? 
_refine.pdbx_pd_Marquardt_correlation_coeff      ? 
_refine.pdbx_pd_Fsqrd_R_factor                   ? 
_refine.pdbx_pd_ls_matrix_band_width             ? 
_refine.pdbx_overall_phase_error                 32.0900 
_refine.pdbx_overall_SU_R_free_Cruickshank_DPI   ? 
_refine.pdbx_overall_SU_R_free_Blow_DPI          ? 
_refine.pdbx_overall_SU_R_Blow_DPI               ? 
_refine.pdbx_TLS_residual_ADP_flag               ? 
_refine.pdbx_diffrn_id                           1 
_refine.overall_SU_B                             ? 
_refine.overall_SU_ML                            0.3000 
_refine.overall_SU_R_Cruickshank_DPI             ? 
_refine.overall_SU_R_free                        ? 
_refine.overall_FOM_free_R_set                   ? 
_refine.overall_FOM_work_R_set                   ? 
_refine.pdbx_average_fsc_overall                 ? 
_refine.pdbx_average_fsc_work                    ? 
_refine.pdbx_average_fsc_free                    ? 
# 
_refine_hist.pdbx_refine_id                   'X-RAY DIFFRACTION' 
_refine_hist.cycle_id                         final 
_refine_hist.details                          ? 
_refine_hist.d_res_high                       3.1060 
_refine_hist.d_res_low                        29.8510 
_refine_hist.number_atoms_solvent             0 
_refine_hist.number_atoms_total               857 
_refine_hist.number_reflns_all                ? 
_refine_hist.number_reflns_obs                ? 
_refine_hist.number_reflns_R_free             ? 
_refine_hist.number_reflns_R_work             ? 
_refine_hist.R_factor_all                     ? 
_refine_hist.R_factor_obs                     ? 
_refine_hist.R_factor_R_free                  ? 
_refine_hist.R_factor_R_work                  ? 
_refine_hist.pdbx_number_residues_total       42 
_refine_hist.pdbx_B_iso_mean_ligand           161.33 
_refine_hist.pdbx_B_iso_mean_solvent          ? 
_refine_hist.pdbx_number_atoms_protein        0 
_refine_hist.pdbx_number_atoms_nucleic_acid   855 
_refine_hist.pdbx_number_atoms_ligand         2 
_refine_hist.pdbx_number_atoms_lipid          ? 
_refine_hist.pdbx_number_atoms_carb           ? 
_refine_hist.pdbx_pseudo_atom_details         ? 
# 
loop_
_refine_ls_restr.pdbx_refine_id 
_refine_ls_restr.criterion 
_refine_ls_restr.dev_ideal 
_refine_ls_restr.dev_ideal_target 
_refine_ls_restr.number 
_refine_ls_restr.rejects 
_refine_ls_restr.type 
_refine_ls_restr.weight 
_refine_ls_restr.pdbx_restraint_function 
'X-RAY DIFFRACTION' ? 0.005  ? 956  ? f_bond_d           ? ? 
'X-RAY DIFFRACTION' ? 0.641  ? 1467 ? f_angle_d          ? ? 
'X-RAY DIFFRACTION' ? 0.031  ? 166  ? f_chiral_restr     ? ? 
'X-RAY DIFFRACTION' ? 0.004  ? 42   ? f_plane_restr      ? ? 
'X-RAY DIFFRACTION' ? 35.044 ? 406  ? f_dihedral_angle_d ? ? 
# 
loop_
_refine_ls_shell.pdbx_refine_id 
_refine_ls_shell.d_res_high 
_refine_ls_shell.d_res_low 
_refine_ls_shell.number_reflns_all 
_refine_ls_shell.number_reflns_obs 
_refine_ls_shell.number_reflns_R_free 
_refine_ls_shell.number_reflns_R_work 
_refine_ls_shell.percent_reflns_obs 
_refine_ls_shell.percent_reflns_R_free 
_refine_ls_shell.R_factor_all 
_refine_ls_shell.R_factor_obs 
_refine_ls_shell.R_factor_R_free 
_refine_ls_shell.R_factor_R_free_error 
_refine_ls_shell.R_factor_R_work 
_refine_ls_shell.redundancy_reflns_all 
_refine_ls_shell.redundancy_reflns_obs 
_refine_ls_shell.wR_factor_all 
_refine_ls_shell.wR_factor_obs 
_refine_ls_shell.wR_factor_R_free 
_refine_ls_shell.wR_factor_R_work 
_refine_ls_shell.pdbx_R_complete 
_refine_ls_shell.pdbx_total_number_of_bins_used 
_refine_ls_shell.pdbx_phase_error 
_refine_ls_shell.pdbx_fsc_work 
_refine_ls_shell.pdbx_fsc_free 
'X-RAY DIFFRACTION' 3.1060 3.9117  . . 114 2323 85.0000  . . . 0.3440 0.0000 0.3516 . . . . . . . . . . . 
'X-RAY DIFFRACTION' 3.9117 29.8510 . . 161 2700 100.0000 . . . 0.2139 0.0000 0.1975 . . . . . . . . . . . 
# 
_struct.entry_id                     6XDZ 
_struct.title                        
'Self-assembly of a 3D DNA crystal lattice (4x5 junction version) containing the J8 immobile Holliday junction' 
_struct.pdbx_model_details           ? 
_struct.pdbx_formula_weight          ? 
_struct.pdbx_formula_weight_method   ? 
_struct.pdbx_model_type_details      ? 
_struct.pdbx_CASP_flag               N 
# 
_struct_keywords.entry_id        6XDZ 
_struct_keywords.text            
'Structural DNA nanotechnology, immobile Holliday junctions, 3D DNA self-assembly, designer DNA crystals, DNA' 
_struct_keywords.pdbx_keywords   DNA 
# 
loop_
_struct_asym.id 
_struct_asym.pdbx_blank_PDB_chainid_flag 
_struct_asym.pdbx_modified 
_struct_asym.entity_id 
_struct_asym.details 
A N N 1 ? 
B N N 2 ? 
C N N 3 ? 
D N N 4 ? 
E N N 5 ? 
F N N 5 ? 
# 
loop_
_struct_conn.id 
_struct_conn.conn_type_id 
_struct_conn.pdbx_leaving_atom_flag 
_struct_conn.pdbx_PDB_id 
_struct_conn.ptnr1_label_asym_id 
_struct_conn.ptnr1_label_comp_id 
_struct_conn.ptnr1_label_seq_id 
_struct_conn.ptnr1_label_atom_id 
_struct_conn.pdbx_ptnr1_label_alt_id 
_struct_conn.pdbx_ptnr1_PDB_ins_code 
_struct_conn.pdbx_ptnr1_standard_comp_id 
_struct_conn.ptnr1_symmetry 
_struct_conn.ptnr2_label_asym_id 
_struct_conn.ptnr2_label_comp_id 
_struct_conn.ptnr2_label_seq_id 
_struct_conn.ptnr2_label_atom_id 
_struct_conn.pdbx_ptnr2_label_alt_id 
_struct_conn.pdbx_ptnr2_PDB_ins_code 
_struct_conn.ptnr1_auth_asym_id 
_struct_conn.ptnr1_auth_comp_id 
_struct_conn.ptnr1_auth_seq_id 
_struct_conn.ptnr2_auth_asym_id 
_struct_conn.ptnr2_auth_comp_id 
_struct_conn.ptnr2_auth_seq_id 
_struct_conn.ptnr2_symmetry 
_struct_conn.pdbx_ptnr3_label_atom_id 
_struct_conn.pdbx_ptnr3_label_seq_id 
_struct_conn.pdbx_ptnr3_label_comp_id 
_struct_conn.pdbx_ptnr3_label_asym_id 
_struct_conn.pdbx_ptnr3_label_alt_id 
_struct_conn.pdbx_ptnr3_PDB_ins_code 
_struct_conn.details 
_struct_conn.pdbx_dist_value 
_struct_conn.pdbx_value_order 
_struct_conn.pdbx_role 
hydrog1  hydrog ? ? A DG 3  N1 ? ? ? 1_555 D DC 16 N3 ? ? A DG 3  D DC 16 1_555 ? ? ? ? ? ? WATSON-CRICK    ? ? ? 
hydrog2  hydrog ? ? A DG 3  N2 ? ? ? 1_555 D DC 16 O2 ? ? A DG 3  D DC 16 1_555 ? ? ? ? ? ? WATSON-CRICK    ? ? ? 
hydrog3  hydrog ? ? A DG 3  O6 ? ? ? 1_555 D DC 16 N4 ? ? A DG 3  D DC 16 1_555 ? ? ? ? ? ? WATSON-CRICK    ? ? ? 
hydrog4  hydrog ? ? A DC 4  N3 ? ? ? 1_555 D DG 15 N1 ? ? A DC 4  D DG 15 1_555 ? ? ? ? ? ? WATSON-CRICK    ? ? ? 
hydrog5  hydrog ? ? A DC 4  N4 ? ? ? 1_555 D DG 15 O6 ? ? A DC 4  D DG 15 1_555 ? ? ? ? ? ? WATSON-CRICK    ? ? ? 
hydrog6  hydrog ? ? A DC 4  O2 ? ? ? 1_555 D DG 15 N2 ? ? A DC 4  D DG 15 1_555 ? ? ? ? ? ? WATSON-CRICK    ? ? ? 
hydrog7  hydrog ? ? A DA 5  N6 ? ? ? 1_555 D DT 14 O4 ? ? A DA 5  D DT 14 1_555 ? ? ? ? ? ? 'DA-DT PAIR'    ? ? ? 
hydrog8  hydrog ? ? A DG 6  N1 ? ? ? 1_555 D DC 13 N3 ? ? A DG 6  D DC 13 1_555 ? ? ? ? ? ? WATSON-CRICK    ? ? ? 
hydrog9  hydrog ? ? A DG 6  N2 ? ? ? 1_555 D DC 13 O2 ? ? A DG 6  D DC 13 1_555 ? ? ? ? ? ? WATSON-CRICK    ? ? ? 
hydrog10 hydrog ? ? A DG 6  O6 ? ? ? 1_555 D DC 13 N4 ? ? A DG 6  D DC 13 1_555 ? ? ? ? ? ? WATSON-CRICK    ? ? ? 
hydrog11 hydrog ? ? A DA 7  N1 ? ? ? 1_555 D DT 12 N3 ? ? A DA 7  D DT 12 1_555 ? ? ? ? ? ? WATSON-CRICK    ? ? ? 
hydrog12 hydrog ? ? A DA 7  N6 ? ? ? 1_555 D DT 12 O4 ? ? A DA 7  D DT 12 1_555 ? ? ? ? ? ? WATSON-CRICK    ? ? ? 
hydrog13 hydrog ? ? A DC 8  N3 ? ? ? 1_555 D DG 11 N1 ? ? A DC 8  D DG 11 1_555 ? ? ? ? ? ? WATSON-CRICK    ? ? ? 
hydrog14 hydrog ? ? A DC 8  N4 ? ? ? 1_555 D DG 11 O6 ? ? A DC 8  D DG 11 1_555 ? ? ? ? ? ? WATSON-CRICK    ? ? ? 
hydrog15 hydrog ? ? A DC 8  O2 ? ? ? 1_555 D DG 11 N2 ? ? A DC 8  D DG 11 1_555 ? ? ? ? ? ? WATSON-CRICK    ? ? ? 
hydrog16 hydrog ? ? A DC 9  N3 ? ? ? 1_555 D DG 10 N1 ? ? A DC 9  D DG 10 1_555 ? ? ? ? ? ? WATSON-CRICK    ? ? ? 
hydrog17 hydrog ? ? A DC 9  N4 ? ? ? 1_555 D DG 10 O6 ? ? A DC 9  D DG 10 1_555 ? ? ? ? ? ? WATSON-CRICK    ? ? ? 
hydrog18 hydrog ? ? A DC 9  O2 ? ? ? 1_555 D DG 10 N2 ? ? A DC 9  D DG 10 1_555 ? ? ? ? ? ? WATSON-CRICK    ? ? ? 
hydrog19 hydrog ? ? A DA 10 N1 ? ? ? 1_555 C DT 2  N3 ? ? A DA 10 C DT 2  1_555 ? ? ? ? ? ? WATSON-CRICK    ? ? ? 
hydrog20 hydrog ? ? A DA 10 N6 ? ? ? 1_555 C DT 2  O4 ? ? A DA 10 C DT 2  1_555 ? ? ? ? ? ? WATSON-CRICK    ? ? ? 
hydrog21 hydrog ? ? A DG 11 N1 ? ? ? 1_555 C DC 1  N3 ? ? A DG 11 C DC 1  1_555 ? ? ? ? ? ? WATSON-CRICK    ? ? ? 
hydrog22 hydrog ? ? A DG 11 N2 ? ? ? 1_555 C DC 1  O2 ? ? A DG 11 C DC 1  1_555 ? ? ? ? ? ? WATSON-CRICK    ? ? ? 
hydrog23 hydrog ? ? A DG 11 O6 ? ? ? 1_555 C DC 1  N4 ? ? A DG 11 C DC 1  1_555 ? ? ? ? ? ? WATSON-CRICK    ? ? ? 
hydrog24 hydrog ? ? B DA 1  N1 ? ? ? 1_555 C DT 5  N3 ? ? B DA 12 C DT 5  1_555 ? ? ? ? ? ? WATSON-CRICK    ? ? ? 
hydrog25 hydrog ? ? B DA 1  N6 ? ? ? 1_555 C DT 5  O4 ? ? B DA 12 C DT 5  1_555 ? ? ? ? ? ? WATSON-CRICK    ? ? ? 
hydrog26 hydrog ? ? B DC 2  N3 ? ? ? 1_555 C DG 4  N1 ? ? B DC 13 C DG 4  1_555 ? ? ? ? ? ? WATSON-CRICK    ? ? ? 
hydrog27 hydrog ? ? B DC 2  N4 ? ? ? 1_555 C DG 4  O6 ? ? B DC 13 C DG 4  1_555 ? ? ? ? ? ? WATSON-CRICK    ? ? ? 
hydrog28 hydrog ? ? B DC 2  O2 ? ? ? 1_555 C DG 4  N2 ? ? B DC 13 C DG 4  1_555 ? ? ? ? ? ? WATSON-CRICK    ? ? ? 
hydrog29 hydrog ? ? B DA 3  N1 ? ? ? 1_555 C DT 3  N3 ? ? B DA 14 C DT 3  1_555 ? ? ? ? ? ? WATSON-CRICK    ? ? ? 
hydrog30 hydrog ? ? B DA 3  N6 ? ? ? 1_555 C DT 3  O4 ? ? B DA 14 C DT 3  1_555 ? ? ? ? ? ? WATSON-CRICK    ? ? ? 
hydrog31 hydrog ? ? B DC 4  N3 ? ? ? 1_555 D DG 9  N1 ? ? B DC 15 D DG 9  1_555 ? ? ? ? ? ? WATSON-CRICK    ? ? ? 
hydrog32 hydrog ? ? B DC 4  N4 ? ? ? 1_555 D DG 9  O6 ? ? B DC 15 D DG 9  1_555 ? ? ? ? ? ? WATSON-CRICK    ? ? ? 
hydrog33 hydrog ? ? B DC 4  O2 ? ? ? 1_555 D DG 9  N2 ? ? B DC 15 D DG 9  1_555 ? ? ? ? ? ? WATSON-CRICK    ? ? ? 
hydrog34 hydrog ? ? B DC 5  N3 ? ? ? 1_555 D DG 8  N1 ? ? B DC 16 D DG 8  1_555 ? ? ? ? ? ? WATSON-CRICK    ? ? ? 
hydrog35 hydrog ? ? B DC 5  N4 ? ? ? 1_555 D DG 8  O6 ? ? B DC 16 D DG 8  1_555 ? ? ? ? ? ? WATSON-CRICK    ? ? ? 
hydrog36 hydrog ? ? B DC 5  O2 ? ? ? 1_555 D DG 8  N2 ? ? B DC 16 D DG 8  1_555 ? ? ? ? ? ? WATSON-CRICK    ? ? ? 
hydrog37 hydrog ? ? B DA 6  N1 ? ? ? 1_555 D DT 7  N3 ? ? B DA 17 D DT 7  1_555 ? ? ? ? ? ? WATSON-CRICK    ? ? ? 
hydrog38 hydrog ? ? B DA 6  N6 ? ? ? 1_555 D DT 7  O4 ? ? B DA 17 D DT 7  1_555 ? ? ? ? ? ? WATSON-CRICK    ? ? ? 
hydrog39 hydrog ? ? B DC 7  N3 ? ? ? 1_555 D DG 6  N1 ? ? B DC 18 D DG 6  1_555 ? ? ? ? ? ? WATSON-CRICK    ? ? ? 
hydrog40 hydrog ? ? B DC 7  N4 ? ? ? 1_555 D DG 6  O6 ? ? B DC 18 D DG 6  1_555 ? ? ? ? ? ? WATSON-CRICK    ? ? ? 
hydrog41 hydrog ? ? B DC 7  O2 ? ? ? 1_555 D DG 6  N2 ? ? B DC 18 D DG 6  1_555 ? ? ? ? ? ? WATSON-CRICK    ? ? ? 
hydrog42 hydrog ? ? B DT 8  O4 ? ? ? 1_555 D DA 5  N6 ? ? B DT 19 D DA 5  1_555 ? ? ? ? ? ? 'DT-DA PAIR'    ? ? ? 
hydrog43 hydrog ? ? B DT 8  O2 ? ? ? 1_555 D DG 6  N2 ? ? B DT 19 D DG 6  1_555 ? ? ? ? ? ? 'DT-DG MISPAIR' ? ? ? 
hydrog44 hydrog ? ? B DC 9  N3 ? ? ? 1_555 D DG 4  N1 ? ? B DC 20 D DG 4  1_555 ? ? ? ? ? ? WATSON-CRICK    ? ? ? 
hydrog45 hydrog ? ? B DC 9  N4 ? ? ? 1_555 D DG 4  O6 ? ? B DC 20 D DG 4  1_555 ? ? ? ? ? ? WATSON-CRICK    ? ? ? 
hydrog46 hydrog ? ? B DC 9  O2 ? ? ? 1_555 D DG 4  N2 ? ? B DC 20 D DG 4  1_555 ? ? ? ? ? ? WATSON-CRICK    ? ? ? 
# 
_struct_conn_type.id          hydrog 
_struct_conn_type.criteria    ? 
_struct_conn_type.reference   ? 
# 
_atom_sites.entry_id                    6XDZ 
_atom_sites.Cartn_transf_matrix[1][1]   ? 
_atom_sites.Cartn_transf_matrix[1][2]   ? 
_atom_sites.Cartn_transf_matrix[1][3]   ? 
_atom_sites.Cartn_transf_matrix[2][1]   ? 
_atom_sites.Cartn_transf_matrix[2][2]   ? 
_atom_sites.Cartn_transf_matrix[2][3]   ? 
_atom_sites.Cartn_transf_matrix[3][1]   ? 
_atom_sites.Cartn_transf_matrix[3][2]   ? 
_atom_sites.Cartn_transf_matrix[3][3]   ? 
_atom_sites.Cartn_transf_vector[1]      ? 
_atom_sites.Cartn_transf_vector[2]      ? 
_atom_sites.Cartn_transf_vector[3]      ? 
_atom_sites.fract_transf_matrix[1][1]   0.00853474 
_atom_sites.fract_transf_matrix[1][2]   -0.00206621 
_atom_sites.fract_transf_matrix[1][3]   0.01427902 
_atom_sites.fract_transf_matrix[2][1]   -0.00290125 
_atom_sites.fract_transf_matrix[2][2]   -0.01340762 
_atom_sites.fract_transf_matrix[2][3]   0.00963414 
_atom_sites.fract_transf_matrix[3][1]   0.01177853 
_atom_sites.fract_transf_matrix[3][2]   -0.00849029 
_atom_sites.fract_transf_matrix[3][3]   -0.00826873 
_atom_sites.fract_transf_vector[1]      -0.286825 
_atom_sites.fract_transf_vector[2]      -0.131271 
_atom_sites.fract_transf_vector[3]      -0.096772 
_atom_sites.solution_primary            ? 
_atom_sites.solution_secondary          ? 
_atom_sites.solution_hydrogens          ? 
_atom_sites.special_details             ? 
# 
loop_
_atom_type.symbol 
AS 
C  
N  
O  
P  
# 
loop_
_atom_site.group_PDB 
_atom_site.id 
_atom_site.type_symbol 
_atom_site.label_atom_id 
_atom_site.label_alt_id 
_atom_site.label_comp_id 
_atom_site.label_asym_id 
_atom_site.label_entity_id 
_atom_site.label_seq_id 
_atom_site.pdbx_PDB_ins_code 
_atom_site.Cartn_x 
_atom_site.Cartn_y 
_atom_site.Cartn_z 
_atom_site.occupancy 
_atom_site.B_iso_or_equiv 
_atom_site.pdbx_formal_charge 
_atom_site.auth_seq_id 
_atom_site.auth_comp_id 
_atom_site.auth_asym_id 
_atom_site.auth_atom_id 
_atom_site.pdbx_PDB_model_num 
ATOM   1   O  "O5'" . DG  A 1 1  ? -22.451 -9.864  1.140   1.00 172.50 ? 1   DG  A "O5'" 1 
ATOM   2   C  "C5'" . DG  A 1 1  ? -23.334 -9.108  0.317   1.00 174.65 ? 1   DG  A "C5'" 1 
ATOM   3   C  "C4'" . DG  A 1 1  ? -23.248 -9.568  -1.128  1.00 168.92 ? 1   DG  A "C4'" 1 
ATOM   4   O  "O4'" . DG  A 1 1  ? -24.226 -8.860  -1.920  1.00 163.72 ? 1   DG  A "O4'" 1 
ATOM   5   C  "C3'" . DG  A 1 1  ? -21.924 -9.280  -1.809  1.00 166.29 ? 1   DG  A "C3'" 1 
ATOM   6   O  "O3'" . DG  A 1 1  ? -20.997 -10.315 -1.527  1.00 163.41 ? 1   DG  A "O3'" 1 
ATOM   7   C  "C2'" . DG  A 1 1  ? -22.316 -9.274  -3.281  1.00 163.73 ? 1   DG  A "C2'" 1 
ATOM   8   C  "C1'" . DG  A 1 1  ? -23.748 -8.721  -3.247  1.00 162.48 ? 1   DG  A "C1'" 1 
ATOM   9   N  N9    . DG  A 1 1  ? -23.873 -7.317  -3.654  1.00 160.50 ? 1   DG  A N9    1 
ATOM   10  C  C8    . DG  A 1 1  ? -24.685 -6.364  -3.086  1.00 157.68 ? 1   DG  A C8    1 
ATOM   11  N  N7    . DG  A 1 1  ? -24.606 -5.198  -3.665  1.00 157.42 ? 1   DG  A N7    1 
ATOM   12  C  C5    . DG  A 1 1  ? -23.686 -5.386  -4.687  1.00 156.93 ? 1   DG  A C5    1 
ATOM   13  C  C6    . DG  A 1 1  ? -23.193 -4.472  -5.650  1.00 156.23 ? 1   DG  A C6    1 
ATOM   14  O  O6    . DG  A 1 1  ? -23.486 -3.278  -5.797  1.00 154.61 ? 1   DG  A O6    1 
ATOM   15  N  N1    . DG  A 1 1  ? -22.273 -5.071  -6.506  1.00 156.48 ? 1   DG  A N1    1 
ATOM   16  C  C2    . DG  A 1 1  ? -21.876 -6.384  -6.437  1.00 155.41 ? 1   DG  A C2    1 
ATOM   17  N  N2    . DG  A 1 1  ? -20.977 -6.782  -7.348  1.00 152.72 ? 1   DG  A N2    1 
ATOM   18  N  N3    . DG  A 1 1  ? -22.328 -7.249  -5.544  1.00 155.81 ? 1   DG  A N3    1 
ATOM   19  C  C4    . DG  A 1 1  ? -23.226 -6.685  -4.699  1.00 157.68 ? 1   DG  A C4    1 
ATOM   20  P  P     . DA  A 1 2  ? -19.578 -9.964  -0.862  1.00 174.30 ? 2   DA  A P     1 
ATOM   21  O  OP1   . DA  A 1 2  ? -19.076 -11.200 -0.219  1.00 178.65 ? 2   DA  A OP1   1 
ATOM   22  O  OP2   . DA  A 1 2  ? -19.760 -8.735  -0.058  1.00 171.46 ? 2   DA  A OP2   1 
ATOM   23  O  "O5'" . DA  A 1 2  ? -18.643 -9.584  -2.106  1.00 165.07 ? 2   DA  A "O5'" 1 
ATOM   24  C  "C5'" . DA  A 1 2  ? -18.375 -10.545 -3.124  1.00 163.91 ? 2   DA  A "C5'" 1 
ATOM   25  C  "C4'" . DA  A 1 2  ? -17.694 -9.896  -4.319  1.00 165.01 ? 2   DA  A "C4'" 1 
ATOM   26  O  "O4'" . DA  A 1 2  ? -18.522 -8.813  -4.812  1.00 161.82 ? 2   DA  A "O4'" 1 
ATOM   27  C  "C3'" . DA  A 1 2  ? -16.325 -9.289  -4.034  1.00 161.27 ? 2   DA  A "C3'" 1 
ATOM   28  O  "O3'" . DA  A 1 2  ? -15.455 -9.466  -5.150  1.00 168.12 ? 2   DA  A "O3'" 1 
ATOM   29  C  "C2'" . DA  A 1 2  ? -16.634 -7.814  -3.788  1.00 156.18 ? 2   DA  A "C2'" 1 
ATOM   30  C  "C1'" . DA  A 1 2  ? -17.855 -7.574  -4.674  1.00 155.69 ? 2   DA  A "C1'" 1 
ATOM   31  N  N9    . DA  A 1 2  ? -18.789 -6.606  -4.102  1.00 151.79 ? 2   DA  A N9    1 
ATOM   32  C  C8    . DA  A 1 2  ? -19.580 -6.777  -3.000  1.00 151.19 ? 2   DA  A C8    1 
ATOM   33  N  N7    . DA  A 1 2  ? -20.313 -5.730  -2.705  1.00 154.59 ? 2   DA  A N7    1 
ATOM   34  C  C5    . DA  A 1 2  ? -19.976 -4.804  -3.678  1.00 154.77 ? 2   DA  A C5    1 
ATOM   35  C  C6    . DA  A 1 2  ? -20.408 -3.485  -3.923  1.00 153.54 ? 2   DA  A C6    1 
ATOM   36  N  N6    . DA  A 1 2  ? -21.312 -2.856  -3.165  1.00 154.00 ? 2   DA  A N6    1 
ATOM   37  N  N1    . DA  A 1 2  ? -19.872 -2.837  -4.979  1.00 151.13 ? 2   DA  A N1    1 
ATOM   38  C  C2    . DA  A 1 2  ? -18.967 -3.472  -5.735  1.00 153.10 ? 2   DA  A C2    1 
ATOM   39  N  N3    . DA  A 1 2  ? -18.485 -4.708  -5.604  1.00 154.36 ? 2   DA  A N3    1 
ATOM   40  C  C4    . DA  A 1 2  ? -19.035 -5.325  -4.546  1.00 155.04 ? 2   DA  A C4    1 
ATOM   41  P  P     . DG  A 1 3  ? -13.872 -9.255  -4.975  1.00 173.27 ? 3   DG  A P     1 
ATOM   42  O  OP1   . DG  A 1 3  ? -13.186 -10.079 -5.995  1.00 174.85 ? 3   DG  A OP1   1 
ATOM   43  O  OP2   . DG  A 1 3  ? -13.551 -9.439  -3.543  1.00 174.80 ? 3   DG  A OP2   1 
ATOM   44  O  "O5'" . DG  A 1 3  ? -13.646 -7.712  -5.329  1.00 157.43 ? 3   DG  A "O5'" 1 
ATOM   45  C  "C5'" . DG  A 1 3  ? -13.821 -7.261  -6.667  1.00 154.18 ? 3   DG  A "C5'" 1 
ATOM   46  C  "C4'" . DG  A 1 3  ? -13.650 -5.755  -6.761  1.00 156.75 ? 3   DG  A "C4'" 1 
ATOM   47  O  "O4'" . DG  A 1 3  ? -14.756 -5.096  -6.103  1.00 152.04 ? 3   DG  A "O4'" 1 
ATOM   48  C  "C3'" . DG  A 1 3  ? -12.371 -5.201  -6.123  1.00 160.91 ? 3   DG  A "C3'" 1 
ATOM   49  O  "O3'" . DG  A 1 3  ? -11.647 -4.446  -7.087  1.00 166.81 ? 3   DG  A "O3'" 1 
ATOM   50  C  "C2'" . DG  A 1 3  ? -12.877 -4.321  -4.967  1.00 156.91 ? 3   DG  A "C2'" 1 
ATOM   51  C  "C1'" . DG  A 1 3  ? -14.282 -3.961  -5.426  1.00 152.74 ? 3   DG  A "C1'" 1 
ATOM   52  N  N9    . DG  A 1 3  ? -15.209 -3.666  -4.337  1.00 148.95 ? 3   DG  A N9    1 
ATOM   53  C  C8    . DG  A 1 3  ? -15.635 -4.530  -3.357  1.00 148.14 ? 3   DG  A C8    1 
ATOM   54  N  N7    . DG  A 1 3  ? -16.480 -3.995  -2.521  1.00 148.48 ? 3   DG  A N7    1 
ATOM   55  C  C5    . DG  A 1 3  ? -16.632 -2.694  -2.978  1.00 148.93 ? 3   DG  A C5    1 
ATOM   56  C  C6    . DG  A 1 3  ? -17.426 -1.641  -2.470  1.00 149.93 ? 3   DG  A C6    1 
ATOM   57  O  O6    . DG  A 1 3  ? -18.175 -1.655  -1.484  1.00 143.15 ? 3   DG  A O6    1 
ATOM   58  N  N1    . DG  A 1 3  ? -17.291 -0.482  -3.228  1.00 148.48 ? 3   DG  A N1    1 
ATOM   59  C  C2    . DG  A 1 3  ? -16.491 -0.357  -4.338  1.00 148.16 ? 3   DG  A C2    1 
ATOM   60  N  N2    . DG  A 1 3  ? -16.492 0.842   -4.940  1.00 148.61 ? 3   DG  A N2    1 
ATOM   61  N  N3    . DG  A 1 3  ? -15.739 -1.336  -4.826  1.00 146.89 ? 3   DG  A N3    1 
ATOM   62  C  C4    . DG  A 1 3  ? -15.860 -2.474  -4.097  1.00 149.80 ? 3   DG  A C4    1 
ATOM   63  P  P     . DC  A 1 4  ? -10.088 -4.121  -6.870  1.00 181.83 ? 4   DC  A P     1 
ATOM   64  O  OP1   . DC  A 1 4  ? -9.400  -4.334  -8.163  1.00 178.09 ? 4   DC  A OP1   1 
ATOM   65  O  OP2   . DC  A 1 4  ? -9.626  -4.834  -5.659  1.00 181.21 ? 4   DC  A OP2   1 
ATOM   66  O  "O5'" . DC  A 1 4  ? -10.079 -2.556  -6.556  1.00 169.99 ? 4   DC  A "O5'" 1 
ATOM   67  C  "C5'" . DC  A 1 4  ? -10.770 -1.672  -7.422  1.00 165.54 ? 4   DC  A "C5'" 1 
ATOM   68  C  "C4'" . DC  A 1 4  ? -10.933 -0.306  -6.786  1.00 173.03 ? 4   DC  A "C4'" 1 
ATOM   69  O  "O4'" . DC  A 1 4  ? -12.017 -0.331  -5.833  1.00 164.30 ? 4   DC  A "O4'" 1 
ATOM   70  C  "C3'" . DC  A 1 4  ? -9.707  0.208   -6.025  1.00 176.69 ? 4   DC  A "C3'" 1 
ATOM   71  O  "O3'" . DC  A 1 4  ? -9.232  1.398   -6.646  1.00 184.24 ? 4   DC  A "O3'" 1 
ATOM   72  C  "C2'" . DC  A 1 4  ? -10.222 0.465   -4.594  1.00 167.90 ? 4   DC  A "C2'" 1 
ATOM   73  C  "C1'" . DC  A 1 4  ? -11.723 0.576   -4.804  1.00 162.32 ? 4   DC  A "C1'" 1 
ATOM   74  N  N1    . DC  A 1 4  ? -12.542 0.203   -3.611  1.00 155.96 ? 4   DC  A N1    1 
ATOM   75  C  C2    . DC  A 1 4  ? -13.402 1.147   -3.035  1.00 154.46 ? 4   DC  A C2    1 
ATOM   76  O  O2    . DC  A 1 4  ? -13.459 2.286   -3.514  1.00 154.00 ? 4   DC  A O2    1 
ATOM   77  N  N3    . DC  A 1 4  ? -14.150 0.784   -1.962  1.00 150.03 ? 4   DC  A N3    1 
ATOM   78  C  C4    . DC  A 1 4  ? -14.063 -0.455  -1.475  1.00 148.45 ? 4   DC  A C4    1 
ATOM   79  N  N4    . DC  A 1 4  ? -14.819 -0.765  -0.416  1.00 143.48 ? 4   DC  A N4    1 
ATOM   80  C  C5    . DC  A 1 4  ? -13.196 -1.430  -2.051  1.00 148.16 ? 4   DC  A C5    1 
ATOM   81  C  C6    . DC  A 1 4  ? -12.464 -1.063  -3.108  1.00 149.63 ? 4   DC  A C6    1 
ATOM   82  P  P     . DA  A 1 5  ? -7.821  2.037   -6.223  1.00 191.07 ? 5   DA  A P     1 
ATOM   83  O  OP1   . DA  A 1 5  ? -7.134  2.483   -7.455  1.00 186.80 ? 5   DA  A OP1   1 
ATOM   84  O  OP2   . DA  A 1 5  ? -7.147  1.092   -5.307  1.00 182.78 ? 5   DA  A OP2   1 
ATOM   85  O  "O5'" . DA  A 1 5  ? -8.239  3.330   -5.386  1.00 173.37 ? 5   DA  A "O5'" 1 
ATOM   86  C  "C5'" . DA  A 1 5  ? -9.198  4.233   -5.921  1.00 169.79 ? 5   DA  A "C5'" 1 
ATOM   87  C  "C4'" . DA  A 1 5  ? -9.614  5.258   -4.883  1.00 171.28 ? 5   DA  A "C4'" 1 
ATOM   88  O  "O4'" . DA  A 1 5  ? -10.501 4.639   -3.913  1.00 167.30 ? 5   DA  A "O4'" 1 
ATOM   89  C  "C3'" . DA  A 1 5  ? -8.466  5.869   -4.083  1.00 170.42 ? 5   DA  A "C3'" 1 
ATOM   90  O  "O3'" . DA  A 1 5  ? -8.686  7.263   -3.916  1.00 173.95 ? 5   DA  A "O3'" 1 
ATOM   91  C  "C2'" . DA  A 1 5  ? -8.525  5.118   -2.753  1.00 165.63 ? 5   DA  A "C2'" 1 
ATOM   92  C  "C1'" . DA  A 1 5  ? -10.016 4.863   -2.607  1.00 160.55 ? 5   DA  A "C1'" 1 
ATOM   93  N  N9    . DA  A 1 5  ? -10.334 3.689   -1.798  1.00 155.11 ? 5   DA  A N9    1 
ATOM   94  C  C8    . DA  A 1 5  ? -9.758  2.454   -1.880  1.00 153.19 ? 5   DA  A C8    1 
ATOM   95  N  N7    . DA  A 1 5  ? -10.252 1.581   -1.034  1.00 150.46 ? 5   DA  A N7    1 
ATOM   96  C  C5    . DA  A 1 5  ? -11.220 2.296   -0.348  1.00 151.99 ? 5   DA  A C5    1 
ATOM   97  C  C6    . DA  A 1 5  ? -12.105 1.940   0.686   1.00 148.22 ? 5   DA  A C6    1 
ATOM   98  N  N6    . DA  A 1 5  ? -12.151 0.718   1.227   1.00 141.17 ? 5   DA  A N6    1 
ATOM   99  N  N1    . DA  A 1 5  ? -12.943 2.893   1.148   1.00 151.74 ? 5   DA  A N1    1 
ATOM   100 C  C2    . DA  A 1 5  ? -12.893 4.115   0.604   1.00 154.68 ? 5   DA  A C2    1 
ATOM   101 N  N3    . DA  A 1 5  ? -12.104 4.567   -0.371  1.00 152.86 ? 5   DA  A N3    1 
ATOM   102 C  C4    . DA  A 1 5  ? -11.284 3.599   -0.807  1.00 153.25 ? 5   DA  A C4    1 
ATOM   103 P  P     . DG  A 1 6  ? -7.663  8.149   -3.052  1.00 182.14 ? 6   DG  A P     1 
ATOM   104 O  OP1   . DG  A 1 6  ? -7.833  9.562   -3.458  1.00 182.38 ? 6   DG  A OP1   1 
ATOM   105 O  OP2   . DG  A 1 6  ? -6.330  7.509   -3.135  1.00 178.85 ? 6   DG  A OP2   1 
ATOM   106 O  "O5'" . DG  A 1 6  ? -8.198  7.988   -1.555  1.00 165.77 ? 6   DG  A "O5'" 1 
ATOM   107 C  "C5'" . DG  A 1 6  ? -7.916  8.983   -0.591  1.00 164.24 ? 6   DG  A "C5'" 1 
ATOM   108 C  "C4'" . DG  A 1 6  ? -9.199  9.608   -0.081  1.00 163.79 ? 6   DG  A "C4'" 1 
ATOM   109 O  "O4'" . DG  A 1 6  ? -10.195 8.577   0.112   1.00 161.09 ? 6   DG  A "O4'" 1 
ATOM   110 C  "C3'" . DG  A 1 6  ? -9.073  10.292  1.263   1.00 166.13 ? 6   DG  A "C3'" 1 
ATOM   111 O  "O3'" . DG  A 1 6  ? -10.060 11.306  1.388   1.00 172.16 ? 6   DG  A "O3'" 1 
ATOM   112 C  "C2'" . DG  A 1 6  ? -9.309  9.143   2.241   1.00 160.26 ? 6   DG  A "C2'" 1 
ATOM   113 C  "C1'" . DG  A 1 6  ? -10.299 8.252   1.487   1.00 157.06 ? 6   DG  A "C1'" 1 
ATOM   114 N  N9    . DG  A 1 6  ? -10.026 6.824   1.642   1.00 155.73 ? 6   DG  A N9    1 
ATOM   115 C  C8    . DG  A 1 6  ? -9.090  6.084   0.960   1.00 153.03 ? 6   DG  A C8    1 
ATOM   116 N  N7    . DG  A 1 6  ? -9.066  4.827   1.306   1.00 150.80 ? 6   DG  A N7    1 
ATOM   117 C  C5    . DG  A 1 6  ? -10.050 4.724   2.280   1.00 150.09 ? 6   DG  A C5    1 
ATOM   118 C  C6    . DG  A 1 6  ? -10.482 3.599   3.023   1.00 148.99 ? 6   DG  A C6    1 
ATOM   119 O  O6    . DG  A 1 6  ? -10.066 2.433   2.963   1.00 150.68 ? 6   DG  A O6    1 
ATOM   120 N  N1    . DG  A 1 6  ? -11.505 3.927   3.909   1.00 148.90 ? 6   DG  A N1    1 
ATOM   121 C  C2    . DG  A 1 6  ? -12.044 5.183   4.058   1.00 150.78 ? 6   DG  A C2    1 
ATOM   122 N  N2    . DG  A 1 6  ? -13.024 5.304   4.964   1.00 151.70 ? 6   DG  A N2    1 
ATOM   123 N  N3    . DG  A 1 6  ? -11.648 6.247   3.368   1.00 150.36 ? 6   DG  A N3    1 
ATOM   124 C  C4    . DG  A 1 6  ? -10.651 5.944   2.500   1.00 152.79 ? 6   DG  A C4    1 
ATOM   125 P  P     . DA  A 1 7  ? -9.675  12.727  2.034   1.00 186.65 ? 7   DA  A P     1 
ATOM   126 O  OP1   . DA  A 1 7  ? -10.415 13.780  1.303   1.00 185.43 ? 7   DA  A OP1   1 
ATOM   127 O  OP2   . DA  A 1 7  ? -8.198  12.790  2.118   1.00 171.81 ? 7   DA  A OP2   1 
ATOM   128 O  "O5'" . DA  A 1 7  ? -10.247 12.638  3.525   1.00 175.42 ? 7   DA  A "O5'" 1 
ATOM   129 C  "C5'" . DA  A 1 7  ? -9.578  11.845  4.494   1.00 168.63 ? 7   DA  A "C5'" 1 
ATOM   130 C  "C4'" . DA  A 1 7  ? -10.573 11.138  5.395   1.00 166.25 ? 7   DA  A "C4'" 1 
ATOM   131 O  "O4'" . DA  A 1 7  ? -10.611 9.724   5.067   1.00 157.44 ? 7   DA  A "O4'" 1 
ATOM   132 C  "C3'" . DA  A 1 7  ? -10.253 11.228  6.887   1.00 166.74 ? 7   DA  A "C3'" 1 
ATOM   133 O  "O3'" . DA  A 1 7  ? -11.400 11.651  7.605   1.00 173.14 ? 7   DA  A "O3'" 1 
ATOM   134 C  "C2'" . DA  A 1 7  ? -9.835  9.806   7.266   1.00 160.63 ? 7   DA  A "C2'" 1 
ATOM   135 C  "C1'" . DA  A 1 7  ? -10.595 8.967   6.254   1.00 154.66 ? 7   DA  A "C1'" 1 
ATOM   136 N  N9    . DA  A 1 7  ? -9.957  7.680   5.978   1.00 152.95 ? 7   DA  A N9    1 
ATOM   137 C  C8    . DA  A 1 7  ? -8.938  7.437   5.099   1.00 152.58 ? 7   DA  A C8    1 
ATOM   138 N  N7    . DA  A 1 7  ? -8.560  6.182   5.058   1.00 146.81 ? 7   DA  A N7    1 
ATOM   139 C  C5    . DA  A 1 7  ? -9.383  5.558   5.980   1.00 148.14 ? 7   DA  A C5    1 
ATOM   140 C  C6    . DA  A 1 7  ? -9.482  4.221   6.407   1.00 145.52 ? 7   DA  A C6    1 
ATOM   141 N  N6    . DA  A 1 7  ? -8.708  3.239   5.935   1.00 144.58 ? 7   DA  A N6    1 
ATOM   142 N  N1    . DA  A 1 7  ? -10.411 3.932   7.343   1.00 145.85 ? 7   DA  A N1    1 
ATOM   143 C  C2    . DA  A 1 7  ? -11.183 4.920   7.813   1.00 150.06 ? 7   DA  A C2    1 
ATOM   144 N  N3    . DA  A 1 7  ? -11.181 6.212   7.488   1.00 150.66 ? 7   DA  A N3    1 
ATOM   145 C  C4    . DA  A 1 7  ? -10.249 6.467   6.557   1.00 149.98 ? 7   DA  A C4    1 
ATOM   146 P  P     . DC  A 1 8  ? -11.230 12.370  9.029   1.00 185.78 ? 8   DC  A P     1 
ATOM   147 O  OP1   . DC  A 1 8  ? -12.512 13.038  9.347   1.00 185.55 ? 8   DC  A OP1   1 
ATOM   148 O  OP2   . DC  A 1 8  ? -9.979  13.160  8.983   1.00 172.81 ? 8   DC  A OP2   1 
ATOM   149 O  "O5'" . DC  A 1 8  ? -11.002 11.155  10.043  1.00 177.76 ? 8   DC  A "O5'" 1 
ATOM   150 C  "C5'" . DC  A 1 8  ? -11.969 10.115  10.127  1.00 168.51 ? 8   DC  A "C5'" 1 
ATOM   151 C  "C4'" . DC  A 1 8  ? -11.417 8.920   10.880  1.00 162.69 ? 8   DC  A "C4'" 1 
ATOM   152 O  "O4'" . DC  A 1 8  ? -10.706 8.049   9.981   1.00 161.06 ? 8   DC  A "O4'" 1 
ATOM   153 C  "C3'" . DC  A 1 8  ? -10.409 9.251   11.983  1.00 162.04 ? 8   DC  A "C3'" 1 
ATOM   154 O  "O3'" . DC  A 1 8  ? -11.055 9.234   13.252  1.00 168.75 ? 8   DC  A "O3'" 1 
ATOM   155 C  "C2'" . DC  A 1 8  ? -9.342  8.143   11.869  1.00 157.88 ? 8   DC  A "C2'" 1 
ATOM   156 C  "C1'" . DC  A 1 8  ? -9.883  7.234   10.768  1.00 157.96 ? 8   DC  A "C1'" 1 
ATOM   157 N  N1    . DC  A 1 8  ? -8.811  6.635   9.923   1.00 152.29 ? 8   DC  A N1    1 
ATOM   158 C  C2    . DC  A 1 8  ? -8.544  5.267   10.024  1.00 149.94 ? 8   DC  A C2    1 
ATOM   159 O  O2    . DC  A 1 8  ? -9.217  4.576   10.799  1.00 150.21 ? 8   DC  A O2    1 
ATOM   160 N  N3    . DC  A 1 8  ? -7.555  4.734   9.263   1.00 145.89 ? 8   DC  A N3    1 
ATOM   161 C  C4    . DC  A 1 8  ? -6.851  5.512   8.441   1.00 145.64 ? 8   DC  A C4    1 
ATOM   162 N  N4    . DC  A 1 8  ? -5.888  4.942   7.711   1.00 142.74 ? 8   DC  A N4    1 
ATOM   163 C  C5    . DC  A 1 8  ? -7.104  6.912   8.331   1.00 145.47 ? 8   DC  A C5    1 
ATOM   164 C  C6    . DC  A 1 8  ? -8.080  7.427   9.087   1.00 146.37 ? 8   DC  A C6    1 
ATOM   165 P  P     . DC  A 1 9  ? -10.194 9.281   14.610  1.00 173.47 ? 9   DC  A P     1 
ATOM   166 O  OP1   . DC  A 1 9  ? -11.097 9.770   15.673  1.00 183.29 ? 9   DC  A OP1   1 
ATOM   167 O  OP2   . DC  A 1 9  ? -8.929  10.004  14.344  1.00 160.25 ? 9   DC  A OP2   1 
ATOM   168 O  "O5'" . DC  A 1 9  ? -9.851  7.743   14.901  1.00 147.36 ? 9   DC  A "O5'" 1 
ATOM   169 C  "C5'" . DC  A 1 9  ? -10.870 6.756   14.775  1.00 145.52 ? 9   DC  A "C5'" 1 
ATOM   170 C  "C4'" . DC  A 1 9  ? -10.322 5.359   15.017  1.00 152.95 ? 9   DC  A "C4'" 1 
ATOM   171 O  "O4'" . DC  A 1 9  ? -9.449  4.963   13.921  1.00 155.74 ? 9   DC  A "O4'" 1 
ATOM   172 C  "C3'" . DC  A 1 9  ? -9.496  5.186   16.298  1.00 144.61 ? 9   DC  A "C3'" 1 
ATOM   173 O  "O3'" . DC  A 1 9  ? -9.921  4.007   16.974  1.00 150.75 ? 9   DC  A "O3'" 1 
ATOM   174 C  "C2'" . DC  A 1 9  ? -8.068  5.044   15.769  1.00 146.71 ? 9   DC  A "C2'" 1 
ATOM   175 C  "C1'" . DC  A 1 9  ? -8.322  4.318   14.466  1.00 150.26 ? 9   DC  A "C1'" 1 
ATOM   176 N  N1    . DC  A 1 9  ? -7.188  4.403   13.501  1.00 146.98 ? 9   DC  A N1    1 
ATOM   177 C  C2    . DC  A 1 9  ? -6.436  3.256   13.210  1.00 138.72 ? 9   DC  A C2    1 
ATOM   178 O  O2    . DC  A 1 9  ? -6.735  2.184   13.753  1.00 137.32 ? 9   DC  A O2    1 
ATOM   179 N  N3    . DC  A 1 9  ? -5.406  3.351   12.332  1.00 129.89 ? 9   DC  A N3    1 
ATOM   180 C  C4    . DC  A 1 9  ? -5.118  4.523   11.767  1.00 129.31 ? 9   DC  A C4    1 
ATOM   181 N  N4    . DC  A 1 9  ? -4.093  4.570   10.910  1.00 113.65 ? 9   DC  A N4    1 
ATOM   182 C  C5    . DC  A 1 9  ? -5.867  5.702   12.057  1.00 145.18 ? 9   DC  A C5    1 
ATOM   183 C  C6    . DC  A 1 9  ? -6.881  5.598   12.922  1.00 148.39 ? 9   DC  A C6    1 
ATOM   184 P  P     . DA  A 1 10 ? -9.319  3.613   18.414  1.00 174.44 ? 10  DA  A P     1 
ATOM   185 O  OP1   . DA  A 1 10 ? -10.439 3.630   19.377  1.00 173.06 ? 10  DA  A OP1   1 
ATOM   186 O  OP2   . DA  A 1 10 ? -8.114  4.424   18.694  1.00 167.38 ? 10  DA  A OP2   1 
ATOM   187 O  "O5'" . DA  A 1 10 ? -8.850  2.098   18.221  1.00 160.39 ? 10  DA  A "O5'" 1 
ATOM   188 C  "C5'" . DA  A 1 10 ? -7.841  1.777   17.270  1.00 149.77 ? 10  DA  A "C5'" 1 
ATOM   189 C  "C4'" . DA  A 1 10 ? -6.886  0.747   17.843  1.00 147.09 ? 10  DA  A "C4'" 1 
ATOM   190 O  "O4'" . DA  A 1 10 ? -5.811  0.502   16.907  1.00 141.31 ? 10  DA  A "O4'" 1 
ATOM   191 C  "C3'" . DA  A 1 10 ? -6.243  1.145   19.164  1.00 142.88 ? 10  DA  A "C3'" 1 
ATOM   192 O  "O3'" . DA  A 1 10 ? -6.333  0.053   20.137  1.00 149.96 ? 10  DA  A "O3'" 1 
ATOM   193 C  "C2'" . DA  A 1 10 ? -4.810  1.560   18.802  1.00 126.83 ? 10  DA  A "C2'" 1 
ATOM   194 C  "C1'" . DA  A 1 10 ? -4.574  0.959   17.414  1.00 128.67 ? 10  DA  A "C1'" 1 
ATOM   195 N  N9    . DA  A 1 10 ? -4.017  1.905   16.455  1.00 125.92 ? 10  DA  A N9    1 
ATOM   196 C  C8    . DA  A 1 10 ? -4.362  3.217   16.302  1.00 123.60 ? 10  DA  A C8    1 
ATOM   197 N  N7    . DA  A 1 10 ? -3.703  3.828   15.348  1.00 119.85 ? 10  DA  A N7    1 
ATOM   198 C  C5    . DA  A 1 10 ? -2.870  2.847   14.835  1.00 121.40 ? 10  DA  A C5    1 
ATOM   199 C  C6    . DA  A 1 10 ? -1.916  2.859   13.798  1.00 114.55 ? 10  DA  A C6    1 
ATOM   200 N  N6    . DA  A 1 10 ? -1.638  3.944   13.069  1.00 116.71 ? 10  DA  A N6    1 
ATOM   201 N  N1    . DA  A 1 10 ? -1.257  1.710   13.540  1.00 112.98 ? 10  DA  A N1    1 
ATOM   202 C  C2    . DA  A 1 10 ? -1.538  0.627   14.275  1.00 111.07 ? 10  DA  A C2    1 
ATOM   203 N  N3    . DA  A 1 10 ? -2.414  0.496   15.273  1.00 110.96 ? 10  DA  A N3    1 
ATOM   204 C  C4    . DA  A 1 10 ? -3.052  1.654   15.504  1.00 123.21 ? 10  DA  A C4    1 
ATOM   205 P  P     . DG  A 1 11 ? -5.107  -0.943  20.458  1.00 143.38 ? 11  DG  A P     1 
ATOM   206 O  OP1   . DG  A 1 11 ? -4.641  -1.536  19.184  1.00 130.96 ? 11  DG  A OP1   1 
ATOM   207 O  OP2   . DG  A 1 11 ? -5.576  -1.864  21.517  1.00 144.45 ? 11  DG  A OP2   1 
ATOM   208 O  "O5'" . DG  A 1 11 ? -3.994  -0.010  21.141  1.00 138.07 ? 11  DG  A "O5'" 1 
ATOM   209 C  "C5'" . DG  A 1 11 ? -2.942  -0.585  21.914  1.00 137.36 ? 11  DG  A "C5'" 1 
ATOM   210 C  "C4'" . DG  A 1 11 ? -2.166  -1.606  21.105  1.00 131.95 ? 11  DG  A "C4'" 1 
ATOM   211 O  "O4'" . DG  A 1 11 ? -1.984  -1.111  19.756  1.00 130.34 ? 11  DG  A "O4'" 1 
ATOM   212 C  "C3'" . DG  A 1 11 ? -0.765  -1.895  21.612  1.00 124.23 ? 11  DG  A "C3'" 1 
ATOM   213 O  "O3'" . DG  A 1 11 ? -0.362  -3.190  21.194  1.00 117.93 ? 11  DG  A "O3'" 1 
ATOM   214 C  "C2'" . DG  A 1 11 ? 0.048   -0.806  20.921  1.00 121.37 ? 11  DG  A "C2'" 1 
ATOM   215 C  "C1'" . DG  A 1 11 ? -0.635  -0.733  19.557  1.00 119.17 ? 11  DG  A "C1'" 1 
ATOM   216 N  N9    . DG  A 1 11 ? -0.621  0.599   18.958  1.00 118.88 ? 11  DG  A N9    1 
ATOM   217 C  C8    . DG  A 1 11 ? -1.369  1.687   19.341  1.00 120.53 ? 11  DG  A C8    1 
ATOM   218 N  N7    . DG  A 1 11 ? -1.159  2.747   18.609  1.00 114.19 ? 11  DG  A N7    1 
ATOM   219 C  C5    . DG  A 1 11 ? -0.214  2.334   17.677  1.00 113.94 ? 11  DG  A C5    1 
ATOM   220 C  C6    . DG  A 1 11 ? 0.399   3.050   16.622  1.00 110.25 ? 11  DG  A C6    1 
ATOM   221 O  O6    . DG  A 1 11 ? 0.225   4.233   16.294  1.00 114.70 ? 11  DG  A O6    1 
ATOM   222 N  N1    . DG  A 1 11 ? 1.299   2.258   15.917  1.00 108.92 ? 11  DG  A N1    1 
ATOM   223 C  C2    . DG  A 1 11 ? 1.572   0.939   16.195  1.00 116.02 ? 11  DG  A C2    1 
ATOM   224 N  N2    . DG  A 1 11 ? 2.470   0.338   15.402  1.00 113.04 ? 11  DG  A N2    1 
ATOM   225 N  N3    . DG  A 1 11 ? 1.003   0.254   17.180  1.00 114.15 ? 11  DG  A N3    1 
ATOM   226 C  C4    . DG  A 1 11 ? 0.124   1.013   17.877  1.00 115.13 ? 11  DG  A C4    1 
ATOM   227 P  P     . DA  B 2 1  ? 22.142  -1.395  10.420  1.00 165.87 ? 12  DA  B P     1 
ATOM   228 O  OP1   . DA  B 2 1  ? 20.722  -1.755  10.213  1.00 142.55 ? 12  DA  B OP1   1 
ATOM   229 O  OP2   . DA  B 2 1  ? 22.647  -1.105  11.780  1.00 144.18 ? 12  DA  B OP2   1 
ATOM   230 O  "O5'" . DA  B 2 1  ? 23.056  -2.545  9.789   1.00 148.97 ? 12  DA  B "O5'" 1 
ATOM   231 C  "C5'" . DA  B 2 1  ? 22.926  -3.887  10.244  1.00 133.11 ? 12  DA  B "C5'" 1 
ATOM   232 C  "C4'" . DA  B 2 1  ? 22.604  -4.816  9.089   1.00 130.78 ? 12  DA  B "C4'" 1 
ATOM   233 O  "O4'" . DA  B 2 1  ? 21.415  -5.576  9.402   1.00 122.72 ? 12  DA  B "O4'" 1 
ATOM   234 C  "C3'" . DA  B 2 1  ? 22.327  -4.105  7.760   1.00 131.41 ? 12  DA  B "C3'" 1 
ATOM   235 O  "O3'" . DA  B 2 1  ? 23.304  -4.466  6.788   1.00 135.29 ? 12  DA  B "O3'" 1 
ATOM   236 C  "C2'" . DA  B 2 1  ? 20.925  -4.567  7.350   1.00 125.73 ? 12  DA  B "C2'" 1 
ATOM   237 C  "C1'" . DA  B 2 1  ? 20.681  -5.787  8.225   1.00 114.24 ? 12  DA  B "C1'" 1 
ATOM   238 N  N9    . DA  B 2 1  ? 19.275  -5.947  8.581   1.00 114.86 ? 12  DA  B N9    1 
ATOM   239 C  C8    . DA  B 2 1  ? 18.480  -5.027  9.206   1.00 112.04 ? 12  DA  B C8    1 
ATOM   240 N  N7    . DA  B 2 1  ? 17.248  -5.432  9.393   1.00 107.11 ? 12  DA  B N7    1 
ATOM   241 C  C5    . DA  B 2 1  ? 17.231  -6.704  8.848   1.00 107.89 ? 12  DA  B C5    1 
ATOM   242 C  C6    . DA  B 2 1  ? 16.213  -7.667  8.727   1.00 107.60 ? 12  DA  B C6    1 
ATOM   243 N  N6    . DA  B 2 1  ? 14.968  -7.481  9.175   1.00 109.45 ? 12  DA  B N6    1 
ATOM   244 N  N1    . DA  B 2 1  ? 16.527  -8.836  8.131   1.00 106.24 ? 12  DA  B N1    1 
ATOM   245 C  C2    . DA  B 2 1  ? 17.776  -9.019  7.685   1.00 111.32 ? 12  DA  B C2    1 
ATOM   246 N  N3    . DA  B 2 1  ? 18.815  -8.187  7.739   1.00 112.49 ? 12  DA  B N3    1 
ATOM   247 C  C4    . DA  B 2 1  ? 18.473  -7.037  8.339   1.00 110.89 ? 12  DA  B C4    1 
ATOM   248 P  P     . DC  B 2 2  ? 23.246  -3.824  5.314   1.00 129.13 ? 13  DC  B P     1 
ATOM   249 O  OP1   . DC  B 2 2  ? 24.608  -3.870  4.740   1.00 149.45 ? 13  DC  B OP1   1 
ATOM   250 O  OP2   . DC  B 2 2  ? 22.548  -2.525  5.432   1.00 139.47 ? 13  DC  B OP2   1 
ATOM   251 O  "O5'" . DC  B 2 2  ? 22.303  -4.826  4.494   1.00 113.98 ? 13  DC  B "O5'" 1 
ATOM   252 C  "C5'" . DC  B 2 2  ? 22.617  -6.213  4.451   1.00 122.63 ? 13  DC  B "C5'" 1 
ATOM   253 C  "C4'" . DC  B 2 2  ? 21.409  -7.045  4.047   1.00 121.22 ? 13  DC  B "C4'" 1 
ATOM   254 O  "O4'" . DC  B 2 2  ? 20.332  -6.827  4.973   1.00 122.55 ? 13  DC  B "O4'" 1 
ATOM   255 C  "C3'" . DC  B 2 2  ? 20.812  -6.709  2.687   1.00 120.70 ? 13  DC  B "C3'" 1 
ATOM   256 O  "O3'" . DC  B 2 2  ? 21.388  -7.533  1.676   1.00 134.33 ? 13  DC  B "O3'" 1 
ATOM   257 C  "C2'" . DC  B 2 2  ? 19.310  -7.004  2.858   1.00 117.91 ? 13  DC  B "C2'" 1 
ATOM   258 C  "C1'" . DC  B 2 2  ? 19.147  -7.269  4.358   1.00 116.59 ? 13  DC  B "C1'" 1 
ATOM   259 N  N1    . DC  B 2 2  ? 17.980  -6.560  4.966   1.00 107.67 ? 13  DC  B N1    1 
ATOM   260 C  C2    . DC  B 2 2  ? 16.733  -7.195  5.017   1.00 110.76 ? 13  DC  B C2    1 
ATOM   261 O  O2    . DC  B 2 2  ? 16.619  -8.339  4.560   1.00 113.97 ? 13  DC  B O2    1 
ATOM   262 N  N3    . DC  B 2 2  ? 15.684  -6.537  5.569   1.00 109.83 ? 13  DC  B N3    1 
ATOM   263 C  C4    . DC  B 2 2  ? 15.848  -5.304  6.051   1.00 112.53 ? 13  DC  B C4    1 
ATOM   264 N  N4    . DC  B 2 2  ? 14.784  -4.694  6.587   1.00 110.87 ? 13  DC  B N4    1 
ATOM   265 C  C5    . DC  B 2 2  ? 17.108  -4.639  6.005   1.00 107.40 ? 13  DC  B C5    1 
ATOM   266 C  C6    . DC  B 2 2  ? 18.135  -5.297  5.457   1.00 104.57 ? 13  DC  B C6    1 
ATOM   267 P  P     . DA  B 2 3  ? 21.046  -7.264  0.128   1.00 141.67 ? 14  DA  B P     1 
ATOM   268 O  OP1   . DA  B 2 3  ? 22.137  -7.854  -0.681  1.00 150.17 ? 14  DA  B OP1   1 
ATOM   269 O  OP2   . DA  B 2 3  ? 20.725  -5.826  -0.007  1.00 129.72 ? 14  DA  B OP2   1 
ATOM   270 O  "O5'" . DA  B 2 3  ? 19.688  -8.079  -0.127  1.00 114.63 ? 14  DA  B "O5'" 1 
ATOM   271 C  "C5'" . DA  B 2 3  ? 19.689  -9.502  -0.090  1.00 116.07 ? 14  DA  B "C5'" 1 
ATOM   272 C  "C4'" . DA  B 2 3  ? 18.297  -10.068 -0.346  1.00 118.27 ? 14  DA  B "C4'" 1 
ATOM   273 O  "O4'" . DA  B 2 3  ? 17.357  -9.529  0.620   1.00 113.83 ? 14  DA  B "O4'" 1 
ATOM   274 C  "C3'" . DA  B 2 3  ? 17.697  -9.762  -1.719  1.00 115.57 ? 14  DA  B "C3'" 1 
ATOM   275 O  "O3'" . DA  B 2 3  ? 16.931  -10.883 -2.158  1.00 113.92 ? 14  DA  B "O3'" 1 
ATOM   276 C  "C2'" . DA  B 2 3  ? 16.801  -8.560  -1.426  1.00 124.15 ? 14  DA  B "C2'" 1 
ATOM   277 C  "C1'" . DA  B 2 3  ? 16.264  -8.950  -0.063  1.00 112.26 ? 14  DA  B "C1'" 1 
ATOM   278 N  N9    . DA  B 2 3  ? 15.770  -7.837  0.738   1.00 102.45 ? 14  DA  B N9    1 
ATOM   279 C  C8    . DA  B 2 3  ? 16.463  -6.729  1.131   1.00 109.59 ? 14  DA  B C8    1 
ATOM   280 N  N7    . DA  B 2 3  ? 15.763  -5.903  1.872   1.00 108.11 ? 14  DA  B N7    1 
ATOM   281 C  C5    . DA  B 2 3  ? 14.530  -6.518  1.980   1.00 101.46 ? 14  DA  B C5    1 
ATOM   282 C  C6    . DA  B 2 3  ? 13.340  -6.152  2.639   1.00 101.79 ? 14  DA  B C6    1 
ATOM   283 N  N6    . DA  B 2 3  ? 13.203  -5.024  3.344   1.00 103.12 ? 14  DA  B N6    1 
ATOM   284 N  N1    . DA  B 2 3  ? 12.292  -6.995  2.543   1.00 104.62 ? 14  DA  B N1    1 
ATOM   285 C  C2    . DA  B 2 3  ? 12.432  -8.122  1.837   1.00 99.19  ? 14  DA  B C2    1 
ATOM   286 N  N3    . DA  B 2 3  ? 13.497  -8.571  1.178   1.00 103.66 ? 14  DA  B N3    1 
ATOM   287 C  C4    . DA  B 2 3  ? 14.520  -7.714  1.291   1.00 100.69 ? 14  DA  B C4    1 
ATOM   288 P  P     . DC  B 2 4  ? 16.221  -10.876 -3.600  1.00 127.11 ? 15  DC  B P     1 
ATOM   289 O  OP1   . DC  B 2 4  ? 16.259  -12.262 -4.116  1.00 124.39 ? 15  DC  B OP1   1 
ATOM   290 O  OP2   . DC  B 2 4  ? 16.817  -9.779  -4.395  1.00 129.14 ? 15  DC  B OP2   1 
ATOM   291 O  "O5'" . DC  B 2 4  ? 14.698  -10.488 -3.291  1.00 116.43 ? 15  DC  B "O5'" 1 
ATOM   292 C  "C5'" . DC  B 2 4  ? 13.813  -11.463 -2.740  1.00 119.21 ? 15  DC  B "C5'" 1 
ATOM   293 C  "C4'" . DC  B 2 4  ? 12.357  -11.020 -2.846  1.00 121.72 ? 15  DC  B "C4'" 1 
ATOM   294 O  "O4'" . DC  B 2 4  ? 12.088  -9.949  -1.900  1.00 116.89 ? 15  DC  B "O4'" 1 
ATOM   295 C  "C3'" . DC  B 2 4  ? 11.919  -10.489 -4.212  1.00 124.47 ? 15  DC  B "C3'" 1 
ATOM   296 O  "O3'" . DC  B 2 4  ? 10.585  -10.926 -4.480  1.00 126.53 ? 15  DC  B "O3'" 1 
ATOM   297 C  "C2'" . DC  B 2 4  ? 11.971  -8.971  -4.007  1.00 126.93 ? 15  DC  B "C2'" 1 
ATOM   298 C  "C1'" . DC  B 2 4  ? 11.470  -8.872  -2.577  1.00 113.95 ? 15  DC  B "C1'" 1 
ATOM   299 N  N1    . DC  B 2 4  ? 11.835  -7.605  -1.857  1.00 109.16 ? 15  DC  B N1    1 
ATOM   300 C  C2    . DC  B 2 4  ? 10.919  -7.031  -0.959  1.00 102.91 ? 15  DC  B C2    1 
ATOM   301 O  O2    . DC  B 2 4  ? 9.814   -7.564  -0.801  1.00 99.62  ? 15  DC  B O2    1 
ATOM   302 N  N3    . DC  B 2 4  ? 11.270  -5.901  -0.294  1.00 98.26  ? 15  DC  B N3    1 
ATOM   303 C  C4    . DC  B 2 4  ? 12.470  -5.356  -0.490  1.00 97.34  ? 15  DC  B C4    1 
ATOM   304 N  N4    . DC  B 2 4  ? 12.770  -4.242  0.188   1.00 93.64  ? 15  DC  B N4    1 
ATOM   305 C  C5    . DC  B 2 4  ? 13.418  -5.928  -1.391  1.00 110.89 ? 15  DC  B C5    1 
ATOM   306 C  C6    . DC  B 2 4  ? 13.064  -7.044  -2.043  1.00 108.58 ? 15  DC  B C6    1 
ATOM   307 P  P     . DC  B 2 5  ? 10.274  -11.930 -5.697  1.00 140.67 ? 16  DC  B P     1 
ATOM   308 O  OP1   . DC  B 2 5  ? 8.984   -12.601 -5.411  1.00 132.54 ? 16  DC  B OP1   1 
ATOM   309 O  OP2   . DC  B 2 5  ? 11.482  -12.755 -5.917  1.00 155.57 ? 16  DC  B OP2   1 
ATOM   310 O  "O5'" . DC  B 2 5  ? 10.093  -10.967 -6.963  1.00 130.74 ? 16  DC  B "O5'" 1 
ATOM   311 C  "C5'" . DC  B 2 5  ? 9.605   -9.636  -6.791  1.00 125.94 ? 16  DC  B "C5'" 1 
ATOM   312 C  "C4'" . DC  B 2 5  ? 8.167   -9.638  -6.305  1.00 126.72 ? 16  DC  B "C4'" 1 
ATOM   313 O  "O4'" . DC  B 2 5  ? 8.059   -8.807  -5.125  1.00 106.15 ? 16  DC  B "O4'" 1 
ATOM   314 C  "C3'" . DC  B 2 5  ? 7.169   -9.039  -7.269  1.00 128.21 ? 16  DC  B "C3'" 1 
ATOM   315 O  "O3'" . DC  B 2 5  ? 5.856   -9.471  -6.915  1.00 128.59 ? 16  DC  B "O3'" 1 
ATOM   316 C  "C2'" . DC  B 2 5  ? 7.366   -7.551  -7.001  1.00 125.29 ? 16  DC  B "C2'" 1 
ATOM   317 C  "C1'" . DC  B 2 5  ? 7.522   -7.541  -5.481  1.00 115.84 ? 16  DC  B "C1'" 1 
ATOM   318 N  N1    . DC  B 2 5  ? 8.445   -6.487  -4.954  1.00 107.37 ? 16  DC  B N1    1 
ATOM   319 C  C2    . DC  B 2 5  ? 8.025   -5.671  -3.897  1.00 114.16 ? 16  DC  B C2    1 
ATOM   320 O  O2    . DC  B 2 5  ? 6.885   -5.818  -3.435  1.00 112.23 ? 16  DC  B O2    1 
ATOM   321 N  N3    . DC  B 2 5  ? 8.877   -4.734  -3.411  1.00 109.65 ? 16  DC  B N3    1 
ATOM   322 C  C4    . DC  B 2 5  ? 10.097  -4.605  -3.933  1.00 105.36 ? 16  DC  B C4    1 
ATOM   323 N  N4    . DC  B 2 5  ? 10.899  -3.666  -3.421  1.00 102.69 ? 16  DC  B N4    1 
ATOM   324 C  C5    . DC  B 2 5  ? 10.547  -5.431  -5.005  1.00 107.82 ? 16  DC  B C5    1 
ATOM   325 C  C6    . DC  B 2 5  ? 9.697   -6.352  -5.478  1.00 103.65 ? 16  DC  B C6    1 
ATOM   326 P  P     . DA  B 2 6  ? 4.573   -8.916  -7.706  1.00 138.03 ? 17  DA  B P     1 
ATOM   327 O  OP1   . DA  B 2 6  ? 3.528   -9.964  -7.647  1.00 136.49 ? 17  DA  B OP1   1 
ATOM   328 O  OP2   . DA  B 2 6  ? 5.023   -8.387  -9.013  1.00 139.99 ? 17  DA  B OP2   1 
ATOM   329 O  "O5'" . DA  B 2 6  ? 4.094   -7.676  -6.825  1.00 118.98 ? 17  DA  B "O5'" 1 
ATOM   330 C  "C5'" . DA  B 2 6  ? 3.246   -7.884  -5.703  1.00 130.42 ? 17  DA  B "C5'" 1 
ATOM   331 C  "C4'" . DA  B 2 6  ? 2.322   -6.693  -5.484  1.00 134.63 ? 17  DA  B "C4'" 1 
ATOM   332 O  "O4'" . DA  B 2 6  ? 3.103   -5.499  -5.238  1.00 132.13 ? 17  DA  B "O4'" 1 
ATOM   333 C  "C3'" . DA  B 2 6  ? 1.414   -6.341  -6.650  1.00 127.64 ? 17  DA  B "C3'" 1 
ATOM   334 O  "O3'" . DA  B 2 6  ? 0.206   -5.732  -6.156  1.00 130.95 ? 17  DA  B "O3'" 1 
ATOM   335 C  "C2'" . DA  B 2 6  ? 2.274   -5.366  -7.464  1.00 130.46 ? 17  DA  B "C2'" 1 
ATOM   336 C  "C1'" . DA  B 2 6  ? 3.110   -4.667  -6.388  1.00 124.24 ? 17  DA  B "C1'" 1 
ATOM   337 N  N9    . DA  B 2 6  ? 4.501   -4.468  -6.772  1.00 120.49 ? 17  DA  B N9    1 
ATOM   338 C  C8    . DA  B 2 6  ? 5.170   -5.079  -7.794  1.00 122.13 ? 17  DA  B C8    1 
ATOM   339 N  N7    . DA  B 2 6  ? 6.428   -4.720  -7.891  1.00 120.27 ? 17  DA  B N7    1 
ATOM   340 C  C5    . DA  B 2 6  ? 6.597   -3.821  -6.853  1.00 121.37 ? 17  DA  B C5    1 
ATOM   341 C  C6    . DA  B 2 6  ? 7.709   -3.076  -6.416  1.00 116.84 ? 17  DA  B C6    1 
ATOM   342 N  N6    . DA  B 2 6  ? 8.909   -3.136  -6.999  1.00 115.89 ? 17  DA  B N6    1 
ATOM   343 N  N1    . DA  B 2 6  ? 7.537   -2.261  -5.356  1.00 113.27 ? 17  DA  B N1    1 
ATOM   344 C  C2    . DA  B 2 6  ? 6.332   -2.202  -4.775  1.00 119.33 ? 17  DA  B C2    1 
ATOM   345 N  N3    . DA  B 2 6  ? 5.214   -2.854  -5.096  1.00 119.39 ? 17  DA  B N3    1 
ATOM   346 C  C4    . DA  B 2 6  ? 5.418   -3.653  -6.154  1.00 119.49 ? 17  DA  B C4    1 
ATOM   347 P  P     . DC  B 2 7  ? -0.656  -4.718  -7.061  1.00 136.21 ? 18  DC  B P     1 
ATOM   348 O  OP1   . DC  B 2 7  ? -1.985  -4.572  -6.425  1.00 132.48 ? 18  DC  B OP1   1 
ATOM   349 O  OP2   . DC  B 2 7  ? -0.583  -5.166  -8.470  1.00 141.14 ? 18  DC  B OP2   1 
ATOM   350 O  "O5'" . DC  B 2 7  ? 0.117   -3.327  -6.906  1.00 115.53 ? 18  DC  B "O5'" 1 
ATOM   351 C  "C5'" . DC  B 2 7  ? -0.532  -2.106  -7.202  1.00 125.35 ? 18  DC  B "C5'" 1 
ATOM   352 C  "C4'" . DC  B 2 7  ? 0.288   -0.943  -6.681  1.00 126.07 ? 18  DC  B "C4'" 1 
ATOM   353 O  "O4'" . DC  B 2 7  ? 1.675   -1.311  -6.679  1.00 125.19 ? 18  DC  B "O4'" 1 
ATOM   354 C  "C3'" . DC  B 2 7  ? 0.206   0.322   -7.520  1.00 130.97 ? 18  DC  B "C3'" 1 
ATOM   355 O  "O3'" . DC  B 2 7  ? -0.742  1.209   -6.949  1.00 137.22 ? 18  DC  B "O3'" 1 
ATOM   356 C  "C2'" . DC  B 2 7  ? 1.630   0.909   -7.478  1.00 129.77 ? 18  DC  B "C2'" 1 
ATOM   357 C  "C1'" . DC  B 2 7  ? 2.457   -0.147  -6.746  1.00 126.64 ? 18  DC  B "C1'" 1 
ATOM   358 N  N1    . DC  B 2 7  ? 3.755   -0.505  -7.407  1.00 124.77 ? 18  DC  B N1    1 
ATOM   359 C  C2    . DC  B 2 7  ? 4.952   0.025   -6.914  1.00 126.41 ? 18  DC  B C2    1 
ATOM   360 O  O2    . DC  B 2 7  ? 4.915   0.812   -5.961  1.00 129.71 ? 18  DC  B O2    1 
ATOM   361 N  N3    . DC  B 2 7  ? 6.122   -0.331  -7.503  1.00 125.72 ? 18  DC  B N3    1 
ATOM   362 C  C4    . DC  B 2 7  ? 6.119   -1.181  -8.530  1.00 123.28 ? 18  DC  B C4    1 
ATOM   363 N  N4    . DC  B 2 7  ? 7.296   -1.505  -9.077  1.00 119.38 ? 18  DC  B N4    1 
ATOM   364 C  C5    . DC  B 2 7  ? 4.910   -1.745  -9.037  1.00 117.83 ? 18  DC  B C5    1 
ATOM   365 C  C6    . DC  B 2 7  ? 3.764   -1.385  -8.448  1.00 121.08 ? 18  DC  B C6    1 
ATOM   366 P  P     . DT  B 2 8  ? -1.288  2.461   -7.793  1.00 157.76 ? 19  DT  B P     1 
ATOM   367 O  OP1   . DT  B 2 8  ? -2.653  2.763   -7.310  1.00 159.62 ? 19  DT  B OP1   1 
ATOM   368 O  OP2   . DT  B 2 8  ? -1.054  2.179   -9.226  1.00 150.52 ? 19  DT  B OP2   1 
ATOM   369 O  "O5'" . DT  B 2 8  ? -0.315  3.653   -7.371  1.00 138.47 ? 19  DT  B "O5'" 1 
ATOM   370 C  "C5'" . DT  B 2 8  ? 0.033   3.827   -6.009  1.00 139.11 ? 19  DT  B "C5'" 1 
ATOM   371 C  "C4'" . DT  B 2 8  ? 1.071   4.922   -5.849  1.00 142.31 ? 19  DT  B "C4'" 1 
ATOM   372 O  "O4'" . DT  B 2 8  ? 2.393   4.401   -6.149  1.00 137.70 ? 19  DT  B "O4'" 1 
ATOM   373 C  "C3'" . DT  B 2 8  ? 0.882   6.138   -6.749  1.00 143.73 ? 19  DT  B "C3'" 1 
ATOM   374 O  "O3'" . DT  B 2 8  ? 1.222   7.309   -6.021  1.00 145.98 ? 19  DT  B "O3'" 1 
ATOM   375 C  "C2'" . DT  B 2 8  ? 1.861   5.872   -7.897  1.00 142.23 ? 19  DT  B "C2'" 1 
ATOM   376 C  "C1'" . DT  B 2 8  ? 3.000   5.172   -7.167  1.00 135.31 ? 19  DT  B "C1'" 1 
ATOM   377 N  N1    . DT  B 2 8  ? 3.813   4.240   -8.019  1.00 136.05 ? 19  DT  B N1    1 
ATOM   378 C  C2    . DT  B 2 8  ? 5.181   4.215   -7.875  1.00 140.46 ? 19  DT  B C2    1 
ATOM   379 O  O2    . DT  B 2 8  ? 5.784   4.941   -7.103  1.00 142.03 ? 19  DT  B O2    1 
ATOM   380 N  N3    . DT  B 2 8  ? 5.829   3.310   -8.674  1.00 137.64 ? 19  DT  B N3    1 
ATOM   381 C  C4    . DT  B 2 8  ? 5.257   2.438   -9.582  1.00 132.82 ? 19  DT  B C4    1 
ATOM   382 O  O4    . DT  B 2 8  ? 5.925   1.661   -10.257 1.00 130.98 ? 19  DT  B O4    1 
ATOM   383 C  C5    . DT  B 2 8  ? 3.819   2.508   -9.679  1.00 131.98 ? 19  DT  B C5    1 
ATOM   384 C  C7    . DT  B 2 8  ? 3.085   1.610   -10.631 1.00 129.71 ? 19  DT  B C7    1 
ATOM   385 C  C6    . DT  B 2 8  ? 3.174   3.397   -8.904  1.00 134.41 ? 19  DT  B C6    1 
ATOM   386 P  P     . DC  B 2 9  ? 0.752   8.760   -6.528  1.00 161.62 ? 20  DC  B P     1 
ATOM   387 O  OP1   . DC  B 2 9  ? 0.428   9.571   -5.333  1.00 160.14 ? 20  DC  B OP1   1 
ATOM   388 O  OP2   . DC  B 2 9  ? -0.265  8.576   -7.586  1.00 157.62 ? 20  DC  B OP2   1 
ATOM   389 O  "O5'" . DC  B 2 9  ? 2.069   9.351   -7.207  1.00 155.40 ? 20  DC  B "O5'" 1 
ATOM   390 C  "C5'" . DC  B 2 9  ? 3.346   9.050   -6.651  1.00 148.62 ? 20  DC  B "C5'" 1 
ATOM   391 C  "C4'" . DC  B 2 9  ? 4.450   9.426   -7.621  1.00 154.24 ? 20  DC  B "C4'" 1 
ATOM   392 O  "O4'" . DC  B 2 9  ? 4.815   8.271   -8.424  1.00 152.47 ? 20  DC  B "O4'" 1 
ATOM   393 C  "C3'" . DC  B 2 9  ? 4.081   10.531  -8.610  1.00 157.41 ? 20  DC  B "C3'" 1 
ATOM   394 O  "O3'" . DC  B 2 9  ? 5.150   11.454  -8.726  1.00 161.10 ? 20  DC  B "O3'" 1 
ATOM   395 C  "C2'" . DC  B 2 9  ? 3.854   9.773   -9.915  1.00 153.02 ? 20  DC  B "C2'" 1 
ATOM   396 C  "C1'" . DC  B 2 9  ? 4.860   8.645   -9.781  1.00 149.56 ? 20  DC  B "C1'" 1 
ATOM   397 N  N1    . DC  B 2 9  ? 4.535   7.451   -10.617 1.00 147.24 ? 20  DC  B N1    1 
ATOM   398 C  C2    . DC  B 2 9  ? 5.559   6.582   -11.013 1.00 148.05 ? 20  DC  B C2    1 
ATOM   399 O  O2    . DC  B 2 9  ? 6.722   6.817   -10.661 1.00 149.68 ? 20  DC  B O2    1 
ATOM   400 N  N3    . DC  B 2 9  ? 5.246   5.502   -11.772 1.00 146.13 ? 20  DC  B N3    1 
ATOM   401 C  C4    . DC  B 2 9  ? 3.979   5.282   -12.132 1.00 143.66 ? 20  DC  B C4    1 
ATOM   402 N  N4    . DC  B 2 9  ? 3.719   4.205   -12.881 1.00 141.66 ? 20  DC  B N4    1 
ATOM   403 C  C5    . DC  B 2 9  ? 2.923   6.157   -11.739 1.00 141.59 ? 20  DC  B C5    1 
ATOM   404 C  C6    . DC  B 2 9  ? 3.244   7.217   -10.990 1.00 140.96 ? 20  DC  B C6    1 
ATOM   405 P  P     . DA  B 2 10 ? 4.855   12.976  -9.145  1.00 170.30 ? 21  DA  B P     1 
ATOM   406 O  OP1   . DA  B 2 10 ? 4.810   13.790  -7.911  1.00 167.35 ? 21  DA  B OP1   1 
ATOM   407 O  OP2   . DA  B 2 10 ? 3.697   12.968  -10.066 1.00 162.25 ? 21  DA  B OP2   1 
ATOM   408 O  "O5'" . DA  B 2 10 ? 6.145   13.395  -9.991  1.00 165.65 ? 21  DA  B "O5'" 1 
ATOM   409 C  "C5'" . DA  B 2 10 ? 7.439   13.310  -9.409  1.00 165.22 ? 21  DA  B "C5'" 1 
ATOM   410 C  "C4'" . DA  B 2 10 ? 8.472   12.959  -10.462 1.00 168.28 ? 21  DA  B "C4'" 1 
ATOM   411 O  "O4'" . DA  B 2 10 ? 8.319   11.567  -10.834 1.00 168.00 ? 21  DA  B "O4'" 1 
ATOM   412 C  "C3'" . DA  B 2 10 ? 8.347   13.746  -11.759 1.00 167.41 ? 21  DA  B "C3'" 1 
ATOM   413 O  "O3'" . DA  B 2 10 ? 9.140   14.925  -11.691 1.00 170.18 ? 21  DA  B "O3'" 1 
ATOM   414 C  "C2'" . DA  B 2 10 ? 8.885   12.766  -12.795 1.00 160.14 ? 21  DA  B "C2'" 1 
ATOM   415 C  "C1'" . DA  B 2 10 ? 8.415   11.422  -12.238 1.00 156.11 ? 21  DA  B "C1'" 1 
ATOM   416 N  N9    . DA  B 2 10 ? 7.116   10.986  -12.752 1.00 157.49 ? 21  DA  B N9    1 
ATOM   417 C  C8    . DA  B 2 10 ? 5.906   11.601  -12.578 1.00 160.68 ? 21  DA  B C8    1 
ATOM   418 N  N7    . DA  B 2 10 ? 4.906   10.978  -13.154 1.00 157.29 ? 21  DA  B N7    1 
ATOM   419 C  C5    . DA  B 2 10 ? 5.499   9.874   -13.745 1.00 156.12 ? 21  DA  B C5    1 
ATOM   420 C  C6    . DA  B 2 10 ? 4.977   8.812   -14.510 1.00 157.02 ? 21  DA  B C6    1 
ATOM   421 N  N6    . DA  B 2 10 ? 3.681   8.694   -14.820 1.00 153.47 ? 21  DA  B N6    1 
ATOM   422 N  N1    . DA  B 2 10 ? 5.843   7.871   -14.946 1.00 158.80 ? 21  DA  B N1    1 
ATOM   423 C  C2    . DA  B 2 10 ? 7.139   7.994   -14.634 1.00 155.97 ? 21  DA  B C2    1 
ATOM   424 N  N3    . DA  B 2 10 ? 7.744   8.945   -13.925 1.00 151.24 ? 21  DA  B N3    1 
ATOM   425 C  C4    . DA  B 2 10 ? 6.860   9.863   -13.506 1.00 156.46 ? 21  DA  B C4    1 
ATOM   426 P  P     . DC  C 3 1  ? 9.488   6.310   9.215   1.00 92.98  ? 1   DC  C P     1 
ATOM   427 O  OP1   . DC  C 3 1  ? 8.640   6.496   8.016   1.00 87.35  ? 1   DC  C OP1   1 
ATOM   428 O  OP2   . DC  C 3 1  ? 10.063  7.488   9.904   1.00 107.06 ? 1   DC  C OP2   1 
ATOM   429 O  "O5'" . DC  C 3 1  ? 8.693   5.429   10.291  1.00 74.83  ? 1   DC  C "O5'" 1 
ATOM   430 C  "C5'" . DC  C 3 1  ? 7.653   4.549   9.861   1.00 87.30  ? 1   DC  C "C5'" 1 
ATOM   431 C  "C4'" . DC  C 3 1  ? 7.830   3.162   10.451  1.00 92.17  ? 1   DC  C "C4'" 1 
ATOM   432 O  "O4'" . DC  C 3 1  ? 7.043   3.046   11.663  1.00 98.91  ? 1   DC  C "O4'" 1 
ATOM   433 C  "C3'" . DC  C 3 1  ? 7.339   2.030   9.571   1.00 96.51  ? 1   DC  C "C3'" 1 
ATOM   434 O  "O3'" . DC  C 3 1  ? 7.984   0.833   9.962   1.00 84.68  ? 1   DC  C "O3'" 1 
ATOM   435 C  "C2'" . DC  C 3 1  ? 5.850   2.004   9.909   1.00 98.45  ? 1   DC  C "C2'" 1 
ATOM   436 C  "C1'" . DC  C 3 1  ? 5.875   2.275   11.413  1.00 98.53  ? 1   DC  C "C1'" 1 
ATOM   437 N  N1    . DC  C 3 1  ? 4.684   3.045   11.949  1.00 100.41 ? 1   DC  C N1    1 
ATOM   438 C  C2    . DC  C 3 1  ? 3.958   2.536   13.036  1.00 108.10 ? 1   DC  C C2    1 
ATOM   439 O  O2    . DC  C 3 1  ? 4.284   1.445   13.521  1.00 114.15 ? 1   DC  C O2    1 
ATOM   440 N  N3    . DC  C 3 1  ? 2.911   3.253   13.524  1.00 101.90 ? 1   DC  C N3    1 
ATOM   441 C  C4    . DC  C 3 1  ? 2.589   4.425   12.977  1.00 107.84 ? 1   DC  C C4    1 
ATOM   442 N  N4    . DC  C 3 1  ? 1.547   5.092   13.492  1.00 113.67 ? 1   DC  C N4    1 
ATOM   443 C  C5    . DC  C 3 1  ? 3.319   4.965   11.878  1.00 101.53 ? 1   DC  C C5    1 
ATOM   444 C  C6    . DC  C 3 1  ? 4.349   4.251   11.401  1.00 88.59  ? 1   DC  C C6    1 
ATOM   445 P  P     . DT  C 3 2  ? 8.366   -0.283  8.875   1.00 89.12  ? 2   DT  C P     1 
ATOM   446 O  OP1   . DT  C 3 2  ? 9.574   -0.977  9.376   1.00 100.10 ? 2   DT  C OP1   1 
ATOM   447 O  OP2   . DT  C 3 2  ? 8.382   0.339   7.531   1.00 81.43  ? 2   DT  C OP2   1 
ATOM   448 O  "O5'" . DT  C 3 2  ? 7.137   -1.295  8.940   1.00 82.30  ? 2   DT  C "O5'" 1 
ATOM   449 C  "C5'" . DT  C 3 2  ? 6.785   -1.895  10.178  1.00 90.21  ? 2   DT  C "C5'" 1 
ATOM   450 C  "C4'" . DT  C 3 2  ? 5.336   -2.329  10.159  1.00 90.38  ? 2   DT  C "C4'" 1 
ATOM   451 O  "O4'" . DT  C 3 2  ? 4.514   -1.302  10.742  1.00 98.84  ? 2   DT  C "O4'" 1 
ATOM   452 C  "C3'" . DT  C 3 2  ? 4.760   -2.519  8.768   1.00 90.74  ? 2   DT  C "C3'" 1 
ATOM   453 O  "O3'" . DT  C 3 2  ? 4.976   -3.863  8.291   1.00 85.47  ? 2   DT  C "O3'" 1 
ATOM   454 C  "C2'" . DT  C 3 2  ? 3.267   -2.195  8.941   1.00 91.12  ? 2   DT  C "C2'" 1 
ATOM   455 C  "C1'" . DT  C 3 2  ? 3.190   -1.503  10.308  1.00 79.91  ? 2   DT  C "C1'" 1 
ATOM   456 N  N1    . DT  C 3 2  ? 2.477   -0.190  10.269  1.00 84.97  ? 2   DT  C N1    1 
ATOM   457 C  C2    . DT  C 3 2  ? 1.514   0.080   11.212  1.00 99.62  ? 2   DT  C C2    1 
ATOM   458 O  O2    . DT  C 3 2  ? 1.211   -0.700  12.098  1.00 105.51 ? 2   DT  C O2    1 
ATOM   459 N  N3    . DT  C 3 2  ? 0.915   1.307   11.087  1.00 95.82  ? 2   DT  C N3    1 
ATOM   460 C  C4    . DT  C 3 2  ? 1.176   2.269   10.127  1.00 98.76  ? 2   DT  C C4    1 
ATOM   461 O  O4    . DT  C 3 2  ? 0.584   3.344   10.097  1.00 99.19  ? 2   DT  C O4    1 
ATOM   462 C  C5    . DT  C 3 2  ? 2.194   1.918   9.165   1.00 89.48  ? 2   DT  C C5    1 
ATOM   463 C  C7    . DT  C 3 2  ? 2.568   2.879   8.076   1.00 89.52  ? 2   DT  C C7    1 
ATOM   464 C  C6    . DT  C 3 2  ? 2.783   0.718   9.279   1.00 85.81  ? 2   DT  C C6    1 
ATOM   465 P  P     . DT  C 3 3  ? 4.722   -5.149  9.228   1.00 87.20  ? 3   DT  C P     1 
ATOM   466 O  OP1   . DT  C 3 3  ? 3.413   -5.024  9.904   1.00 104.87 ? 3   DT  C OP1   1 
ATOM   467 O  OP2   . DT  C 3 3  ? 5.938   -5.368  10.043  1.00 87.49  ? 3   DT  C OP2   1 
ATOM   468 O  "O5'" . DT  C 3 3  ? 4.611   -6.351  8.178   1.00 87.40  ? 3   DT  C "O5'" 1 
ATOM   469 C  "C5'" . DT  C 3 3  ? 3.696   -6.269  7.095   1.00 92.82  ? 3   DT  C "C5'" 1 
ATOM   470 C  "C4'" . DT  C 3 3  ? 4.268   -6.928  5.853   1.00 91.86  ? 3   DT  C "C4'" 1 
ATOM   471 O  "O4'" . DT  C 3 3  ? 5.203   -6.034  5.218   1.00 84.57  ? 3   DT  C "O4'" 1 
ATOM   472 C  "C3'" . DT  C 3 3  ? 5.071   -8.189  6.106   1.00 82.81  ? 3   DT  C "C3'" 1 
ATOM   473 O  "O3'" . DT  C 3 3  ? 4.202   -9.318  6.180   1.00 85.23  ? 3   DT  C "O3'" 1 
ATOM   474 C  "C2'" . DT  C 3 3  ? 5.972   -8.259  4.873   1.00 78.95  ? 3   DT  C "C2'" 1 
ATOM   475 C  "C1'" . DT  C 3 3  ? 6.100   -6.793  4.434   1.00 81.86  ? 3   DT  C "C1'" 1 
ATOM   476 N  N1    . DT  C 3 3  ? 7.485   -6.218  4.575   1.00 91.20  ? 3   DT  C N1    1 
ATOM   477 C  C2    . DT  C 3 3  ? 8.531   -6.791  3.880   1.00 92.11  ? 3   DT  C C2    1 
ATOM   478 O  O2    . DT  C 3 3  ? 8.403   -7.762  3.156   1.00 91.50  ? 3   DT  C O2    1 
ATOM   479 N  N3    . DT  C 3 3  ? 9.746   -6.185  4.070   1.00 86.51  ? 3   DT  C N3    1 
ATOM   480 C  C4    . DT  C 3 3  ? 10.016  -5.085  4.859   1.00 92.62  ? 3   DT  C C4    1 
ATOM   481 O  O4    . DT  C 3 3  ? 11.145  -4.611  4.962   1.00 101.69 ? 3   DT  C O4    1 
ATOM   482 C  C5    . DT  C 3 3  ? 8.878   -4.529  5.553   1.00 89.82  ? 3   DT  C C5    1 
ATOM   483 C  C7    . DT  C 3 3  ? 9.049   -3.332  6.439   1.00 85.30  ? 3   DT  C C7    1 
ATOM   484 C  C6    . DT  C 3 3  ? 7.681   -5.114  5.379   1.00 84.71  ? 3   DT  C C6    1 
ATOM   485 P  P     . DG  C 3 4  ? 4.552   -10.542 7.161   1.00 96.61  ? 4   DG  C P     1 
ATOM   486 O  OP1   . DG  C 3 4  ? 3.406   -11.477 7.168   1.00 108.97 ? 4   DG  C OP1   1 
ATOM   487 O  OP2   . DG  C 3 4  ? 5.033   -9.955  8.432   1.00 101.70 ? 4   DG  C OP2   1 
ATOM   488 O  "O5'" . DG  C 3 4  ? 5.791   -11.267 6.454   1.00 93.64  ? 4   DG  C "O5'" 1 
ATOM   489 C  "C5'" . DG  C 3 4  ? 5.666   -11.770 5.129   1.00 95.90  ? 4   DG  C "C5'" 1 
ATOM   490 C  "C4'" . DG  C 3 4  ? 7.035   -11.970 4.501   1.00 90.00  ? 4   DG  C "C4'" 1 
ATOM   491 O  "O4'" . DG  C 3 4  ? 7.768   -10.719 4.522   1.00 86.33  ? 4   DG  C "O4'" 1 
ATOM   492 C  "C3'" . DG  C 3 4  ? 7.924   -13.003 5.202   1.00 99.90  ? 4   DG  C "C3'" 1 
ATOM   493 O  "O3'" . DG  C 3 4  ? 8.362   -13.985 4.264   1.00 108.05 ? 4   DG  C "O3'" 1 
ATOM   494 C  "C2'" . DG  C 3 4  ? 9.095   -12.180 5.756   1.00 108.76 ? 4   DG  C "C2'" 1 
ATOM   495 C  "C1'" . DG  C 3 4  ? 9.111   -10.971 4.839   1.00 92.25  ? 4   DG  C "C1'" 1 
ATOM   496 N  N9    . DG  C 3 4  ? 9.671   -9.776  5.467   1.00 84.39  ? 4   DG  C N9    1 
ATOM   497 C  C8    . DG  C 3 4  ? 9.005   -8.860  6.240   1.00 98.47  ? 4   DG  C C8    1 
ATOM   498 N  N7    . DG  C 3 4  ? 9.763   -7.887  6.666   1.00 97.26  ? 4   DG  C N7    1 
ATOM   499 C  C5    . DG  C 3 4  ? 11.016  -8.182  6.147   1.00 87.57  ? 4   DG  C C5    1 
ATOM   500 C  C6    . DG  C 3 4  ? 12.241  -7.485  6.274   1.00 99.85  ? 4   DG  C C6    1 
ATOM   501 O  O6    . DG  C 3 4  ? 12.469  -6.436  6.893   1.00 95.40  ? 4   DG  C O6    1 
ATOM   502 N  N1    . DG  C 3 4  ? 13.271  -8.124  5.587   1.00 105.03 ? 4   DG  C N1    1 
ATOM   503 C  C2    . DG  C 3 4  ? 13.134  -9.288  4.871   1.00 101.79 ? 4   DG  C C2    1 
ATOM   504 N  N2    . DG  C 3 4  ? 14.243  -9.752  4.277   1.00 99.69  ? 4   DG  C N2    1 
ATOM   505 N  N3    . DG  C 3 4  ? 11.991  -9.952  4.742   1.00 98.21  ? 4   DG  C N3    1 
ATOM   506 C  C4    . DG  C 3 4  ? 10.977  -9.341  5.405   1.00 88.20  ? 4   DG  C C4    1 
ATOM   507 P  P     . DT  C 3 5  ? 9.445   -15.095 4.692   1.00 128.49 ? 5   DT  C P     1 
ATOM   508 O  OP1   . DT  C 3 5  ? 9.208   -16.299 3.870   1.00 122.80 ? 5   DT  C OP1   1 
ATOM   509 O  OP2   . DT  C 3 5  ? 9.435   -15.212 6.166   1.00 116.47 ? 5   DT  C OP2   1 
ATOM   510 O  "O5'" . DT  C 3 5  ? 10.843  -14.458 4.246   1.00 104.32 ? 5   DT  C "O5'" 1 
ATOM   511 C  "C5'" . DT  C 3 5  ? 11.689  -15.162 3.344   1.00 107.26 ? 5   DT  C "C5'" 1 
ATOM   512 C  "C4'" . DT  C 3 5  ? 13.080  -15.318 3.933   1.00 92.13  ? 5   DT  C "C4'" 1 
ATOM   513 O  "O4'" . DT  C 3 5  ? 13.601  -14.015 4.243   1.00 91.45  ? 5   DT  C "O4'" 1 
ATOM   514 C  "C3'" . DT  C 3 5  ? 13.132  -16.098 5.238   1.00 96.01  ? 5   DT  C "C3'" 1 
ATOM   515 O  "O3'" . DT  C 3 5  ? 13.428  -17.463 4.972   1.00 100.70 ? 5   DT  C "O3'" 1 
ATOM   516 C  "C2'" . DT  C 3 5  ? 14.259  -15.431 6.036   1.00 100.95 ? 5   DT  C "C2'" 1 
ATOM   517 C  "C1'" . DT  C 3 5  ? 14.511  -14.105 5.311   1.00 94.60  ? 5   DT  C "C1'" 1 
ATOM   518 N  N1    . DT  C 3 5  ? 14.330  -12.908 6.182   1.00 108.05 ? 5   DT  C N1    1 
ATOM   519 C  C2    . DT  C 3 5  ? 15.345  -11.985 6.270   1.00 109.23 ? 5   DT  C C2    1 
ATOM   520 O  O2    . DT  C 3 5  ? 16.396  -12.091 5.664   1.00 108.92 ? 5   DT  C O2    1 
ATOM   521 N  N3    . DT  C 3 5  ? 15.086  -10.924 7.095   1.00 103.27 ? 5   DT  C N3    1 
ATOM   522 C  C4    . DT  C 3 5  ? 13.935  -10.696 7.827   1.00 96.17  ? 5   DT  C C4    1 
ATOM   523 O  O4    . DT  C 3 5  ? 13.796  -9.710  8.541   1.00 104.07 ? 5   DT  C O4    1 
ATOM   524 C  C5    . DT  C 3 5  ? 12.909  -11.703 7.691   1.00 93.33  ? 5   DT  C C5    1 
ATOM   525 C  C7    . DT  C 3 5  ? 11.616  -11.564 8.438   1.00 101.55 ? 5   DT  C C7    1 
ATOM   526 C  C6    . DT  C 3 5  ? 13.152  -12.750 6.886   1.00 103.43 ? 5   DT  C C6    1 
ATOM   527 O  "O5'" . DT  D 4 1  ? -2.543  5.623   -23.242 1.00 162.71 ? 1   DT  D "O5'" 1 
ATOM   528 C  "C5'" . DT  D 4 1  ? -2.399  4.897   -24.460 1.00 159.34 ? 1   DT  D "C5'" 1 
ATOM   529 C  "C4'" . DT  D 4 1  ? -0.962  4.443   -24.650 1.00 162.54 ? 1   DT  D "C4'" 1 
ATOM   530 O  "O4'" . DT  D 4 1  ? -0.070  5.573   -24.459 1.00 164.09 ? 1   DT  D "O4'" 1 
ATOM   531 C  "C3'" . DT  D 4 1  ? -0.486  3.366   -23.675 1.00 158.00 ? 1   DT  D "C3'" 1 
ATOM   532 O  "O3'" . DT  D 4 1  ? 0.399   2.469   -24.340 1.00 160.07 ? 1   DT  D "O3'" 1 
ATOM   533 C  "C2'" . DT  D 4 1  ? 0.241   4.179   -22.609 1.00 158.02 ? 1   DT  D "C2'" 1 
ATOM   534 C  "C1'" . DT  D 4 1  ? 0.875   5.267   -23.457 1.00 159.96 ? 1   DT  D "C1'" 1 
ATOM   535 N  N1    . DT  D 4 1  ? 1.187   6.515   -22.702 1.00 160.88 ? 1   DT  D N1    1 
ATOM   536 C  C2    . DT  D 4 1  ? 2.455   7.041   -22.772 1.00 162.32 ? 1   DT  D C2    1 
ATOM   537 O  O2    . DT  D 4 1  ? 3.352   6.534   -23.421 1.00 163.49 ? 1   DT  D O2    1 
ATOM   538 N  N3    . DT  D 4 1  ? 2.640   8.187   -22.047 1.00 160.00 ? 1   DT  D N3    1 
ATOM   539 C  C4    . DT  D 4 1  ? 1.704   8.849   -21.276 1.00 158.57 ? 1   DT  D C4    1 
ATOM   540 O  O4    . DT  D 4 1  ? 1.970   9.875   -20.660 1.00 153.76 ? 1   DT  D O4    1 
ATOM   541 C  C5    . DT  D 4 1  ? 0.393   8.246   -21.246 1.00 160.64 ? 1   DT  D C5    1 
ATOM   542 C  C7    . DT  D 4 1  ? -0.706  8.876   -20.441 1.00 161.43 ? 1   DT  D C7    1 
ATOM   543 C  C6    . DT  D 4 1  ? 0.199   7.123   -21.953 1.00 159.28 ? 1   DT  D C6    1 
ATOM   544 P  P     . DC  D 4 2  ? 0.772   1.053   -23.677 1.00 174.69 ? 2   DC  D P     1 
ATOM   545 O  OP1   . DC  D 4 2  ? 1.386   0.215   -24.729 1.00 173.07 ? 2   DC  D OP1   1 
ATOM   546 O  OP2   . DC  D 4 2  ? -0.426  0.571   -22.953 1.00 173.86 ? 2   DC  D OP2   1 
ATOM   547 O  "O5'" . DC  D 4 2  ? 1.916   1.413   -22.618 1.00 170.31 ? 2   DC  D "O5'" 1 
ATOM   548 C  "C5'" . DC  D 4 2  ? 2.949   0.474   -22.335 1.00 167.17 ? 2   DC  D "C5'" 1 
ATOM   549 C  "C4'" . DC  D 4 2  ? 4.221   0.832   -23.083 1.00 160.76 ? 2   DC  D "C4'" 1 
ATOM   550 O  "O4'" . DC  D 4 2  ? 4.341   2.276   -23.163 1.00 151.09 ? 2   DC  D "O4'" 1 
ATOM   551 C  "C3'" . DC  D 4 2  ? 5.507   0.356   -22.427 1.00 166.92 ? 2   DC  D "C3'" 1 
ATOM   552 O  "O3'" . DC  D 4 2  ? 6.515   0.162   -23.413 1.00 173.40 ? 2   DC  D "O3'" 1 
ATOM   553 C  "C2'" . DC  D 4 2  ? 5.844   1.521   -21.505 1.00 164.64 ? 2   DC  D "C2'" 1 
ATOM   554 C  "C1'" . DC  D 4 2  ? 5.412   2.717   -22.350 1.00 158.22 ? 2   DC  D "C1'" 1 
ATOM   555 N  N1    . DC  D 4 2  ? 4.942   3.873   -21.535 1.00 162.21 ? 2   DC  D N1    1 
ATOM   556 C  C2    . DC  D 4 2  ? 5.838   4.891   -21.200 1.00 162.50 ? 2   DC  D C2    1 
ATOM   557 O  O2    . DC  D 4 2  ? 7.009   4.816   -21.592 1.00 160.09 ? 2   DC  D O2    1 
ATOM   558 N  N3    . DC  D 4 2  ? 5.400   5.933   -20.451 1.00 160.68 ? 2   DC  D N3    1 
ATOM   559 C  C4    . DC  D 4 2  ? 4.131   5.978   -20.047 1.00 159.49 ? 2   DC  D C4    1 
ATOM   560 N  N4    . DC  D 4 2  ? 3.748   7.027   -19.311 1.00 155.69 ? 2   DC  D N4    1 
ATOM   561 C  C5    . DC  D 4 2  ? 3.200   4.948   -20.376 1.00 160.03 ? 2   DC  D C5    1 
ATOM   562 C  C6    . DC  D 4 2  ? 3.643   3.925   -21.116 1.00 161.28 ? 2   DC  D C6    1 
ATOM   563 P  P     . DT  D 4 3  ? 7.753   -0.821  -23.124 1.00 196.45 ? 3   DT  D P     1 
ATOM   564 O  OP1   . DT  D 4 3  ? 8.474   -1.025  -24.400 1.00 198.04 ? 3   DT  D OP1   1 
ATOM   565 O  OP2   . DT  D 4 3  ? 7.248   -1.986  -22.364 1.00 193.01 ? 3   DT  D OP2   1 
ATOM   566 O  "O5'" . DT  D 4 3  ? 8.706   0.030   -22.164 1.00 177.77 ? 3   DT  D "O5'" 1 
ATOM   567 C  "C5'" . DT  D 4 3  ? 9.213   1.286   -22.596 1.00 173.58 ? 3   DT  D "C5'" 1 
ATOM   568 C  "C4'" . DT  D 4 3  ? 10.117  1.892   -21.539 1.00 171.43 ? 3   DT  D "C4'" 1 
ATOM   569 O  "O4'" . DT  D 4 3  ? 9.429   2.971   -20.844 1.00 168.82 ? 3   DT  D "O4'" 1 
ATOM   570 C  "C3'" . DT  D 4 3  ? 10.582  0.920   -20.449 1.00 169.40 ? 3   DT  D "C3'" 1 
ATOM   571 O  "O3'" . DT  D 4 3  ? 11.972  1.108   -20.211 1.00 172.71 ? 3   DT  D "O3'" 1 
ATOM   572 C  "C2'" . DT  D 4 3  ? 9.747   1.341   -19.241 1.00 164.52 ? 3   DT  D "C2'" 1 
ATOM   573 C  "C1'" . DT  D 4 3  ? 9.671   2.838   -19.465 1.00 164.96 ? 3   DT  D "C1'" 1 
ATOM   574 N  N1    . DT  D 4 3  ? 8.575   3.523   -18.702 1.00 163.46 ? 3   DT  D N1    1 
ATOM   575 C  C2    . DT  D 4 3  ? 8.849   4.694   -18.030 1.00 162.63 ? 3   DT  D C2    1 
ATOM   576 O  O2    . DT  D 4 3  ? 9.949   5.220   -18.024 1.00 162.51 ? 3   DT  D O2    1 
ATOM   577 N  N3    . DT  D 4 3  ? 7.782   5.238   -17.365 1.00 160.16 ? 3   DT  D N3    1 
ATOM   578 C  C4    . DT  D 4 3  ? 6.495   4.739   -17.301 1.00 158.55 ? 3   DT  D C4    1 
ATOM   579 O  O4    . DT  D 4 3  ? 5.602   5.302   -16.675 1.00 157.34 ? 3   DT  D O4    1 
ATOM   580 C  C5    . DT  D 4 3  ? 6.274   3.508   -18.023 1.00 158.09 ? 3   DT  D C5    1 
ATOM   581 C  C7    . DT  D 4 3  ? 4.918   2.867   -18.026 1.00 156.57 ? 3   DT  D C7    1 
ATOM   582 C  C6    . DT  D 4 3  ? 7.313   2.966   -18.679 1.00 158.74 ? 3   DT  D C6    1 
ATOM   583 P  P     . DG  D 4 4  ? 12.832  -0.004  -19.433 1.00 182.37 ? 4   DG  D P     1 
ATOM   584 O  OP1   . DG  D 4 4  ? 13.617  -0.754  -20.440 1.00 183.77 ? 4   DG  D OP1   1 
ATOM   585 O  OP2   . DG  D 4 4  ? 11.936  -0.738  -18.512 1.00 174.08 ? 4   DG  D OP2   1 
ATOM   586 O  "O5'" . DG  D 4 4  ? 13.839  0.861   -18.543 1.00 171.19 ? 4   DG  D "O5'" 1 
ATOM   587 C  "C5'" . DG  D 4 4  ? 13.850  2.281   -18.660 1.00 167.44 ? 4   DG  D "C5'" 1 
ATOM   588 C  "C4'" . DG  D 4 4  ? 13.775  2.929   -17.291 1.00 166.49 ? 4   DG  D "C4'" 1 
ATOM   589 O  "O4'" . DG  D 4 4  ? 12.387  3.175   -16.938 1.00 163.56 ? 4   DG  D "O4'" 1 
ATOM   590 C  "C3'" . DG  D 4 4  ? 14.362  2.089   -16.153 1.00 165.41 ? 4   DG  D "C3'" 1 
ATOM   591 O  "O3'" . DG  D 4 4  ? 15.171  2.902   -15.316 1.00 166.90 ? 4   DG  D "O3'" 1 
ATOM   592 C  "C2'" . DG  D 4 4  ? 13.123  1.582   -15.416 1.00 161.03 ? 4   DG  D "C2'" 1 
ATOM   593 C  "C1'" . DG  D 4 4  ? 12.166  2.743   -15.617 1.00 158.96 ? 4   DG  D "C1'" 1 
ATOM   594 N  N9    . DG  D 4 4  ? 10.760  2.375   -15.468 1.00 156.73 ? 4   DG  D N9    1 
ATOM   595 C  C8    . DG  D 4 4  ? 10.138  1.265   -15.981 1.00 156.92 ? 4   DG  D C8    1 
ATOM   596 N  N7    . DG  D 4 4  ? 8.869   1.195   -15.686 1.00 151.79 ? 4   DG  D N7    1 
ATOM   597 C  C5    . DG  D 4 4  ? 8.634   2.330   -14.921 1.00 152.41 ? 4   DG  D C5    1 
ATOM   598 C  C6    . DG  D 4 4  ? 7.441   2.791   -14.313 1.00 148.54 ? 4   DG  D C6    1 
ATOM   599 O  O6    . DG  D 4 4  ? 6.318   2.268   -14.334 1.00 147.49 ? 4   DG  D O6    1 
ATOM   600 N  N1    . DG  D 4 4  ? 7.641   3.985   -13.627 1.00 147.26 ? 4   DG  D N1    1 
ATOM   601 C  C2    . DG  D 4 4  ? 8.839   4.650   -13.538 1.00 149.75 ? 4   DG  D C2    1 
ATOM   602 N  N2    . DG  D 4 4  ? 8.834   5.789   -12.831 1.00 151.80 ? 4   DG  D N2    1 
ATOM   603 N  N3    . DG  D 4 4  ? 9.966   4.230   -14.102 1.00 149.35 ? 4   DG  D N3    1 
ATOM   604 C  C4    . DG  D 4 4  ? 9.789   3.067   -14.775 1.00 154.23 ? 4   DG  D C4    1 
ATOM   605 P  P     . DA  D 4 5  ? 16.549  2.325   -14.722 1.00 177.01 ? 5   DA  D P     1 
ATOM   606 O  OP1   . DA  D 4 5  ? 17.593  3.353   -14.926 1.00 170.21 ? 5   DA  D OP1   1 
ATOM   607 O  OP2   . DA  D 4 5  ? 16.734  0.964   -15.273 1.00 174.93 ? 5   DA  D OP2   1 
ATOM   608 O  "O5'" . DA  D 4 5  ? 16.262  2.180   -13.157 1.00 168.57 ? 5   DA  D "O5'" 1 
ATOM   609 C  "C5'" . DA  D 4 5  ? 17.129  2.801   -12.217 1.00 166.26 ? 5   DA  D "C5'" 1 
ATOM   610 C  "C4'" . DA  D 4 5  ? 16.604  4.170   -11.823 1.00 161.79 ? 5   DA  D "C4'" 1 
ATOM   611 O  "O4'" . DA  D 4 5  ? 15.236  4.314   -12.288 1.00 158.68 ? 5   DA  D "O4'" 1 
ATOM   612 C  "C3'" . DA  D 4 5  ? 16.555  4.422   -10.323 1.00 155.02 ? 5   DA  D "C3'" 1 
ATOM   613 O  "O3'" . DA  D 4 5  ? 16.731  5.803   -10.042 1.00 157.44 ? 5   DA  D "O3'" 1 
ATOM   614 C  "C2'" . DA  D 4 5  ? 15.154  3.950   -9.958  1.00 148.31 ? 5   DA  D "C2'" 1 
ATOM   615 C  "C1'" . DA  D 4 5  ? 14.350  4.364   -11.186 1.00 152.03 ? 5   DA  D "C1'" 1 
ATOM   616 N  N9    . DA  D 4 5  ? 13.222  3.476   -11.454 1.00 152.27 ? 5   DA  D N9    1 
ATOM   617 C  C8    . DA  D 4 5  ? 13.235  2.335   -12.204 1.00 154.49 ? 5   DA  D C8    1 
ATOM   618 N  N7    . DA  D 4 5  ? 12.072  1.730   -12.269 1.00 153.67 ? 5   DA  D N7    1 
ATOM   619 C  C5    . DA  D 4 5  ? 11.240  2.526   -11.500 1.00 149.06 ? 5   DA  D C5    1 
ATOM   620 C  C6    . DA  D 4 5  ? 9.875   2.428   -11.167 1.00 145.22 ? 5   DA  D C6    1 
ATOM   621 N  N6    . DA  D 4 5  ? 9.082   1.436   -11.591 1.00 141.59 ? 5   DA  D N6    1 
ATOM   622 N  N1    . DA  D 4 5  ? 9.353   3.392   -10.378 1.00 140.82 ? 5   DA  D N1    1 
ATOM   623 C  C2    . DA  D 4 5  ? 10.151  4.382   -9.955  1.00 137.57 ? 5   DA  D C2    1 
ATOM   624 N  N3    . DA  D 4 5  ? 11.445  4.579   -10.202 1.00 141.97 ? 5   DA  D N3    1 
ATOM   625 C  C4    . DA  D 4 5  ? 11.934  3.606   -10.988 1.00 147.20 ? 5   DA  D C4    1 
ATOM   626 P  P     . DG  D 4 6  ? 17.006  6.278   -8.532  1.00 162.47 ? 6   DG  D P     1 
ATOM   627 O  OP1   . DG  D 4 6  ? 17.572  7.644   -8.574  1.00 167.80 ? 6   DG  D OP1   1 
ATOM   628 O  OP2   . DG  D 4 6  ? 17.757  5.191   -7.862  1.00 143.94 ? 6   DG  D OP2   1 
ATOM   629 O  "O5'" . DG  D 4 6  ? 15.548  6.332   -7.876  1.00 152.60 ? 6   DG  D "O5'" 1 
ATOM   630 C  "C5'" . DG  D 4 6  ? 15.410  6.285   -6.463  1.00 147.46 ? 6   DG  D "C5'" 1 
ATOM   631 C  "C4'" . DG  D 4 6  ? 13.962  6.071   -6.057  1.00 144.14 ? 6   DG  D "C4'" 1 
ATOM   632 O  "O4'" . DG  D 4 6  ? 13.318  5.170   -6.995  1.00 137.64 ? 6   DG  D "O4'" 1 
ATOM   633 C  "C3'" . DG  D 4 6  ? 13.778  5.445   -4.668  1.00 135.02 ? 6   DG  D "C3'" 1 
ATOM   634 O  "O3'" . DG  D 4 6  ? 12.966  6.282   -3.835  1.00 130.43 ? 6   DG  D "O3'" 1 
ATOM   635 C  "C2'" . DG  D 4 6  ? 13.092  4.103   -4.951  1.00 127.29 ? 6   DG  D "C2'" 1 
ATOM   636 C  "C1'" . DG  D 4 6  ? 12.418  4.358   -6.285  1.00 118.84 ? 6   DG  D "C1'" 1 
ATOM   637 N  N9    . DG  D 4 6  ? 12.172  3.135   -7.048  1.00 122.88 ? 6   DG  D N9    1 
ATOM   638 C  C8    . DG  D 4 6  ? 13.074  2.447   -7.822  1.00 130.74 ? 6   DG  D C8    1 
ATOM   639 N  N7    . DG  D 4 6  ? 12.575  1.381   -8.382  1.00 125.69 ? 6   DG  D N7    1 
ATOM   640 C  C5    . DG  D 4 6  ? 11.258  1.352   -7.945  1.00 125.15 ? 6   DG  D C5    1 
ATOM   641 C  C6    . DG  D 4 6  ? 10.226  0.423   -8.222  1.00 126.98 ? 6   DG  D C6    1 
ATOM   642 O  O6    . DG  D 4 6  ? 10.277  -0.590  -8.932  1.00 129.78 ? 6   DG  D O6    1 
ATOM   643 N  N1    . DG  D 4 6  ? 9.039   0.765   -7.577  1.00 120.85 ? 6   DG  D N1    1 
ATOM   644 C  C2    . DG  D 4 6  ? 8.872   1.863   -6.767  1.00 122.45 ? 6   DG  D C2    1 
ATOM   645 N  N2    . DG  D 4 6  ? 7.652   2.027   -6.233  1.00 126.83 ? 6   DG  D N2    1 
ATOM   646 N  N3    . DG  D 4 6  ? 9.831   2.742   -6.498  1.00 121.30 ? 6   DG  D N3    1 
ATOM   647 C  C4    . DG  D 4 6  ? 10.993  2.423   -7.120  1.00 125.76 ? 6   DG  D C4    1 
ATOM   648 P  P     . DT  D 4 7  ? 13.589  7.009   -2.538  1.00 133.20 ? 7   DT  D P     1 
ATOM   649 O  OP1   . DT  D 4 7  ? 12.613  8.022   -2.083  1.00 139.65 ? 7   DT  D OP1   1 
ATOM   650 O  OP2   . DT  D 4 7  ? 14.965  7.425   -2.885  1.00 139.12 ? 7   DT  D OP2   1 
ATOM   651 O  "O5'" . DT  D 4 7  ? 13.699  5.864   -1.415  1.00 141.75 ? 7   DT  D "O5'" 1 
ATOM   652 C  "C5'" . DT  D 4 7  ? 12.901  4.681   -1.477  1.00 131.06 ? 7   DT  D "C5'" 1 
ATOM   653 C  "C4'" . DT  D 4 7  ? 11.421  4.996   -1.362  1.00 123.67 ? 7   DT  D "C4'" 1 
ATOM   654 O  "O4'" . DT  D 4 7  ? 10.714  4.306   -2.431  1.00 114.17 ? 7   DT  D "O4'" 1 
ATOM   655 C  "C3'" . DT  D 4 7  ? 10.773  4.502   -0.075  1.00 119.10 ? 7   DT  D "C3'" 1 
ATOM   656 O  "O3'" . DT  D 4 7  ? 9.604   5.273   0.245   1.00 114.32 ? 7   DT  D "O3'" 1 
ATOM   657 C  "C2'" . DT  D 4 7  ? 10.409  3.080   -0.453  1.00 112.56 ? 7   DT  D "C2'" 1 
ATOM   658 C  "C1'" . DT  D 4 7  ? 9.923   3.267   -1.883  1.00 108.98 ? 7   DT  D "C1'" 1 
ATOM   659 N  N1    . DT  D 4 7  ? 10.068  2.035   -2.728  1.00 107.36 ? 7   DT  D N1    1 
ATOM   660 C  C2    . DT  D 4 7  ? 8.985   1.203   -2.896  1.00 108.58 ? 7   DT  D C2    1 
ATOM   661 O  O2    . DT  D 4 7  ? 7.895   1.420   -2.400  1.00 119.59 ? 7   DT  D O2    1 
ATOM   662 N  N3    . DT  D 4 7  ? 9.220   0.104   -3.679  1.00 109.67 ? 7   DT  D N3    1 
ATOM   663 C  C4    . DT  D 4 7  ? 10.408  -0.246  -4.295  1.00 111.24 ? 7   DT  D C4    1 
ATOM   664 O  O4    . DT  D 4 7  ? 10.520  -1.258  -4.980  1.00 111.62 ? 7   DT  D O4    1 
ATOM   665 C  C5    . DT  D 4 7  ? 11.505  0.665   -4.074  1.00 111.34 ? 7   DT  D C5    1 
ATOM   666 C  C7    . DT  D 4 7  ? 12.845  0.390   -4.690  1.00 115.67 ? 7   DT  D C7    1 
ATOM   667 C  C6    . DT  D 4 7  ? 11.287  1.746   -3.306  1.00 108.88 ? 7   DT  D C6    1 
ATOM   668 P  P     . DG  D 4 8  ? 8.965   5.189   1.723   1.00 123.19 ? 8   DG  D P     1 
ATOM   669 O  OP1   . DG  D 4 8  ? 8.364   6.506   2.028   1.00 119.55 ? 8   DG  D OP1   1 
ATOM   670 O  OP2   . DG  D 4 8  ? 10.012  4.653   2.619   1.00 132.09 ? 8   DG  D OP2   1 
ATOM   671 O  "O5'" . DG  D 4 8  ? 7.810   4.073   1.607   1.00 97.07  ? 8   DG  D "O5'" 1 
ATOM   672 C  "C5'" . DG  D 4 8  ? 6.487   4.443   1.198   1.00 101.86 ? 8   DG  D "C5'" 1 
ATOM   673 C  "C4'" . DG  D 4 8  ? 5.486   3.296   1.375   1.00 96.65  ? 8   DG  D "C4'" 1 
ATOM   674 O  "O4'" . DG  D 4 8  ? 5.925   2.120   0.650   1.00 101.08 ? 8   DG  D "O4'" 1 
ATOM   675 C  "C3'" . DG  D 4 8  ? 5.250   2.819   2.799   1.00 85.49  ? 8   DG  D "C3'" 1 
ATOM   676 O  "O3'" . DG  D 4 8  ? 3.922   2.305   2.900   1.00 78.77  ? 8   DG  D "O3'" 1 
ATOM   677 C  "C2'" . DG  D 4 8  ? 6.293   1.710   2.944   1.00 92.82  ? 8   DG  D "C2'" 1 
ATOM   678 C  "C1'" . DG  D 4 8  ? 6.256   1.076   1.558   1.00 92.86  ? 8   DG  D "C1'" 1 
ATOM   679 N  N9    . DG  D 4 8  ? 7.528   0.516   1.116   1.00 91.74  ? 8   DG  D N9    1 
ATOM   680 C  C8    . DG  D 4 8  ? 8.780   1.014   1.365   1.00 93.44  ? 8   DG  D C8    1 
ATOM   681 N  N7    . DG  D 4 8  ? 9.734   0.322   0.804   1.00 98.54  ? 8   DG  D N7    1 
ATOM   682 C  C5    . DG  D 4 8  ? 9.072   -0.691  0.131   1.00 94.02  ? 8   DG  D C5    1 
ATOM   683 C  C6    . DG  D 4 8  ? 9.585   -1.751  -0.657  1.00 95.70  ? 8   DG  D C6    1 
ATOM   684 O  O6    . DG  D 4 8  ? 10.770  -2.008  -0.922  1.00 99.53  ? 8   DG  D O6    1 
ATOM   685 N  N1    . DG  D 4 8  ? 8.567   -2.563  -1.150  1.00 91.54  ? 8   DG  D N1    1 
ATOM   686 C  C2    . DG  D 4 8  ? 7.225   -2.372  -0.916  1.00 94.33  ? 8   DG  D C2    1 
ATOM   687 N  N2    . DG  D 4 8  ? 6.392   -3.256  -1.478  1.00 96.74  ? 8   DG  D N2    1 
ATOM   688 N  N3    . DG  D 4 8  ? 6.734   -1.381  -0.182  1.00 98.25  ? 8   DG  D N3    1 
ATOM   689 C  C4    . DG  D 4 8  ? 7.711   -0.584  0.309   1.00 94.75  ? 8   DG  D C4    1 
ATOM   690 P  P     . DG  D 4 9  ? 3.351   1.775   4.304   1.00 95.03  ? 9   DG  D P     1 
ATOM   691 O  OP1   . DG  D 4 9  ? 1.941   2.215   4.406   1.00 99.95  ? 9   DG  D OP1   1 
ATOM   692 O  OP2   . DG  D 4 9  ? 4.316   2.157   5.357   1.00 86.49  ? 9   DG  D OP2   1 
ATOM   693 O  "O5'" . DG  D 4 9  ? 3.372   0.182   4.155   1.00 86.31  ? 9   DG  D "O5'" 1 
ATOM   694 C  "C5'" . DG  D 4 9  ? 2.467   -0.466  3.262   1.00 89.05  ? 9   DG  D "C5'" 1 
ATOM   695 C  "C4'" . DG  D 4 9  ? 2.614   -1.977  3.345   1.00 89.28  ? 9   DG  D "C4'" 1 
ATOM   696 O  "O4'" . DG  D 4 9  ? 3.889   -2.369  2.766   1.00 102.38 ? 9   DG  D "O4'" 1 
ATOM   697 C  "C3'" . DG  D 4 9  ? 2.593   -2.552  4.765   1.00 76.51  ? 9   DG  D "C3'" 1 
ATOM   698 O  "O3'" . DG  D 4 9  ? 1.888   -3.806  4.795   1.00 86.68  ? 9   DG  D "O3'" 1 
ATOM   699 C  "C2'" . DG  D 4 9  ? 4.079   -2.736  5.075   1.00 89.81  ? 9   DG  D "C2'" 1 
ATOM   700 C  "C1'" . DG  D 4 9  ? 4.636   -3.109  3.705   1.00 88.05  ? 9   DG  D "C1'" 1 
ATOM   701 N  N9    . DG  D 4 9  ? 6.055   -2.789  3.528   1.00 84.41  ? 9   DG  D N9    1 
ATOM   702 C  C8    . DG  D 4 9  ? 6.754   -1.766  4.128   1.00 87.41  ? 9   DG  D C8    1 
ATOM   703 N  N7    . DG  D 4 9  ? 8.010   -1.717  3.775   1.00 91.74  ? 9   DG  D N7    1 
ATOM   704 C  C5    . DG  D 4 9  ? 8.159   -2.775  2.884   1.00 94.83  ? 9   DG  D C5    1 
ATOM   705 C  C6    . DG  D 4 9  ? 9.306   -3.220  2.179   1.00 84.87  ? 9   DG  D C6    1 
ATOM   706 O  O6    . DG  D 4 9  ? 10.452  -2.749  2.201   1.00 95.34  ? 9   DG  D O6    1 
ATOM   707 N  N1    . DG  D 4 9  ? 9.023   -4.324  1.381   1.00 87.15  ? 9   DG  D N1    1 
ATOM   708 C  C2    . DG  D 4 9  ? 7.791   -4.928  1.278   1.00 94.91  ? 9   DG  D C2    1 
ATOM   709 N  N2    . DG  D 4 9  ? 7.714   -5.985  0.457   1.00 97.90  ? 9   DG  D N2    1 
ATOM   710 N  N3    . DG  D 4 9  ? 6.707   -4.523  1.937   1.00 96.12  ? 9   DG  D N3    1 
ATOM   711 C  C4    . DG  D 4 9  ? 6.964   -3.442  2.717   1.00 96.07  ? 9   DG  D C4    1 
ATOM   712 P  P     . DG  D 4 10 ? 0.284   -3.850  4.943   1.00 105.38 ? 10  DG  D P     1 
ATOM   713 O  OP1   . DG  D 4 10 ? -0.225  -4.761  3.893   1.00 113.38 ? 10  DG  D OP1   1 
ATOM   714 O  OP2   . DG  D 4 10 ? -0.210  -2.457  5.011   1.00 111.32 ? 10  DG  D OP2   1 
ATOM   715 O  "O5'" . DG  D 4 10 ? 0.026   -4.544  6.366   1.00 106.56 ? 10  DG  D "O5'" 1 
ATOM   716 C  "C5'" . DG  D 4 10 ? 0.697   -4.066  7.524   1.00 100.63 ? 10  DG  D "C5'" 1 
ATOM   717 C  "C4'" . DG  D 4 10 ? -0.082  -4.379  8.795   1.00 96.80  ? 10  DG  D "C4'" 1 
ATOM   718 O  "O4'" . DG  D 4 10 ? 0.252   -3.393  9.807   1.00 103.02 ? 10  DG  D "O4'" 1 
ATOM   719 C  "C3'" . DG  D 4 10 ? -1.602  -4.334  8.657   1.00 99.39  ? 10  DG  D "C3'" 1 
ATOM   720 O  "O3'" . DG  D 4 10 ? -2.103  -5.646  8.447   1.00 106.29 ? 10  DG  D "O3'" 1 
ATOM   721 C  "C2'" . DG  D 4 10 ? -2.051  -3.785  10.008  1.00 98.12  ? 10  DG  D "C2'" 1 
ATOM   722 C  "C1'" . DG  D 4 10 ? -0.927  -2.827  10.346  1.00 95.83  ? 10  DG  D "C1'" 1 
ATOM   723 N  N9    . DG  D 4 10 ? -1.100  -1.497  9.770   1.00 88.91  ? 10  DG  D N9    1 
ATOM   724 C  C8    . DG  D 4 10 ? -0.471  -1.001  8.655   1.00 90.42  ? 10  DG  D C8    1 
ATOM   725 N  N7    . DG  D 4 10 ? -0.810  0.221   8.365   1.00 98.13  ? 10  DG  D N7    1 
ATOM   726 C  C5    . DG  D 4 10 ? -1.724  0.565   9.350   1.00 99.95  ? 10  DG  D C5    1 
ATOM   727 C  C6    . DG  D 4 10 ? -2.428  1.773   9.550   1.00 102.11 ? 10  DG  D C6    1 
ATOM   728 O  O6    . DG  D 4 10 ? -2.383  2.807   8.872   1.00 102.18 ? 10  DG  D O6    1 
ATOM   729 N  N1    . DG  D 4 10 ? -3.257  1.709   10.666  1.00 113.55 ? 10  DG  D N1    1 
ATOM   730 C  C2    . DG  D 4 10 ? -3.389  0.614   11.487  1.00 112.40 ? 10  DG  D C2    1 
ATOM   731 N  N2    . DG  D 4 10 ? -4.239  0.745   12.516  1.00 115.82 ? 10  DG  D N2    1 
ATOM   732 N  N3    . DG  D 4 10 ? -2.731  -0.529  11.314  1.00 107.31 ? 10  DG  D N3    1 
ATOM   733 C  C4    . DG  D 4 10 ? -1.918  -0.482  10.227  1.00 101.48 ? 10  DG  D C4    1 
ATOM   734 P  P     . DG  D 4 11 ? -3.491  -5.871  7.672   1.00 113.39 ? 11  DG  D P     1 
ATOM   735 O  OP1   . DG  D 4 11 ? -3.716  -7.332  7.593   1.00 105.17 ? 11  DG  D OP1   1 
ATOM   736 O  OP2   . DG  D 4 11 ? -3.445  -5.056  6.436   1.00 113.37 ? 11  DG  D OP2   1 
ATOM   737 O  "O5'" . DG  D 4 11 ? -4.592  -5.236  8.644   1.00 99.76  ? 11  DG  D "O5'" 1 
ATOM   738 C  "C5'" . DG  D 4 11 ? -4.835  -5.816  9.926   1.00 108.59 ? 11  DG  D "C5'" 1 
ATOM   739 C  "C4'" . DG  D 4 11 ? -5.830  -4.979  10.712  1.00 115.73 ? 11  DG  D "C4'" 1 
ATOM   740 O  "O4'" . DG  D 4 11 ? -5.287  -3.658  10.927  1.00 112.01 ? 11  DG  D "O4'" 1 
ATOM   741 C  "C3'" . DG  D 4 11 ? -7.156  -4.761  10.011  1.00 129.19 ? 11  DG  D "C3'" 1 
ATOM   742 O  "O3'" . DG  D 4 11 ? -8.052  -5.798  10.365  1.00 126.97 ? 11  DG  D "O3'" 1 
ATOM   743 C  "C2'" . DG  D 4 11 ? -7.623  -3.416  10.559  1.00 125.31 ? 11  DG  D "C2'" 1 
ATOM   744 C  "C1'" . DG  D 4 11 ? -6.311  -2.683  10.825  1.00 113.38 ? 11  DG  D "C1'" 1 
ATOM   745 N  N9    . DG  D 4 11 ? -5.928  -1.730  9.786   1.00 108.89 ? 11  DG  D N9    1 
ATOM   746 C  C8    . DG  D 4 11 ? -5.075  -1.960  8.734   1.00 113.30 ? 11  DG  D C8    1 
ATOM   747 N  N7    . DG  D 4 11 ? -4.893  -0.919  7.973   1.00 115.04 ? 11  DG  D N7    1 
ATOM   748 C  C5    . DG  D 4 11 ? -5.668  0.072   8.560   1.00 107.25 ? 11  DG  D C5    1 
ATOM   749 C  C6    . DG  D 4 11 ? -5.867  1.418   8.176   1.00 120.32 ? 11  DG  D C6    1 
ATOM   750 O  O6    . DG  D 4 11 ? -5.379  2.020   7.208   1.00 124.28 ? 11  DG  D O6    1 
ATOM   751 N  N1    . DG  D 4 11 ? -6.730  2.082   9.045   1.00 123.95 ? 11  DG  D N1    1 
ATOM   752 C  C2    . DG  D 4 11 ? -7.326  1.516   10.146  1.00 127.68 ? 11  DG  D C2    1 
ATOM   753 N  N2    . DG  D 4 11 ? -8.130  2.314   10.863  1.00 133.28 ? 11  DG  D N2    1 
ATOM   754 N  N3    . DG  D 4 11 ? -7.148  0.253   10.520  1.00 122.52 ? 11  DG  D N3    1 
ATOM   755 C  C4    . DG  D 4 11 ? -6.309  -0.407  9.682   1.00 112.52 ? 11  DG  D C4    1 
ATOM   756 P  P     . DT  D 4 12 ? -9.436  -5.969  9.571   1.00 128.86 ? 12  DT  D P     1 
ATOM   757 O  OP1   . DT  D 4 12 ? -9.885  -7.371  9.733   1.00 142.98 ? 12  DT  D OP1   1 
ATOM   758 O  OP2   . DT  D 4 12 ? -9.224  -5.406  8.219   1.00 115.22 ? 12  DT  D OP2   1 
ATOM   759 O  "O5'" . DT  D 4 12 ? -10.445 -4.989  10.333  1.00 125.66 ? 12  DT  D "O5'" 1 
ATOM   760 C  "C5'" . DT  D 4 12 ? -10.568 -5.041  11.753  1.00 135.01 ? 12  DT  D "C5'" 1 
ATOM   761 C  "C4'" . DT  D 4 12 ? -11.474 -3.929  12.254  1.00 144.70 ? 12  DT  D "C4'" 1 
ATOM   762 O  "O4'" . DT  D 4 12 ? -10.933 -2.644  11.842  1.00 138.42 ? 12  DT  D "O4'" 1 
ATOM   763 C  "C3'" . DT  D 4 12 ? -12.906 -3.967  11.722  1.00 148.86 ? 12  DT  D "C3'" 1 
ATOM   764 O  "O3'" . DT  D 4 12 ? -13.822 -3.519  12.731  1.00 155.32 ? 12  DT  D "O3'" 1 
ATOM   765 C  "C2'" . DT  D 4 12 ? -12.851 -3.005  10.539  1.00 142.44 ? 12  DT  D "C2'" 1 
ATOM   766 C  "C1'" . DT  D 4 12 ? -11.880 -1.954  11.051  1.00 137.99 ? 12  DT  D "C1'" 1 
ATOM   767 N  N1    . DT  D 4 12 ? -11.157 -1.242  9.966   1.00 130.48 ? 12  DT  D N1    1 
ATOM   768 C  C2    . DT  D 4 12 ? -11.326 0.113   9.823   1.00 134.66 ? 12  DT  D C2    1 
ATOM   769 O  O2    . DT  D 4 12 ? -12.042 0.776   10.551  1.00 137.76 ? 12  DT  D O2    1 
ATOM   770 N  N3    . DT  D 4 12 ? -10.617 0.674   8.794   1.00 133.33 ? 12  DT  D N3    1 
ATOM   771 C  C4    . DT  D 4 12 ? -9.777  0.024   7.910   1.00 127.48 ? 12  DT  D C4    1 
ATOM   772 O  O4    . DT  D 4 12 ? -9.182  0.616   7.016   1.00 127.47 ? 12  DT  D O4    1 
ATOM   773 C  C5    . DT  D 4 12 ? -9.648  -1.399  8.112   1.00 123.10 ? 12  DT  D C5    1 
ATOM   774 C  C7    . DT  D 4 12 ? -8.762  -2.211  7.215   1.00 121.74 ? 12  DT  D C7    1 
ATOM   775 C  C6    . DT  D 4 12 ? -10.339 -1.957  9.116   1.00 123.43 ? 12  DT  D C6    1 
ATOM   776 P  P     . DC  D 4 13 ? -15.360 -3.222  12.363  1.00 153.46 ? 13  DC  D P     1 
ATOM   777 O  OP1   . DC  D 4 13 ? -16.155 -3.244  13.612  1.00 161.60 ? 13  DC  D OP1   1 
ATOM   778 O  OP2   . DC  D 4 13 ? -15.741 -4.124  11.253  1.00 155.47 ? 13  DC  D OP2   1 
ATOM   779 O  "O5'" . DC  D 4 13 ? -15.335 -1.719  11.818  1.00 130.59 ? 13  DC  D "O5'" 1 
ATOM   780 C  "C5'" . DC  D 4 13 ? -16.230 -1.312  10.794  1.00 140.46 ? 13  DC  D "C5'" 1 
ATOM   781 C  "C4'" . DC  D 4 13 ? -16.198 0.196   10.628  1.00 147.98 ? 13  DC  D "C4'" 1 
ATOM   782 O  "O4'" . DC  D 4 13 ? -15.016 0.581   9.878   1.00 138.14 ? 13  DC  D "O4'" 1 
ATOM   783 C  "C3'" . DC  D 4 13 ? -17.383 0.786   9.866   1.00 161.16 ? 13  DC  D "C3'" 1 
ATOM   784 O  "O3'" . DC  D 4 13 ? -17.756 2.032   10.445  1.00 169.85 ? 13  DC  D "O3'" 1 
ATOM   785 C  "C2'" . DC  D 4 13 ? -16.818 0.970   8.461   1.00 158.40 ? 13  DC  D "C2'" 1 
ATOM   786 C  "C1'" . DC  D 4 13 ? -15.401 1.393   8.789   1.00 149.96 ? 13  DC  D "C1'" 1 
ATOM   787 N  N1    . DC  D 4 13 ? -14.424 1.192   7.683   1.00 145.70 ? 13  DC  D N1    1 
ATOM   788 C  C2    . DC  D 4 13 ? -14.002 2.288   6.921   1.00 147.15 ? 13  DC  D C2    1 
ATOM   789 O  O2    . DC  D 4 13 ? -14.467 3.409   7.164   1.00 144.18 ? 13  DC  D O2    1 
ATOM   790 N  N3    . DC  D 4 13 ? -13.097 2.088   5.930   1.00 147.41 ? 13  DC  D N3    1 
ATOM   791 C  C4    . DC  D 4 13 ? -12.620 0.864   5.700   1.00 145.94 ? 13  DC  D C4    1 
ATOM   792 N  N4    . DC  D 4 13 ? -11.730 0.716   4.712   1.00 143.71 ? 13  DC  D N4    1 
ATOM   793 C  C5    . DC  D 4 13 ? -13.032 -0.263  6.469   1.00 141.44 ? 13  DC  D C5    1 
ATOM   794 C  C6    . DC  D 4 13 ? -13.924 -0.054  7.443   1.00 139.21 ? 13  DC  D C6    1 
ATOM   795 P  P     . DT  D 4 14 ? -19.301 2.467   10.486  1.00 177.11 ? 14  DT  D P     1 
ATOM   796 O  OP1   . DT  D 4 14 ? -19.363 3.931   10.709  1.00 172.02 ? 14  DT  D OP1   1 
ATOM   797 O  OP2   . DT  D 4 14 ? -19.972 1.566   11.448  1.00 174.49 ? 14  DT  D OP2   1 
ATOM   798 O  "O5'" . DT  D 4 14 ? -19.832 2.096   9.020   1.00 172.92 ? 14  DT  D "O5'" 1 
ATOM   799 C  "C5'" . DT  D 4 14 ? -20.802 2.913   8.371   1.00 176.60 ? 14  DT  D "C5'" 1 
ATOM   800 C  "C4'" . DT  D 4 14 ? -20.141 4.102   7.698   1.00 179.58 ? 14  DT  D "C4'" 1 
ATOM   801 O  "O4'" . DT  D 4 14 ? -18.845 3.715   7.169   1.00 172.32 ? 14  DT  D "O4'" 1 
ATOM   802 C  "C3'" . DT  D 4 14 ? -20.915 4.704   6.522   1.00 182.47 ? 14  DT  D "C3'" 1 
ATOM   803 O  "O3'" . DT  D 4 14 ? -20.901 6.121   6.626   1.00 188.42 ? 14  DT  D "O3'" 1 
ATOM   804 C  "C2'" . DT  D 4 14 ? -20.123 4.224   5.303   1.00 177.64 ? 14  DT  D "C2'" 1 
ATOM   805 C  "C1'" . DT  D 4 14 ? -18.715 4.227   5.866   1.00 173.76 ? 14  DT  D "C1'" 1 
ATOM   806 N  N1    . DT  D 4 14 ? -17.732 3.383   5.108   1.00 168.34 ? 14  DT  D N1    1 
ATOM   807 C  C2    . DT  D 4 14 ? -16.896 3.985   4.196   1.00 166.67 ? 14  DT  D C2    1 
ATOM   808 O  O2    . DT  D 4 14 ? -16.923 5.176   3.951   1.00 165.35 ? 14  DT  D O2    1 
ATOM   809 N  N3    . DT  D 4 14 ? -16.023 3.134   3.571   1.00 163.93 ? 14  DT  D N3    1 
ATOM   810 C  C4    . DT  D 4 14 ? -15.900 1.771   3.765   1.00 161.02 ? 14  DT  D C4    1 
ATOM   811 O  O4    . DT  D 4 14 ? -15.082 1.093   3.153   1.00 159.85 ? 14  DT  D O4    1 
ATOM   812 C  C5    . DT  D 4 14 ? -16.801 1.202   4.739   1.00 160.04 ? 14  DT  D C5    1 
ATOM   813 C  C7    . DT  D 4 14 ? -16.759 -0.269  5.032   1.00 152.07 ? 14  DT  D C7    1 
ATOM   814 C  C6    . DT  D 4 14 ? -17.664 2.027   5.357   1.00 163.78 ? 14  DT  D C6    1 
ATOM   815 P  P     . DG  D 4 15 ? -22.113 6.993   6.036   1.00 202.60 ? 15  DG  D P     1 
ATOM   816 O  OP1   . DG  D 4 15 ? -21.959 8.370   6.556   1.00 200.64 ? 15  DG  D OP1   1 
ATOM   817 O  OP2   . DG  D 4 15 ? -23.368 6.247   6.280   1.00 203.26 ? 15  DG  D OP2   1 
ATOM   818 O  "O5'" . DG  D 4 15 ? -21.826 7.034   4.463   1.00 178.30 ? 15  DG  D "O5'" 1 
ATOM   819 C  "C5'" . DG  D 4 15 ? -20.857 7.940   3.943   1.00 178.72 ? 15  DG  D "C5'" 1 
ATOM   820 C  "C4'" . DG  D 4 15 ? -20.570 7.640   2.484   1.00 177.48 ? 15  DG  D "C4'" 1 
ATOM   821 O  "O4'" . DG  D 4 15 ? -19.634 6.555   2.393   1.00 175.52 ? 15  DG  D "O4'" 1 
ATOM   822 C  "C3'" . DG  D 4 15 ? -21.777 7.174   1.682   1.00 174.41 ? 15  DG  D "C3'" 1 
ATOM   823 O  "O3'" . DG  D 4 15 ? -22.481 8.294   1.054   1.00 182.82 ? 15  DG  D "O3'" 1 
ATOM   824 C  "C2'" . DG  D 4 15 ? -21.196 6.181   0.657   1.00 167.66 ? 15  DG  D "C2'" 1 
ATOM   825 C  "C1'" . DG  D 4 15 ? -19.743 5.984   1.113   1.00 169.40 ? 15  DG  D "C1'" 1 
ATOM   826 N  N9    . DG  D 4 15 ? -19.337 4.584   1.191   1.00 170.01 ? 15  DG  D N9    1 
ATOM   827 C  C8    . DG  D 4 15 ? -19.919 3.594   1.943   1.00 168.41 ? 15  DG  D C8    1 
ATOM   828 N  N7    . DG  D 4 15 ? -19.340 2.433   1.814   1.00 166.72 ? 15  DG  D N7    1 
ATOM   829 C  C5    . DG  D 4 15 ? -18.307 2.667   0.916   1.00 168.30 ? 15  DG  D C5    1 
ATOM   830 C  C6    . DG  D 4 15 ? -17.338 1.780   0.394   1.00 163.28 ? 15  DG  D C6    1 
ATOM   831 O  O6    . DG  D 4 15 ? -17.197 0.572   0.630   1.00 161.13 ? 15  DG  D O6    1 
ATOM   832 N  N1    . DG  D 4 15 ? -16.474 2.422   -0.487  1.00 161.44 ? 15  DG  D N1    1 
ATOM   833 C  C2    . DG  D 4 15 ? -16.538 3.754   -0.820  1.00 162.88 ? 15  DG  D C2    1 
ATOM   834 N  N2    . DG  D 4 15 ? -15.616 4.194   -1.688  1.00 157.68 ? 15  DG  D N2    1 
ATOM   835 N  N3    . DG  D 4 15 ? -17.442 4.598   -0.338  1.00 167.24 ? 15  DG  D N3    1 
ATOM   836 C  C4    . DG  D 4 15 ? -18.291 3.986   0.523   1.00 169.70 ? 15  DG  D C4    1 
ATOM   837 P  P     . DC  D 4 16 ? -21.720 9.518   0.325   1.00 187.01 ? 16  DC  D P     1 
ATOM   838 O  OP1   . DC  D 4 16 ? -20.979 10.346  1.305   1.00 184.97 ? 16  DC  D OP1   1 
ATOM   839 O  OP2   . DC  D 4 16 ? -22.749 10.183  -0.501  1.00 181.45 ? 16  DC  D OP2   1 
ATOM   840 O  "O5'" . DC  D 4 16 ? -20.714 8.829   -0.709  1.00 176.29 ? 16  DC  D "O5'" 1 
ATOM   841 C  "C5'" . DC  D 4 16 ? -21.168 8.500   -2.022  1.00 167.88 ? 16  DC  D "C5'" 1 
ATOM   842 C  "C4'" . DC  D 4 16 ? -20.004 8.410   -2.992  1.00 168.51 ? 16  DC  D "C4'" 1 
ATOM   843 O  "O4'" . DC  D 4 16 ? -19.215 7.228   -2.691  1.00 170.18 ? 16  DC  D "O4'" 1 
ATOM   844 C  "C3'" . DC  D 4 16 ? -20.402 8.274   -4.457  1.00 163.10 ? 16  DC  D "C3'" 1 
ATOM   845 O  "O3'" . DC  D 4 16 ? -19.417 8.878   -5.285  1.00 157.14 ? 16  DC  D "O3'" 1 
ATOM   846 C  "C2'" . DC  D 4 16 ? -20.436 6.764   -4.644  1.00 162.44 ? 16  DC  D "C2'" 1 
ATOM   847 C  "C1'" . DC  D 4 16 ? -19.256 6.333   -3.784  1.00 166.63 ? 16  DC  D "C1'" 1 
ATOM   848 N  N1    . DC  D 4 16 ? -19.385 4.946   -3.255  1.00 165.89 ? 16  DC  D N1    1 
ATOM   849 C  C2    . DC  D 4 16 ? -18.479 3.962   -3.663  1.00 163.73 ? 16  DC  D C2    1 
ATOM   850 O  O2    . DC  D 4 16 ? -17.580 4.260   -4.460  1.00 161.76 ? 16  DC  D O2    1 
ATOM   851 N  N3    . DC  D 4 16 ? -18.612 2.704   -3.174  1.00 162.74 ? 16  DC  D N3    1 
ATOM   852 C  C4    . DC  D 4 16 ? -19.595 2.421   -2.317  1.00 162.65 ? 16  DC  D C4    1 
ATOM   853 N  N4    . DC  D 4 16 ? -19.684 1.168   -1.862  1.00 157.98 ? 16  DC  D N4    1 
ATOM   854 C  C5    . DC  D 4 16 ? -20.529 3.411   -1.891  1.00 164.82 ? 16  DC  D C5    1 
ATOM   855 C  C6    . DC  D 4 16 ? -20.388 4.648   -2.381  1.00 165.20 ? 16  DC  D C6    1 
HETATM 856 AS AS    . CAC E 5 .  ? 12.089  0.112   5.060   1.00 190.34 ? 101 CAC C AS    1 
HETATM 857 AS AS    . CAC F 5 .  ? -3.322  0.570   4.148   1.00 132.32 ? 101 CAC D AS    1 
# 
loop_
_pdbx_poly_seq_scheme.asym_id 
_pdbx_poly_seq_scheme.entity_id 
_pdbx_poly_seq_scheme.seq_id 
_pdbx_poly_seq_scheme.mon_id 
_pdbx_poly_seq_scheme.ndb_seq_num 
_pdbx_poly_seq_scheme.pdb_seq_num 
_pdbx_poly_seq_scheme.auth_seq_num 
_pdbx_poly_seq_scheme.pdb_mon_id 
_pdbx_poly_seq_scheme.auth_mon_id 
_pdbx_poly_seq_scheme.pdb_strand_id 
_pdbx_poly_seq_scheme.pdb_ins_code 
_pdbx_poly_seq_scheme.hetero 
A 1 1  DG 1  1  1  DG DG A . n 
A 1 2  DA 2  2  2  DA DA A . n 
A 1 3  DG 3  3  3  DG DG A . n 
A 1 4  DC 4  4  4  DC DC A . n 
A 1 5  DA 5  5  5  DA DA A . n 
A 1 6  DG 6  6  6  DG DG A . n 
A 1 7  DA 7  7  7  DA DA A . n 
A 1 8  DC 8  8  8  DC DC A . n 
A 1 9  DC 9  9  9  DC DC A . n 
A 1 10 DA 10 10 10 DA DA A . n 
A 1 11 DG 11 11 11 DG DG A . n 
B 2 1  DA 1  12 12 DA DA B . n 
B 2 2  DC 2  13 13 DC DC B . n 
B 2 3  DA 3  14 14 DA DA B . n 
B 2 4  DC 4  15 15 DC DC B . n 
B 2 5  DC 5  16 16 DC DC B . n 
B 2 6  DA 6  17 17 DA DA B . n 
B 2 7  DC 7  18 18 DC DC B . n 
B 2 8  DT 8  19 19 DT DT B . n 
B 2 9  DC 9  20 20 DC DC B . n 
B 2 10 DA 10 21 21 DA DA B . n 
C 3 1  DC 1  1  1  DC DC C . n 
C 3 2  DT 2  2  2  DT DT C . n 
C 3 3  DT 3  3  3  DT DT C . n 
C 3 4  DG 4  4  4  DG DG C . n 
C 3 5  DT 5  5  5  DT DT C . n 
D 4 1  DT 1  1  1  DT DT D . n 
D 4 2  DC 2  2  2  DC DC D . n 
D 4 3  DT 3  3  3  DT DT D . n 
D 4 4  DG 4  4  4  DG DG D . n 
D 4 5  DA 5  5  5  DA DA D . n 
D 4 6  DG 6  6  6  DG DG D . n 
D 4 7  DT 7  7  7  DT DT D . n 
D 4 8  DG 8  8  8  DG DG D . n 
D 4 9  DG 9  9  9  DG DG D . n 
D 4 10 DG 10 10 10 DG DG D . n 
D 4 11 DG 11 11 11 DG DG D . n 
D 4 12 DT 12 12 12 DT DT D . n 
D 4 13 DC 13 13 13 DC DC D . n 
D 4 14 DT 14 14 14 DT DT D . n 
D 4 15 DG 15 15 15 DG DG D . n 
D 4 16 DC 16 16 16 DC DC D . n 
# 
loop_
_pdbx_nonpoly_scheme.asym_id 
_pdbx_nonpoly_scheme.entity_id 
_pdbx_nonpoly_scheme.mon_id 
_pdbx_nonpoly_scheme.ndb_seq_num 
_pdbx_nonpoly_scheme.pdb_seq_num 
_pdbx_nonpoly_scheme.auth_seq_num 
_pdbx_nonpoly_scheme.pdb_mon_id 
_pdbx_nonpoly_scheme.auth_mon_id 
_pdbx_nonpoly_scheme.pdb_strand_id 
_pdbx_nonpoly_scheme.pdb_ins_code 
E 5 CAC 1 101 2 CAC AS C . 
F 5 CAC 1 101 1 CAC AS D . 
# 
_pdbx_struct_assembly.id                   1 
_pdbx_struct_assembly.details              author_and_software_defined_assembly 
_pdbx_struct_assembly.method_details       PISA 
_pdbx_struct_assembly.oligomeric_details   tetrameric 
_pdbx_struct_assembly.oligomeric_count     4 
# 
_pdbx_struct_assembly_gen.assembly_id       1 
_pdbx_struct_assembly_gen.oper_expression   1 
_pdbx_struct_assembly_gen.asym_id_list      A,B,C,D,E,F 
# 
loop_
_pdbx_struct_assembly_prop.biol_id 
_pdbx_struct_assembly_prop.type 
_pdbx_struct_assembly_prop.value 
_pdbx_struct_assembly_prop.details 
1 'ABSA (A^2)' 2580 ? 
1 MORE         -15  ? 
1 'SSA (A^2)'  8030 ? 
# 
_pdbx_struct_oper_list.id                   1 
_pdbx_struct_oper_list.type                 'identity operation' 
_pdbx_struct_oper_list.name                 1_555 
_pdbx_struct_oper_list.symmetry_operation   x,y,z 
_pdbx_struct_oper_list.matrix[1][1]         1.0000000000 
_pdbx_struct_oper_list.matrix[1][2]         0.0000000000 
_pdbx_struct_oper_list.matrix[1][3]         0.0000000000 
_pdbx_struct_oper_list.vector[1]            0.0000000000 
_pdbx_struct_oper_list.matrix[2][1]         0.0000000000 
_pdbx_struct_oper_list.matrix[2][2]         1.0000000000 
_pdbx_struct_oper_list.matrix[2][3]         0.0000000000 
_pdbx_struct_oper_list.vector[2]            0.0000000000 
_pdbx_struct_oper_list.matrix[3][1]         0.0000000000 
_pdbx_struct_oper_list.matrix[3][2]         0.0000000000 
_pdbx_struct_oper_list.matrix[3][3]         1.0000000000 
_pdbx_struct_oper_list.vector[3]            0.0000000000 
# 
loop_
_pdbx_audit_revision_history.ordinal 
_pdbx_audit_revision_history.data_content_type 
_pdbx_audit_revision_history.major_revision 
_pdbx_audit_revision_history.minor_revision 
_pdbx_audit_revision_history.revision_date 
1 'Structure model' 1 0 2021-07-14 
2 'Structure model' 1 1 2022-07-06 
3 'Structure model' 1 2 2023-10-18 
# 
_pdbx_audit_revision_details.ordinal             1 
_pdbx_audit_revision_details.revision_ordinal    1 
_pdbx_audit_revision_details.data_content_type   'Structure model' 
_pdbx_audit_revision_details.provider            repository 
_pdbx_audit_revision_details.type                'Initial release' 
_pdbx_audit_revision_details.description         ? 
_pdbx_audit_revision_details.details             ? 
# 
loop_
_pdbx_audit_revision_group.ordinal 
_pdbx_audit_revision_group.revision_ordinal 
_pdbx_audit_revision_group.data_content_type 
_pdbx_audit_revision_group.group 
1 2 'Structure model' 'Database references'    
2 3 'Structure model' 'Data collection'        
3 3 'Structure model' 'Refinement description' 
# 
loop_
_pdbx_audit_revision_category.ordinal 
_pdbx_audit_revision_category.revision_ordinal 
_pdbx_audit_revision_category.data_content_type 
_pdbx_audit_revision_category.category 
1 2 'Structure model' citation                      
2 2 'Structure model' citation_author               
3 2 'Structure model' database_2                    
4 3 'Structure model' chem_comp_atom                
5 3 'Structure model' chem_comp_bond                
6 3 'Structure model' pdbx_initial_refinement_model 
# 
loop_
_pdbx_audit_revision_item.ordinal 
_pdbx_audit_revision_item.revision_ordinal 
_pdbx_audit_revision_item.data_content_type 
_pdbx_audit_revision_item.item 
1  2 'Structure model' '_citation.country'                   
2  2 'Structure model' '_citation.journal_abbrev'            
3  2 'Structure model' '_citation.journal_id_CSD'            
4  2 'Structure model' '_citation.journal_id_ISSN'           
5  2 'Structure model' '_citation.journal_volume'            
6  2 'Structure model' '_citation.page_first'                
7  2 'Structure model' '_citation.page_last'                 
8  2 'Structure model' '_citation.pdbx_database_id_DOI'      
9  2 'Structure model' '_citation.pdbx_database_id_PubMed'   
10 2 'Structure model' '_citation.title'                     
11 2 'Structure model' '_citation.year'                      
12 2 'Structure model' '_database_2.pdbx_DOI'                
13 2 'Structure model' '_database_2.pdbx_database_accession' 
# 
loop_
_software.citation_id 
_software.classification 
_software.compiler_name 
_software.compiler_version 
_software.contact_author 
_software.contact_author_email 
_software.date 
_software.description 
_software.dependencies 
_software.hardware 
_software.language 
_software.location 
_software.mods 
_software.name 
_software.os 
_software.os_version 
_software.type 
_software.version 
_software.pdbx_ordinal 
? 'data reduction'  ? ? ? ? ? ? ? ? ? ? ? HKL-2000    ? ? ? .           1 
? 'data scaling'    ? ? ? ? ? ? ? ? ? ? ? HKL-2000    ? ? ? .           2 
? refinement        ? ? ? ? ? ? ? ? ? ? ? PHENIX      ? ? ? 1.11.1_2575 3 
? 'data extraction' ? ? ? ? ? ? ? ? ? ? ? PDB_EXTRACT ? ? ? 3.25        4 
? phasing           ? ? ? ? ? ? ? ? ? ? ? PHASER      ? ? ? .           5 
# 
_pdbx_entry_details.entry_id                 6XDZ 
_pdbx_entry_details.has_ligand_of_interest   N 
_pdbx_entry_details.compound_details         ? 
_pdbx_entry_details.source_details           ? 
_pdbx_entry_details.nonpolymer_details       ? 
_pdbx_entry_details.sequence_details         ? 
# 
loop_
_pdbx_unobs_or_zero_occ_atoms.id 
_pdbx_unobs_or_zero_occ_atoms.PDB_model_num 
_pdbx_unobs_or_zero_occ_atoms.polymer_flag 
_pdbx_unobs_or_zero_occ_atoms.occupancy_flag 
_pdbx_unobs_or_zero_occ_atoms.auth_asym_id 
_pdbx_unobs_or_zero_occ_atoms.auth_comp_id 
_pdbx_unobs_or_zero_occ_atoms.auth_seq_id 
_pdbx_unobs_or_zero_occ_atoms.PDB_ins_code 
_pdbx_unobs_or_zero_occ_atoms.auth_atom_id 
_pdbx_unobs_or_zero_occ_atoms.label_alt_id 
_pdbx_unobs_or_zero_occ_atoms.label_asym_id 
_pdbx_unobs_or_zero_occ_atoms.label_comp_id 
_pdbx_unobs_or_zero_occ_atoms.label_seq_id 
_pdbx_unobs_or_zero_occ_atoms.label_atom_id 
1 1 N 1 C CAC 101 ? O1 ? E CAC 1 O1 
2 1 N 1 C CAC 101 ? O2 ? E CAC 1 O2 
3 1 N 1 C CAC 101 ? C1 ? E CAC 1 C1 
4 1 N 1 C CAC 101 ? C2 ? E CAC 1 C2 
5 1 N 1 D CAC 101 ? O1 ? F CAC 1 O1 
6 1 N 1 D CAC 101 ? O2 ? F CAC 1 O2 
7 1 N 1 D CAC 101 ? C1 ? F CAC 1 C1 
8 1 N 1 D CAC 101 ? C2 ? F CAC 1 C2 
# 
loop_
_chem_comp_atom.comp_id 
_chem_comp_atom.atom_id 
_chem_comp_atom.type_symbol 
_chem_comp_atom.pdbx_aromatic_flag 
_chem_comp_atom.pdbx_stereo_config 
_chem_comp_atom.pdbx_ordinal 
CAC AS     AS N N 1   
CAC O1     O  N N 2   
CAC O2     O  N N 3   
CAC C1     C  N N 4   
CAC C2     C  N N 5   
CAC H11    H  N N 6   
CAC H12    H  N N 7   
CAC H13    H  N N 8   
CAC H21    H  N N 9   
CAC H22    H  N N 10  
CAC H23    H  N N 11  
DA  OP3    O  N N 12  
DA  P      P  N N 13  
DA  OP1    O  N N 14  
DA  OP2    O  N N 15  
DA  "O5'"  O  N N 16  
DA  "C5'"  C  N N 17  
DA  "C4'"  C  N R 18  
DA  "O4'"  O  N N 19  
DA  "C3'"  C  N S 20  
DA  "O3'"  O  N N 21  
DA  "C2'"  C  N N 22  
DA  "C1'"  C  N R 23  
DA  N9     N  Y N 24  
DA  C8     C  Y N 25  
DA  N7     N  Y N 26  
DA  C5     C  Y N 27  
DA  C6     C  Y N 28  
DA  N6     N  N N 29  
DA  N1     N  Y N 30  
DA  C2     C  Y N 31  
DA  N3     N  Y N 32  
DA  C4     C  Y N 33  
DA  HOP3   H  N N 34  
DA  HOP2   H  N N 35  
DA  "H5'"  H  N N 36  
DA  "H5''" H  N N 37  
DA  "H4'"  H  N N 38  
DA  "H3'"  H  N N 39  
DA  "HO3'" H  N N 40  
DA  "H2'"  H  N N 41  
DA  "H2''" H  N N 42  
DA  "H1'"  H  N N 43  
DA  H8     H  N N 44  
DA  H61    H  N N 45  
DA  H62    H  N N 46  
DA  H2     H  N N 47  
DC  OP3    O  N N 48  
DC  P      P  N N 49  
DC  OP1    O  N N 50  
DC  OP2    O  N N 51  
DC  "O5'"  O  N N 52  
DC  "C5'"  C  N N 53  
DC  "C4'"  C  N R 54  
DC  "O4'"  O  N N 55  
DC  "C3'"  C  N S 56  
DC  "O3'"  O  N N 57  
DC  "C2'"  C  N N 58  
DC  "C1'"  C  N R 59  
DC  N1     N  N N 60  
DC  C2     C  N N 61  
DC  O2     O  N N 62  
DC  N3     N  N N 63  
DC  C4     C  N N 64  
DC  N4     N  N N 65  
DC  C5     C  N N 66  
DC  C6     C  N N 67  
DC  HOP3   H  N N 68  
DC  HOP2   H  N N 69  
DC  "H5'"  H  N N 70  
DC  "H5''" H  N N 71  
DC  "H4'"  H  N N 72  
DC  "H3'"  H  N N 73  
DC  "HO3'" H  N N 74  
DC  "H2'"  H  N N 75  
DC  "H2''" H  N N 76  
DC  "H1'"  H  N N 77  
DC  H41    H  N N 78  
DC  H42    H  N N 79  
DC  H5     H  N N 80  
DC  H6     H  N N 81  
DG  OP3    O  N N 82  
DG  P      P  N N 83  
DG  OP1    O  N N 84  
DG  OP2    O  N N 85  
DG  "O5'"  O  N N 86  
DG  "C5'"  C  N N 87  
DG  "C4'"  C  N R 88  
DG  "O4'"  O  N N 89  
DG  "C3'"  C  N S 90  
DG  "O3'"  O  N N 91  
DG  "C2'"  C  N N 92  
DG  "C1'"  C  N R 93  
DG  N9     N  Y N 94  
DG  C8     C  Y N 95  
DG  N7     N  Y N 96  
DG  C5     C  Y N 97  
DG  C6     C  N N 98  
DG  O6     O  N N 99  
DG  N1     N  N N 100 
DG  C2     C  N N 101 
DG  N2     N  N N 102 
DG  N3     N  N N 103 
DG  C4     C  Y N 104 
DG  HOP3   H  N N 105 
DG  HOP2   H  N N 106 
DG  "H5'"  H  N N 107 
DG  "H5''" H  N N 108 
DG  "H4'"  H  N N 109 
DG  "H3'"  H  N N 110 
DG  "HO3'" H  N N 111 
DG  "H2'"  H  N N 112 
DG  "H2''" H  N N 113 
DG  "H1'"  H  N N 114 
DG  H8     H  N N 115 
DG  H1     H  N N 116 
DG  H21    H  N N 117 
DG  H22    H  N N 118 
DT  OP3    O  N N 119 
DT  P      P  N N 120 
DT  OP1    O  N N 121 
DT  OP2    O  N N 122 
DT  "O5'"  O  N N 123 
DT  "C5'"  C  N N 124 
DT  "C4'"  C  N R 125 
DT  "O4'"  O  N N 126 
DT  "C3'"  C  N S 127 
DT  "O3'"  O  N N 128 
DT  "C2'"  C  N N 129 
DT  "C1'"  C  N R 130 
DT  N1     N  N N 131 
DT  C2     C  N N 132 
DT  O2     O  N N 133 
DT  N3     N  N N 134 
DT  C4     C  N N 135 
DT  O4     O  N N 136 
DT  C5     C  N N 137 
DT  C7     C  N N 138 
DT  C6     C  N N 139 
DT  HOP3   H  N N 140 
DT  HOP2   H  N N 141 
DT  "H5'"  H  N N 142 
DT  "H5''" H  N N 143 
DT  "H4'"  H  N N 144 
DT  "H3'"  H  N N 145 
DT  "HO3'" H  N N 146 
DT  "H2'"  H  N N 147 
DT  "H2''" H  N N 148 
DT  "H1'"  H  N N 149 
DT  H3     H  N N 150 
DT  H71    H  N N 151 
DT  H72    H  N N 152 
DT  H73    H  N N 153 
DT  H6     H  N N 154 
# 
loop_
_chem_comp_bond.comp_id 
_chem_comp_bond.atom_id_1 
_chem_comp_bond.atom_id_2 
_chem_comp_bond.value_order 
_chem_comp_bond.pdbx_aromatic_flag 
_chem_comp_bond.pdbx_stereo_config 
_chem_comp_bond.pdbx_ordinal 
CAC AS    O1     doub N N 1   
CAC AS    O2     sing N N 2   
CAC AS    C1     sing N N 3   
CAC AS    C2     sing N N 4   
CAC C1    H11    sing N N 5   
CAC C1    H12    sing N N 6   
CAC C1    H13    sing N N 7   
CAC C2    H21    sing N N 8   
CAC C2    H22    sing N N 9   
CAC C2    H23    sing N N 10  
DA  OP3   P      sing N N 11  
DA  OP3   HOP3   sing N N 12  
DA  P     OP1    doub N N 13  
DA  P     OP2    sing N N 14  
DA  P     "O5'"  sing N N 15  
DA  OP2   HOP2   sing N N 16  
DA  "O5'" "C5'"  sing N N 17  
DA  "C5'" "C4'"  sing N N 18  
DA  "C5'" "H5'"  sing N N 19  
DA  "C5'" "H5''" sing N N 20  
DA  "C4'" "O4'"  sing N N 21  
DA  "C4'" "C3'"  sing N N 22  
DA  "C4'" "H4'"  sing N N 23  
DA  "O4'" "C1'"  sing N N 24  
DA  "C3'" "O3'"  sing N N 25  
DA  "C3'" "C2'"  sing N N 26  
DA  "C3'" "H3'"  sing N N 27  
DA  "O3'" "HO3'" sing N N 28  
DA  "C2'" "C1'"  sing N N 29  
DA  "C2'" "H2'"  sing N N 30  
DA  "C2'" "H2''" sing N N 31  
DA  "C1'" N9     sing N N 32  
DA  "C1'" "H1'"  sing N N 33  
DA  N9    C8     sing Y N 34  
DA  N9    C4     sing Y N 35  
DA  C8    N7     doub Y N 36  
DA  C8    H8     sing N N 37  
DA  N7    C5     sing Y N 38  
DA  C5    C6     sing Y N 39  
DA  C5    C4     doub Y N 40  
DA  C6    N6     sing N N 41  
DA  C6    N1     doub Y N 42  
DA  N6    H61    sing N N 43  
DA  N6    H62    sing N N 44  
DA  N1    C2     sing Y N 45  
DA  C2    N3     doub Y N 46  
DA  C2    H2     sing N N 47  
DA  N3    C4     sing Y N 48  
DC  OP3   P      sing N N 49  
DC  OP3   HOP3   sing N N 50  
DC  P     OP1    doub N N 51  
DC  P     OP2    sing N N 52  
DC  P     "O5'"  sing N N 53  
DC  OP2   HOP2   sing N N 54  
DC  "O5'" "C5'"  sing N N 55  
DC  "C5'" "C4'"  sing N N 56  
DC  "C5'" "H5'"  sing N N 57  
DC  "C5'" "H5''" sing N N 58  
DC  "C4'" "O4'"  sing N N 59  
DC  "C4'" "C3'"  sing N N 60  
DC  "C4'" "H4'"  sing N N 61  
DC  "O4'" "C1'"  sing N N 62  
DC  "C3'" "O3'"  sing N N 63  
DC  "C3'" "C2'"  sing N N 64  
DC  "C3'" "H3'"  sing N N 65  
DC  "O3'" "HO3'" sing N N 66  
DC  "C2'" "C1'"  sing N N 67  
DC  "C2'" "H2'"  sing N N 68  
DC  "C2'" "H2''" sing N N 69  
DC  "C1'" N1     sing N N 70  
DC  "C1'" "H1'"  sing N N 71  
DC  N1    C2     sing N N 72  
DC  N1    C6     sing N N 73  
DC  C2    O2     doub N N 74  
DC  C2    N3     sing N N 75  
DC  N3    C4     doub N N 76  
DC  C4    N4     sing N N 77  
DC  C4    C5     sing N N 78  
DC  N4    H41    sing N N 79  
DC  N4    H42    sing N N 80  
DC  C5    C6     doub N N 81  
DC  C5    H5     sing N N 82  
DC  C6    H6     sing N N 83  
DG  OP3   P      sing N N 84  
DG  OP3   HOP3   sing N N 85  
DG  P     OP1    doub N N 86  
DG  P     OP2    sing N N 87  
DG  P     "O5'"  sing N N 88  
DG  OP2   HOP2   sing N N 89  
DG  "O5'" "C5'"  sing N N 90  
DG  "C5'" "C4'"  sing N N 91  
DG  "C5'" "H5'"  sing N N 92  
DG  "C5'" "H5''" sing N N 93  
DG  "C4'" "O4'"  sing N N 94  
DG  "C4'" "C3'"  sing N N 95  
DG  "C4'" "H4'"  sing N N 96  
DG  "O4'" "C1'"  sing N N 97  
DG  "C3'" "O3'"  sing N N 98  
DG  "C3'" "C2'"  sing N N 99  
DG  "C3'" "H3'"  sing N N 100 
DG  "O3'" "HO3'" sing N N 101 
DG  "C2'" "C1'"  sing N N 102 
DG  "C2'" "H2'"  sing N N 103 
DG  "C2'" "H2''" sing N N 104 
DG  "C1'" N9     sing N N 105 
DG  "C1'" "H1'"  sing N N 106 
DG  N9    C8     sing Y N 107 
DG  N9    C4     sing Y N 108 
DG  C8    N7     doub Y N 109 
DG  C8    H8     sing N N 110 
DG  N7    C5     sing Y N 111 
DG  C5    C6     sing N N 112 
DG  C5    C4     doub Y N 113 
DG  C6    O6     doub N N 114 
DG  C6    N1     sing N N 115 
DG  N1    C2     sing N N 116 
DG  N1    H1     sing N N 117 
DG  C2    N2     sing N N 118 
DG  C2    N3     doub N N 119 
DG  N2    H21    sing N N 120 
DG  N2    H22    sing N N 121 
DG  N3    C4     sing N N 122 
DT  OP3   P      sing N N 123 
DT  OP3   HOP3   sing N N 124 
DT  P     OP1    doub N N 125 
DT  P     OP2    sing N N 126 
DT  P     "O5'"  sing N N 127 
DT  OP2   HOP2   sing N N 128 
DT  "O5'" "C5'"  sing N N 129 
DT  "C5'" "C4'"  sing N N 130 
DT  "C5'" "H5'"  sing N N 131 
DT  "C5'" "H5''" sing N N 132 
DT  "C4'" "O4'"  sing N N 133 
DT  "C4'" "C3'"  sing N N 134 
DT  "C4'" "H4'"  sing N N 135 
DT  "O4'" "C1'"  sing N N 136 
DT  "C3'" "O3'"  sing N N 137 
DT  "C3'" "C2'"  sing N N 138 
DT  "C3'" "H3'"  sing N N 139 
DT  "O3'" "HO3'" sing N N 140 
DT  "C2'" "C1'"  sing N N 141 
DT  "C2'" "H2'"  sing N N 142 
DT  "C2'" "H2''" sing N N 143 
DT  "C1'" N1     sing N N 144 
DT  "C1'" "H1'"  sing N N 145 
DT  N1    C2     sing N N 146 
DT  N1    C6     sing N N 147 
DT  C2    O2     doub N N 148 
DT  C2    N3     sing N N 149 
DT  N3    C4     sing N N 150 
DT  N3    H3     sing N N 151 
DT  C4    O4     doub N N 152 
DT  C4    C5     sing N N 153 
DT  C5    C7     sing N N 154 
DT  C5    C6     doub N N 155 
DT  C7    H71    sing N N 156 
DT  C7    H72    sing N N 157 
DT  C7    H73    sing N N 158 
DT  C6    H6     sing N N 159 
# 
loop_
_ndb_struct_conf_na.entry_id 
_ndb_struct_conf_na.feature 
6XDZ 'double helix'        
6XDZ 'a-form double helix' 
6XDZ 'b-form double helix' 
# 
loop_
_ndb_struct_na_base_pair.model_number 
_ndb_struct_na_base_pair.i_label_asym_id 
_ndb_struct_na_base_pair.i_label_comp_id 
_ndb_struct_na_base_pair.i_label_seq_id 
_ndb_struct_na_base_pair.i_symmetry 
_ndb_struct_na_base_pair.j_label_asym_id 
_ndb_struct_na_base_pair.j_label_comp_id 
_ndb_struct_na_base_pair.j_label_seq_id 
_ndb_struct_na_base_pair.j_symmetry 
_ndb_struct_na_base_pair.shear 
_ndb_struct_na_base_pair.stretch 
_ndb_struct_na_base_pair.stagger 
_ndb_struct_na_base_pair.buckle 
_ndb_struct_na_base_pair.propeller 
_ndb_struct_na_base_pair.opening 
_ndb_struct_na_base_pair.pair_number 
_ndb_struct_na_base_pair.pair_name 
_ndb_struct_na_base_pair.i_auth_asym_id 
_ndb_struct_na_base_pair.i_auth_seq_id 
_ndb_struct_na_base_pair.i_PDB_ins_code 
_ndb_struct_na_base_pair.j_auth_asym_id 
_ndb_struct_na_base_pair.j_auth_seq_id 
_ndb_struct_na_base_pair.j_PDB_ins_code 
_ndb_struct_na_base_pair.hbond_type_28 
_ndb_struct_na_base_pair.hbond_type_12 
1 A DG 3  1_555 D DC 16 1_555 1.230  0.303  0.066  -4.020 -13.822 -7.657  1  A_DG3:DC16_D A 3  ? D 16 ? 19 1 
1 A DC 4  1_555 D DG 15 1_555 -0.346 0.147  0.308  -7.221 -9.377  -8.574  2  A_DC4:DG15_D A 4  ? D 15 ? 19 1 
1 A DA 5  1_555 D DT 14 1_555 1.679  0.722  0.317  -3.251 -5.870  -15.490 3  A_DA5:DT14_D A 5  ? D 14 ? ?  ? 
1 A DG 6  1_555 D DC 13 1_555 0.739  0.109  0.184  2.290  -5.023  -5.812  4  A_DG6:DC13_D A 6  ? D 13 ? 19 1 
1 A DA 7  1_555 D DT 12 1_555 0.846  0.491  -0.222 1.227  -8.386  -21.031 5  A_DA7:DT12_D A 7  ? D 12 ? 20 1 
1 A DC 8  1_555 D DG 11 1_555 -0.471 -0.170 0.226  3.545  -12.724 3.874   6  A_DC8:DG11_D A 8  ? D 11 ? 19 1 
1 A DC 9  1_555 D DG 10 1_555 -1.295 0.026  0.255  -2.130 -14.591 -1.901  7  A_DC9:DG10_D A 9  ? D 10 ? 19 1 
1 A DA 10 1_555 C DT 2  1_555 -0.275 0.387  0.226  0.146  -8.953  7.316   8  A_DA10:DT2_C A 10 ? C 2  ? 20 1 
1 A DG 11 1_555 C DC 1  1_555 0.046  0.089  0.190  1.804  -12.339 2.856   9  A_DG11:DC1_C A 11 ? C 1  ? 19 1 
1 B DA 1  1_555 C DT 5  1_555 0.953  -0.325 -0.292 1.658  -12.084 -6.604  10 B_DA12:DT5_C B 12 ? C 5  ? 20 1 
1 B DC 2  1_555 C DG 4  1_555 0.410  -0.199 0.233  3.324  -9.161  -0.712  11 B_DC13:DG4_C B 13 ? C 4  ? 19 1 
1 B DA 3  1_555 C DT 3  1_555 0.301  0.014  0.268  3.977  -9.780  -15.213 12 B_DA14:DT3_C B 14 ? C 3  ? 20 1 
1 B DC 4  1_555 D DG 9  1_555 0.079  0.260  -0.319 3.891  -7.544  5.275   13 B_DC15:DG9_D B 15 ? D 9  ? 19 1 
1 B DC 5  1_555 D DG 8  1_555 -0.508 0.118  0.196  12.205 -15.332 -6.375  14 B_DC16:DG8_D B 16 ? D 8  ? 19 1 
1 B DA 6  1_555 D DT 7  1_555 1.382  0.245  0.414  12.705 -11.950 -9.766  15 B_DA17:DT7_D B 17 ? D 7  ? 20 1 
1 B DC 7  1_555 D DG 6  1_555 -0.826 0.113  -0.399 16.502 -9.634  0.192   16 B_DC18:DG6_D B 18 ? D 6  ? 19 1 
1 B DT 8  1_555 D DA 5  1_555 -0.881 0.747  -1.290 16.377 -13.554 -13.372 17 B_DT19:DA5_D B 19 ? D 5  ? ?  ? 
1 B DC 9  1_555 D DG 4  1_555 0.057  0.410  -0.667 13.113 -16.501 5.546   18 B_DC20:DG4_D B 20 ? D 4  ? 19 1 
# 
loop_
_ndb_struct_na_base_pair_step.model_number 
_ndb_struct_na_base_pair_step.i_label_asym_id_1 
_ndb_struct_na_base_pair_step.i_label_comp_id_1 
_ndb_struct_na_base_pair_step.i_label_seq_id_1 
_ndb_struct_na_base_pair_step.i_symmetry_1 
_ndb_struct_na_base_pair_step.j_label_asym_id_1 
_ndb_struct_na_base_pair_step.j_label_comp_id_1 
_ndb_struct_na_base_pair_step.j_label_seq_id_1 
_ndb_struct_na_base_pair_step.j_symmetry_1 
_ndb_struct_na_base_pair_step.i_label_asym_id_2 
_ndb_struct_na_base_pair_step.i_label_comp_id_2 
_ndb_struct_na_base_pair_step.i_label_seq_id_2 
_ndb_struct_na_base_pair_step.i_symmetry_2 
_ndb_struct_na_base_pair_step.j_label_asym_id_2 
_ndb_struct_na_base_pair_step.j_label_comp_id_2 
_ndb_struct_na_base_pair_step.j_label_seq_id_2 
_ndb_struct_na_base_pair_step.j_symmetry_2 
_ndb_struct_na_base_pair_step.shift 
_ndb_struct_na_base_pair_step.slide 
_ndb_struct_na_base_pair_step.rise 
_ndb_struct_na_base_pair_step.tilt 
_ndb_struct_na_base_pair_step.roll 
_ndb_struct_na_base_pair_step.twist 
_ndb_struct_na_base_pair_step.x_displacement 
_ndb_struct_na_base_pair_step.y_displacement 
_ndb_struct_na_base_pair_step.helical_rise 
_ndb_struct_na_base_pair_step.inclination 
_ndb_struct_na_base_pair_step.tip 
_ndb_struct_na_base_pair_step.helical_twist 
_ndb_struct_na_base_pair_step.step_number 
_ndb_struct_na_base_pair_step.step_name 
_ndb_struct_na_base_pair_step.i_auth_asym_id_1 
_ndb_struct_na_base_pair_step.i_auth_seq_id_1 
_ndb_struct_na_base_pair_step.i_PDB_ins_code_1 
_ndb_struct_na_base_pair_step.j_auth_asym_id_1 
_ndb_struct_na_base_pair_step.j_auth_seq_id_1 
_ndb_struct_na_base_pair_step.j_PDB_ins_code_1 
_ndb_struct_na_base_pair_step.i_auth_asym_id_2 
_ndb_struct_na_base_pair_step.i_auth_seq_id_2 
_ndb_struct_na_base_pair_step.i_PDB_ins_code_2 
_ndb_struct_na_base_pair_step.j_auth_asym_id_2 
_ndb_struct_na_base_pair_step.j_auth_seq_id_2 
_ndb_struct_na_base_pair_step.j_PDB_ins_code_2 
1 A DG 3  1_555 D DC 16 1_555 A DC 4  1_555 D DG 15 1_555 -0.090 -0.802 3.268 0.154  0.907  28.681 -1.822 0.217  3.241 1.830  
-0.311  28.695 1  AA_DG3DC4:DG15DC16_DD A 3  ? D 16 ? A 4  ? D 15 ? 
1 A DC 4  1_555 D DG 15 1_555 A DA 5  1_555 D DT 14 1_555 -0.438 -0.110 3.370 -0.070 2.285  42.004 -0.397 0.603  3.360 3.185  
0.097   42.064 2  AA_DC4DA5:DT14DG15_DD A 4  ? D 15 ? A 5  ? D 14 ? 
1 A DA 5  1_555 D DT 14 1_555 A DG 6  1_555 D DC 13 1_555 0.193  -0.415 3.165 -1.210 2.613  31.553 -1.223 -0.568 3.112 4.793  
2.219   31.681 3  AA_DA5DG6:DC13DT14_DD A 5  ? D 14 ? A 6  ? D 13 ? 
1 A DG 6  1_555 D DC 13 1_555 A DA 7  1_555 D DT 12 1_555 -0.900 -1.462 3.309 0.502  1.203  30.562 -3.009 1.806  3.236 2.282  
-0.951  30.589 4  AA_DG6DA7:DT12DC13_DD A 6  ? D 13 ? A 7  ? D 12 ? 
1 A DA 7  1_555 D DT 12 1_555 A DC 8  1_555 D DG 11 1_555 1.811  -0.968 3.298 -3.428 0.541  27.792 -2.125 -4.530 3.038 1.121  
7.102   28.003 5  AA_DA7DC8:DG11DT12_DD A 7  ? D 12 ? A 8  ? D 11 ? 
1 A DC 8  1_555 D DG 11 1_555 A DC 9  1_555 D DG 10 1_555 -0.208 -1.404 3.436 -3.586 -0.552 29.670 -2.601 -0.384 3.462 -1.073 
6.971   29.886 6  AA_DC8DC9:DG10DG11_DD A 8  ? D 11 ? A 9  ? D 10 ? 
1 A DC 9  1_555 D DG 10 1_555 A DA 10 1_555 C DT 2  1_555 -0.510 -0.962 3.103 0.364  4.091  34.687 -2.179 0.901  2.968 6.832  
-0.608  34.922 7  AA_DC9DA10:DT2DG10_CD A 9  ? D 10 ? A 10 ? C 2  ? 
1 A DA 10 1_555 C DT 2  1_555 A DG 11 1_555 C DC 1  1_555 -0.498 0.482  3.469 -1.215 2.669  32.015 0.360  0.666  3.512 4.827  
2.198   32.146 8  AA_DA10DG11:DC1DT2_CC A 10 ? C 2  ? A 11 ? C 1  ? 
1 B DA 1  1_555 C DT 5  1_555 B DC 2  1_555 C DG 4  1_555 1.447  -1.120 3.222 -5.075 -3.353 34.736 -1.367 -3.120 3.078 -5.563 
8.420   35.248 9  BB_DA12DC13:DG4DT5_CC B 12 ? C 5  ? B 13 ? C 4  ? 
1 B DC 2  1_555 C DG 4  1_555 B DA 3  1_555 C DT 3  1_555 -1.022 -0.835 3.098 1.738  5.762  36.802 -2.010 1.812  2.889 9.053  
-2.730  37.274 10 BB_DC13DA14:DT3DG4_CC B 13 ? C 4  ? B 14 ? C 3  ? 
1 B DA 3  1_555 C DT 3  1_555 B DC 4  1_555 D DG 9  1_555 -0.016 -1.242 3.191 4.888  0.759  25.867 -2.925 1.306  3.098 1.677  
-10.794 26.327 11 BB_DA14DC15:DG9DT3_DC B 14 ? C 3  ? B 15 ? D 9  ? 
1 B DC 4  1_555 D DG 9  1_555 B DC 5  1_555 D DG 8  1_555 -0.510 0.635  3.197 -0.171 6.057  29.444 -0.015 0.949  3.263 11.760 
0.333   30.047 12 BB_DC15DC16:DG8DG9_DD B 15 ? D 9  ? B 16 ? D 8  ? 
1 B DC 5  1_555 D DG 8  1_555 B DA 6  1_555 D DT 7  1_555 0.176  1.329  3.401 0.365  -3.573 54.014 1.686  -0.170 3.315 -3.929 
-0.401  54.124 13 BB_DC16DA17:DT7DG8_DD B 16 ? D 8  ? B 17 ? D 7  ? 
1 B DA 6  1_555 D DT 7  1_555 B DC 7  1_555 D DG 6  1_555 1.008  -0.888 3.108 4.433  2.133  20.512 -3.292 -0.952 3.145 5.882  
-12.223 21.087 14 BB_DA17DC18:DG6DT7_DD B 17 ? D 7  ? B 18 ? D 6  ? 
1 B DC 7  1_555 D DG 6  1_555 B DT 8  1_555 D DA 5  1_555 -0.739 -0.369 3.374 5.632  4.339  35.119 -1.229 2.018  3.155 7.101  
-9.217  35.809 15 BB_DC18DT19:DA5DG6_DD B 18 ? D 6  ? B 19 ? D 5  ? 
1 B DT 8  1_555 D DA 5  1_555 B DC 9  1_555 D DG 4  1_555 1.917  0.837  3.422 4.781  4.480  37.461 0.660  -2.276 3.702 6.910  
-7.375  38.009 16 BB_DT19DC20:DG4DA5_DD B 19 ? D 5  ? B 20 ? D 4  ? 
# 
loop_
_pdbx_audit_support.funding_organization 
_pdbx_audit_support.country 
_pdbx_audit_support.grant_number 
_pdbx_audit_support.ordinal 
'National Science Foundation (NSF, United States)'                                         'United States' 1360635     1 
'National Institutes of Health/National Institute of General Medical Sciences (NIH/NIGMS)' 'United States' R01GM104960 2 
'National Science Foundation (NSF, United States)'                                         'United States' NSF2004250  3 
# 
_pdbx_entity_nonpoly.entity_id   5 
_pdbx_entity_nonpoly.name        'CACODYLATE ION' 
_pdbx_entity_nonpoly.comp_id     CAC 
# 
_pdbx_initial_refinement_model.id               1 
_pdbx_initial_refinement_model.entity_id_list   ? 
_pdbx_initial_refinement_model.type             'experimental model' 
_pdbx_initial_refinement_model.source_name      PDB 
_pdbx_initial_refinement_model.accession_code   6X8C 
_pdbx_initial_refinement_model.details          ? 
# 
_pdbx_struct_assembly_auth_evidence.id                     1 
_pdbx_struct_assembly_auth_evidence.assembly_id            1 
_pdbx_struct_assembly_auth_evidence.experimental_support   none 
_pdbx_struct_assembly_auth_evidence.details                ? 
# 
